data_6JTK
#
_entry.id   6JTK
#
_cell.length_a   102.053
_cell.length_b   124.745
_cell.length_c   190.505
_cell.angle_alpha   90.00
_cell.angle_beta   90.00
_cell.angle_gamma   90.00
#
_symmetry.space_group_name_H-M   'P 21 21 21'
#
loop_
_entity.id
_entity.type
_entity.pdbx_description
1 polymer Beta-hexosaminidase
2 non-polymer 2,2,2-tris(fluoranyl)-N-[(2R,3R,4R,5S,6R)-6-(hydroxymethyl)-2,4,5-tris(oxidanyl)oxan-3-yl]ethanamide
3 water water
#
_entity_poly.entity_id   1
_entity_poly.type   'polypeptide(L)'
_entity_poly.pdbx_seq_one_letter_code
;MGSSHHHHHHSSGLVPRGSHMASMTGGQQMGRGSEFMTVPHIPRGPVMADIAAFRLTEEEKQRLLDPAIGGIILFRRNFQ
NIEQLKTLTAEIKALRTPELIIAVDHEGGRVQRFIEGFTRLPAMNVLGQIWDKDGASAAETAAGQVGRVLATELSACGID
LSFTPVLDLDWGNCAVIGNRSFHRNPEAVARLALALQKGLAKGGMKSCGKHFPGHGFVEGDSHLVLPEDGRSLDELEAAD
LAPFRIMSREGMAAVMPAHVVYPQVDTKPAGFSEIWLKQILRRDIGFKGVIFSDDLTMEGACGAGGIKERARISFEAGCD
IVLVCNRPDLVDELRDGFTIPDNQDLAGRWQYMENSLGHEAVQAVMQTMGFQAAQAFVAGLASPQDTAGGVKVGEAF
;
_entity_poly.pdbx_strand_id   A,B,C,D,E,F
#
# COMPACT_ATOMS: atom_id res chain seq x y z
N VAL A 39 29.33 39.00 7.03
CA VAL A 39 27.90 38.60 6.80
C VAL A 39 27.80 37.11 6.44
N PRO A 40 27.37 36.26 7.39
CA PRO A 40 27.41 34.81 7.16
C PRO A 40 26.58 34.33 5.96
N HIS A 41 27.13 33.37 5.23
CA HIS A 41 26.42 32.75 4.11
C HIS A 41 25.85 31.42 4.58
N ILE A 42 24.53 31.37 4.74
CA ILE A 42 23.81 30.19 5.23
C ILE A 42 22.59 29.94 4.33
N PRO A 43 22.38 28.68 3.90
CA PRO A 43 21.18 28.47 3.09
C PRO A 43 19.91 28.82 3.88
N ARG A 44 18.88 29.25 3.17
CA ARG A 44 17.60 29.55 3.80
C ARG A 44 17.05 28.25 4.31
N GLY A 45 16.77 28.19 5.61
CA GLY A 45 16.17 27.01 6.21
C GLY A 45 14.69 26.86 5.90
N PRO A 46 14.09 25.74 6.35
CA PRO A 46 12.72 25.50 6.01
C PRO A 46 11.68 26.06 7.01
N VAL A 47 12.06 26.97 7.89
CA VAL A 47 11.13 27.52 8.87
C VAL A 47 10.93 28.99 8.58
N MET A 48 9.68 29.41 8.55
CA MET A 48 9.35 30.80 8.47
C MET A 48 8.84 31.24 9.84
N ALA A 49 9.50 32.22 10.41
CA ALA A 49 9.21 32.64 11.77
C ALA A 49 8.71 34.06 11.72
N ASP A 50 8.67 34.74 12.87
CA ASP A 50 8.20 36.12 12.91
C ASP A 50 8.90 36.87 14.03
N ILE A 51 8.46 38.11 14.27
CA ILE A 51 9.13 38.99 15.22
C ILE A 51 8.12 39.80 15.99
N ALA A 52 8.55 40.30 17.15
CA ALA A 52 7.64 40.84 18.16
C ALA A 52 7.12 42.22 17.86
N ALA A 53 7.98 43.14 17.41
CA ALA A 53 7.61 44.55 17.36
C ALA A 53 8.25 45.30 16.18
N PHE A 54 8.66 46.56 16.38
CA PHE A 54 9.03 47.43 15.28
C PHE A 54 10.49 47.31 14.82
N ARG A 55 11.36 46.85 15.71
CA ARG A 55 12.80 46.71 15.44
C ARG A 55 13.28 45.40 16.04
N LEU A 56 14.28 44.80 15.43
CA LEU A 56 14.80 43.53 15.94
C LEU A 56 15.45 43.74 17.31
N THR A 57 15.20 42.81 18.22
CA THR A 57 15.95 42.73 19.46
C THR A 57 17.16 41.87 19.19
N GLU A 58 18.09 41.87 20.12
CA GLU A 58 19.31 41.10 20.01
C GLU A 58 18.98 39.61 20.01
N GLU A 59 18.08 39.20 20.88
CA GLU A 59 17.58 37.83 20.92
C GLU A 59 16.96 37.38 19.56
N GLU A 60 16.20 38.28 18.93
CA GLU A 60 15.62 37.98 17.62
C GLU A 60 16.72 37.82 16.55
N LYS A 61 17.72 38.70 16.59
CA LYS A 61 18.85 38.59 15.65
C LYS A 61 19.49 37.22 15.74
N GLN A 62 19.71 36.73 16.96
CA GLN A 62 20.32 35.42 17.16
C GLN A 62 19.41 34.31 16.67
N ARG A 63 18.11 34.41 16.97
CA ARG A 63 17.14 33.44 16.46
C ARG A 63 17.14 33.41 14.94
N LEU A 64 17.12 34.57 14.30
CA LEU A 64 17.06 34.64 12.83
C LEU A 64 18.33 34.15 12.13
N LEU A 65 19.42 33.97 12.89
CA LEU A 65 20.67 33.45 12.31
C LEU A 65 20.70 31.94 12.32
N ASP A 66 19.73 31.32 12.97
CA ASP A 66 19.67 29.89 13.04
C ASP A 66 19.48 29.33 11.64
N PRO A 67 20.25 28.29 11.28
CA PRO A 67 20.09 27.72 9.94
C PRO A 67 18.71 27.11 9.65
N ALA A 68 17.92 26.83 10.68
CA ALA A 68 16.57 26.29 10.47
C ALA A 68 15.64 27.32 9.81
N ILE A 69 15.97 28.59 9.96
CA ILE A 69 15.13 29.66 9.51
C ILE A 69 15.52 30.10 8.11
N GLY A 70 14.49 30.30 7.27
CA GLY A 70 14.66 30.82 5.91
C GLY A 70 13.86 32.07 5.57
N GLY A 71 12.90 32.44 6.42
CA GLY A 71 12.08 33.60 6.16
C GLY A 71 11.29 34.09 7.34
N ILE A 72 10.61 35.22 7.13
CA ILE A 72 9.88 35.92 8.17
C ILE A 72 8.55 36.41 7.63
N ILE A 73 7.50 36.27 8.43
CA ILE A 73 6.22 36.85 8.12
C ILE A 73 5.98 38.02 9.10
N LEU A 74 5.55 39.15 8.56
CA LEU A 74 5.25 40.34 9.33
C LEU A 74 3.75 40.52 9.54
N PHE A 75 3.41 41.23 10.62
CA PHE A 75 2.04 41.46 11.06
C PHE A 75 1.89 42.94 11.43
N ARG A 76 0.68 43.37 11.75
CA ARG A 76 0.42 44.78 12.04
C ARG A 76 1.25 45.30 13.21
N ARG A 77 1.52 44.44 14.17
CA ARG A 77 2.34 44.79 15.33
C ARG A 77 3.78 45.14 14.97
N ASN A 78 4.19 44.81 13.75
CA ASN A 78 5.52 45.13 13.27
C ASN A 78 5.55 46.44 12.47
N PHE A 79 4.44 47.16 12.43
CA PHE A 79 4.35 48.32 11.57
C PHE A 79 3.97 49.58 12.31
N GLN A 80 4.82 50.60 12.14
CA GLN A 80 4.65 51.91 12.75
C GLN A 80 4.42 52.89 11.61
N ASN A 81 5.35 52.90 10.64
CA ASN A 81 5.22 53.69 9.44
C ASN A 81 6.19 53.14 8.40
N ILE A 82 6.11 53.67 7.19
CA ILE A 82 6.91 53.21 6.07
C ILE A 82 8.43 53.27 6.30
N GLU A 83 8.91 54.33 6.93
CA GLU A 83 10.35 54.46 7.15
C GLU A 83 10.87 53.47 8.19
N GLN A 84 10.13 53.32 9.29
CA GLN A 84 10.44 52.26 10.25
C GLN A 84 10.40 50.90 9.57
N LEU A 85 9.39 50.64 8.74
CA LEU A 85 9.29 49.33 8.08
C LEU A 85 10.52 49.07 7.20
N LYS A 86 10.95 50.08 6.45
CA LYS A 86 12.13 49.96 5.60
C LYS A 86 13.37 49.61 6.43
N THR A 87 13.50 50.26 7.58
CA THR A 87 14.61 50.01 8.49
C THR A 87 14.56 48.57 9.00
N LEU A 88 13.36 48.12 9.35
CA LEU A 88 13.17 46.74 9.85
C LEU A 88 13.52 45.71 8.79
N THR A 89 13.01 45.89 7.57
CA THR A 89 13.30 44.90 6.53
C THR A 89 14.77 44.90 6.18
N ALA A 90 15.39 46.07 6.15
CA ALA A 90 16.83 46.15 5.88
C ALA A 90 17.64 45.37 6.92
N GLU A 91 17.33 45.56 8.20
CA GLU A 91 18.13 44.86 9.25
C GLU A 91 17.88 43.36 9.23
N ILE A 92 16.68 42.94 8.88
CA ILE A 92 16.42 41.52 8.69
C ILE A 92 17.29 40.97 7.55
N LYS A 93 17.30 41.69 6.45
CA LYS A 93 18.02 41.24 5.24
C LYS A 93 19.54 41.25 5.46
N ALA A 94 20.02 42.18 6.28
CA ALA A 94 21.45 42.31 6.56
C ALA A 94 22.05 41.14 7.37
N LEU A 95 21.22 40.36 8.05
CA LEU A 95 21.74 39.32 8.95
C LEU A 95 22.50 38.22 8.23
N ARG A 96 22.09 37.88 7.02
CA ARG A 96 22.63 36.73 6.34
C ARG A 96 22.33 36.76 4.87
N THR A 97 22.98 35.86 4.15
CA THR A 97 22.80 35.69 2.71
C THR A 97 22.69 34.19 2.45
N PRO A 98 21.83 33.76 1.52
CA PRO A 98 20.81 34.55 0.83
C PRO A 98 19.89 35.21 1.85
N GLU A 99 19.42 36.40 1.53
CA GLU A 99 18.66 37.21 2.46
C GLU A 99 17.34 36.51 2.79
N LEU A 100 16.95 36.62 4.06
CA LEU A 100 15.71 36.01 4.54
C LEU A 100 14.54 36.57 3.74
N ILE A 101 13.68 35.69 3.27
CA ILE A 101 12.48 36.08 2.51
C ILE A 101 11.46 36.66 3.48
N ILE A 102 10.90 37.81 3.13
CA ILE A 102 9.96 38.51 4.02
C ILE A 102 8.58 38.57 3.37
N ALA A 103 7.57 38.10 4.09
CA ALA A 103 6.20 38.05 3.60
C ALA A 103 5.22 38.73 4.54
N VAL A 104 4.02 38.97 4.05
CA VAL A 104 2.97 39.64 4.78
C VAL A 104 1.65 39.25 4.16
N ASP A 105 0.58 39.28 4.98
CA ASP A 105 -0.78 39.07 4.46
C ASP A 105 -1.39 40.40 4.03
N HIS A 106 -1.19 40.77 2.77
CA HIS A 106 -1.96 41.87 2.17
C HIS A 106 -2.87 41.28 1.15
N GLU A 107 -4.10 41.00 1.57
CA GLU A 107 -5.12 40.49 0.68
C GLU A 107 -5.97 41.65 0.22
N GLY A 108 -6.44 42.45 1.17
CA GLY A 108 -7.35 43.56 0.92
C GLY A 108 -8.48 43.53 1.91
N GLY A 109 -9.14 44.68 2.07
CA GLY A 109 -10.28 44.80 2.99
C GLY A 109 -9.87 44.62 4.43
N ARG A 110 -10.50 43.66 5.10
CA ARG A 110 -10.19 43.41 6.49
C ARG A 110 -8.92 42.57 6.71
N VAL A 111 -8.20 42.22 5.64
CA VAL A 111 -6.88 41.58 5.75
C VAL A 111 -5.87 42.47 5.03
N GLN A 112 -5.41 43.48 5.74
CA GLN A 112 -4.31 44.32 5.28
C GLN A 112 -3.57 44.81 6.52
N ARG A 113 -2.39 44.27 6.74
CA ARG A 113 -1.64 44.54 7.96
C ARG A 113 -1.19 46.01 8.08
N PHE A 114 -0.68 46.58 6.99
CA PHE A 114 -0.07 47.89 7.02
C PHE A 114 -1.01 48.90 6.39
N ILE A 115 -1.49 49.85 7.19
CA ILE A 115 -2.51 50.78 6.73
C ILE A 115 -1.94 52.17 6.40
N GLU A 116 -1.38 52.84 7.41
CA GLU A 116 -0.91 54.23 7.25
C GLU A 116 0.21 54.35 6.20
N GLY A 117 0.01 55.21 5.22
CA GLY A 117 0.98 55.43 4.16
C GLY A 117 0.83 54.46 3.00
N PHE A 118 -0.12 53.52 3.09
CA PHE A 118 -0.41 52.59 2.00
C PHE A 118 -1.75 52.96 1.42
N THR A 119 -1.94 52.65 0.15
CA THR A 119 -3.26 52.71 -0.43
C THR A 119 -4.14 51.68 0.29
N ARG A 120 -5.34 52.07 0.69
CA ARG A 120 -6.28 51.14 1.32
C ARG A 120 -6.83 50.23 0.24
N LEU A 121 -6.71 48.91 0.45
CA LEU A 121 -7.07 47.94 -0.57
C LEU A 121 -8.48 47.43 -0.36
N PRO A 122 -9.20 47.20 -1.43
CA PRO A 122 -10.55 46.68 -1.28
C PRO A 122 -10.52 45.19 -0.99
N ALA A 123 -11.57 44.68 -0.35
CA ALA A 123 -11.74 43.24 -0.19
C ALA A 123 -11.83 42.60 -1.56
N MET A 124 -11.34 41.38 -1.69
CA MET A 124 -11.38 40.70 -2.98
C MET A 124 -12.79 40.49 -3.52
N ASN A 125 -13.79 40.34 -2.64
CA ASN A 125 -15.13 40.17 -3.17
C ASN A 125 -15.66 41.42 -3.89
N VAL A 126 -15.06 42.58 -3.65
CA VAL A 126 -15.38 43.80 -4.40
C VAL A 126 -15.10 43.59 -5.87
N LEU A 127 -14.03 42.86 -6.18
CA LEU A 127 -13.70 42.59 -7.56
C LEU A 127 -14.74 41.67 -8.19
N GLY A 128 -15.23 40.72 -7.42
CA GLY A 128 -16.27 39.82 -7.87
C GLY A 128 -17.60 40.54 -8.08
N GLN A 129 -17.84 41.58 -7.29
CA GLN A 129 -19.02 42.42 -7.49
C GLN A 129 -18.94 43.24 -8.76
N ILE A 130 -17.76 43.74 -9.08
CA ILE A 130 -17.54 44.38 -10.38
C ILE A 130 -17.82 43.38 -11.52
N TRP A 131 -17.34 42.15 -11.38
CA TRP A 131 -17.57 41.11 -12.37
C TRP A 131 -19.08 40.98 -12.65
N ASP A 132 -19.87 40.89 -11.58
CA ASP A 132 -21.30 40.70 -11.69
C ASP A 132 -22.01 41.92 -12.29
N LYS A 133 -21.53 43.12 -11.96
CA LYS A 133 -22.21 44.34 -12.34
C LYS A 133 -21.73 44.90 -13.69
N ASP A 134 -20.43 45.01 -13.87
CA ASP A 134 -19.84 45.60 -15.07
C ASP A 134 -19.22 44.60 -16.04
N GLY A 135 -19.15 43.32 -15.65
CA GLY A 135 -18.62 42.29 -16.53
C GLY A 135 -17.16 41.94 -16.31
N ALA A 136 -16.73 40.84 -16.91
CA ALA A 136 -15.43 40.25 -16.68
C ALA A 136 -14.29 41.17 -17.05
N SER A 137 -14.44 41.84 -18.18
CA SER A 137 -13.35 42.65 -18.66
C SER A 137 -13.01 43.79 -17.69
N ALA A 138 -14.03 44.48 -17.19
CA ALA A 138 -13.82 45.57 -16.24
C ALA A 138 -13.26 45.04 -14.90
N ALA A 139 -13.74 43.86 -14.48
CA ALA A 139 -13.29 43.25 -13.25
C ALA A 139 -11.84 42.79 -13.31
N GLU A 140 -11.44 42.17 -14.42
CA GLU A 140 -10.05 41.79 -14.62
C GLU A 140 -9.12 43.01 -14.62
N THR A 141 -9.52 44.06 -15.30
CA THR A 141 -8.72 45.26 -15.37
C THR A 141 -8.53 45.81 -13.96
N ALA A 142 -9.61 45.81 -13.19
CA ALA A 142 -9.55 46.31 -11.84
C ALA A 142 -8.63 45.43 -10.96
N ALA A 143 -8.75 44.11 -11.10
CA ALA A 143 -7.91 43.18 -10.34
C ALA A 143 -6.42 43.39 -10.64
N GLY A 144 -6.08 43.62 -11.89
CA GLY A 144 -4.70 43.91 -12.29
C GLY A 144 -4.15 45.11 -11.58
N GLN A 145 -4.95 46.16 -11.51
CA GLN A 145 -4.53 47.37 -10.85
C GLN A 145 -4.39 47.17 -9.34
N VAL A 146 -5.32 46.45 -8.74
CA VAL A 146 -5.23 46.17 -7.31
C VAL A 146 -3.91 45.43 -7.03
N GLY A 147 -3.63 44.38 -7.81
CA GLY A 147 -2.39 43.62 -7.65
C GLY A 147 -1.15 44.45 -7.80
N ARG A 148 -1.15 45.29 -8.81
CA ARG A 148 -0.03 46.18 -9.05
C ARG A 148 0.24 47.14 -7.89
N VAL A 149 -0.81 47.80 -7.42
CA VAL A 149 -0.66 48.73 -6.32
C VAL A 149 -0.21 47.99 -5.03
N LEU A 150 -0.91 46.91 -4.73
CA LEU A 150 -0.67 46.11 -3.55
C LEU A 150 0.81 45.73 -3.49
N ALA A 151 1.31 45.15 -4.58
CA ALA A 151 2.67 44.62 -4.60
C ALA A 151 3.74 45.72 -4.64
N THR A 152 3.49 46.74 -5.45
CA THR A 152 4.49 47.79 -5.63
C THR A 152 4.78 48.52 -4.33
N GLU A 153 3.72 48.89 -3.61
CA GLU A 153 3.89 49.63 -2.38
C GLU A 153 4.64 48.80 -1.31
N LEU A 154 4.39 47.50 -1.29
CA LEU A 154 5.10 46.62 -0.39
C LEU A 154 6.54 46.42 -0.85
N SER A 155 6.76 46.33 -2.16
CA SER A 155 8.11 46.17 -2.71
C SER A 155 9.02 47.34 -2.37
N ALA A 156 8.45 48.54 -2.35
CA ALA A 156 9.18 49.73 -1.95
C ALA A 156 9.72 49.63 -0.51
N CYS A 157 9.10 48.79 0.32
CA CYS A 157 9.45 48.69 1.74
C CYS A 157 10.34 47.52 2.05
N GLY A 158 10.76 46.78 1.03
CA GLY A 158 11.65 45.63 1.23
C GLY A 158 10.93 44.32 1.49
N ILE A 159 9.64 44.25 1.16
CA ILE A 159 8.87 43.03 1.33
C ILE A 159 9.03 42.21 0.07
N ASP A 160 9.16 40.89 0.20
CA ASP A 160 9.27 40.03 -0.98
C ASP A 160 7.92 39.59 -1.59
N LEU A 161 6.96 39.29 -0.73
CA LEU A 161 5.77 38.57 -1.15
C LEU A 161 4.58 38.88 -0.25
N SER A 162 3.40 39.00 -0.85
CA SER A 162 2.15 38.98 -0.10
C SER A 162 1.53 37.61 -0.26
N PHE A 163 1.01 37.07 0.84
CA PHE A 163 0.29 35.79 0.81
C PHE A 163 -1.13 35.99 0.25
N THR A 164 -1.20 36.10 -1.07
CA THR A 164 -2.44 36.37 -1.77
C THR A 164 -2.21 35.78 -3.18
N PRO A 165 -3.28 35.36 -3.88
CA PRO A 165 -4.69 35.52 -3.55
C PRO A 165 -5.36 34.34 -2.94
N VAL A 166 -6.43 34.63 -2.21
CA VAL A 166 -7.38 33.62 -1.82
C VAL A 166 -8.09 33.12 -3.08
N LEU A 167 -8.09 31.80 -3.25
CA LEU A 167 -8.73 31.12 -4.37
C LEU A 167 -9.94 30.30 -3.91
N ASP A 168 -10.23 30.34 -2.61
CA ASP A 168 -11.39 29.69 -2.06
C ASP A 168 -12.65 30.26 -2.72
N LEU A 169 -13.64 29.41 -2.95
CA LEU A 169 -14.88 29.84 -3.58
C LEU A 169 -15.86 30.29 -2.51
N ASP A 170 -16.61 31.33 -2.81
CA ASP A 170 -17.63 31.79 -1.88
C ASP A 170 -18.89 30.96 -1.99
N TRP A 171 -18.88 29.82 -1.32
CA TRP A 171 -20.09 29.00 -1.21
C TRP A 171 -21.13 29.59 -0.22
N GLY A 172 -20.80 30.66 0.49
CA GLY A 172 -21.70 31.26 1.47
C GLY A 172 -21.74 30.48 2.76
N ASN A 173 -20.69 29.69 3.02
CA ASN A 173 -20.62 28.84 4.20
C ASN A 173 -19.60 29.22 5.25
N CYS A 174 -18.52 29.87 4.85
CA CYS A 174 -17.33 29.95 5.70
C CYS A 174 -17.01 31.40 6.09
N ALA A 175 -17.30 31.76 7.33
CA ALA A 175 -17.14 33.14 7.78
C ALA A 175 -15.65 33.57 7.83
N VAL A 176 -14.76 32.65 8.19
CA VAL A 176 -13.37 33.03 8.31
C VAL A 176 -12.73 33.36 6.97
N ILE A 177 -13.28 32.81 5.88
CA ILE A 177 -12.96 33.30 4.53
C ILE A 177 -13.79 34.54 4.27
N GLY A 178 -15.09 34.40 4.30
CA GLY A 178 -15.98 35.52 4.09
C GLY A 178 -15.74 36.30 2.80
N ASN A 179 -15.58 37.61 2.94
CA ASN A 179 -15.34 38.49 1.80
C ASN A 179 -13.94 38.48 1.25
N ARG A 180 -13.12 37.59 1.80
CA ARG A 180 -11.79 37.39 1.29
C ARG A 180 -11.78 36.62 -0.03
N SER A 181 -12.87 35.91 -0.32
CA SER A 181 -13.03 35.20 -1.58
C SER A 181 -13.52 36.16 -2.66
N PHE A 182 -13.00 36.00 -3.87
CA PHE A 182 -13.43 36.81 -5.01
C PHE A 182 -14.92 36.64 -5.33
N HIS A 183 -15.41 35.40 -5.28
CA HIS A 183 -16.65 35.06 -5.95
C HIS A 183 -17.04 33.62 -5.66
N ARG A 184 -18.30 33.29 -5.88
CA ARG A 184 -18.80 31.92 -5.79
C ARG A 184 -18.32 31.03 -6.94
N ASN A 185 -18.13 31.61 -8.11
CA ASN A 185 -18.00 30.89 -9.34
C ASN A 185 -16.53 30.64 -9.65
N PRO A 186 -16.14 29.38 -9.84
CA PRO A 186 -14.74 29.05 -10.08
C PRO A 186 -14.11 29.78 -11.26
N GLU A 187 -14.87 30.00 -12.32
CA GLU A 187 -14.35 30.69 -13.47
C GLU A 187 -14.02 32.14 -13.11
N ALA A 188 -14.91 32.79 -12.37
CA ALA A 188 -14.66 34.15 -11.94
C ALA A 188 -13.44 34.21 -11.01
N VAL A 189 -13.35 33.26 -10.09
CA VAL A 189 -12.23 33.24 -9.16
C VAL A 189 -10.92 33.07 -9.92
N ALA A 190 -10.88 32.12 -10.83
CA ALA A 190 -9.67 31.82 -11.59
C ALA A 190 -9.24 33.04 -12.38
N ARG A 191 -10.18 33.64 -13.07
CA ARG A 191 -9.83 34.75 -13.94
C ARG A 191 -9.44 35.98 -13.16
N LEU A 192 -10.14 36.26 -12.08
CA LEU A 192 -9.78 37.41 -11.25
C LEU A 192 -8.41 37.19 -10.58
N ALA A 193 -8.16 35.98 -10.14
CA ALA A 193 -6.88 35.62 -9.54
C ALA A 193 -5.74 35.79 -10.54
N LEU A 194 -5.92 35.30 -11.77
CA LEU A 194 -4.89 35.46 -12.81
C LEU A 194 -4.62 36.90 -13.10
N ALA A 195 -5.67 37.70 -13.12
CA ALA A 195 -5.50 39.11 -13.39
C ALA A 195 -4.79 39.78 -12.22
N LEU A 196 -5.13 39.40 -11.00
CA LEU A 196 -4.41 39.93 -9.84
C LEU A 196 -2.94 39.52 -9.90
N GLN A 197 -2.69 38.27 -10.22
CA GLN A 197 -1.33 37.75 -10.31
C GLN A 197 -0.45 38.54 -11.27
N LYS A 198 -1.00 38.91 -12.44
CA LYS A 198 -0.23 39.72 -13.41
C LYS A 198 0.11 41.05 -12.78
N GLY A 199 -0.85 41.63 -12.07
CA GLY A 199 -0.62 42.89 -11.38
C GLY A 199 0.48 42.77 -10.32
N LEU A 200 0.41 41.71 -9.52
CA LEU A 200 1.45 41.44 -8.50
C LEU A 200 2.85 41.35 -9.11
N ALA A 201 2.97 40.65 -10.24
CA ALA A 201 4.23 40.50 -10.95
C ALA A 201 4.76 41.84 -11.44
N LYS A 202 3.88 42.71 -11.91
CA LYS A 202 4.30 44.04 -12.28
C LYS A 202 4.91 44.74 -11.09
N GLY A 203 4.36 44.49 -9.90
CA GLY A 203 4.88 45.09 -8.67
C GLY A 203 6.04 44.34 -8.04
N GLY A 204 6.56 43.33 -8.72
CA GLY A 204 7.77 42.62 -8.31
C GLY A 204 7.52 41.30 -7.62
N MET A 205 6.26 40.92 -7.48
CA MET A 205 5.94 39.82 -6.58
C MET A 205 5.32 38.63 -7.29
N LYS A 206 5.64 37.47 -6.75
CA LYS A 206 4.94 36.25 -7.10
C LYS A 206 3.64 36.14 -6.29
N SER A 207 2.89 35.08 -6.52
CA SER A 207 1.63 34.86 -5.84
C SER A 207 1.67 33.62 -4.95
N CYS A 208 0.76 33.58 -3.97
CA CYS A 208 0.57 32.45 -3.12
C CYS A 208 -0.94 32.16 -3.01
N GLY A 209 -1.40 31.06 -3.63
CA GLY A 209 -2.80 30.67 -3.60
C GLY A 209 -3.23 30.04 -2.29
N LYS A 210 -4.40 30.41 -1.78
CA LYS A 210 -4.88 29.94 -0.47
C LYS A 210 -6.34 29.57 -0.60
N HIS A 211 -6.85 28.53 0.07
CA HIS A 211 -6.14 27.59 0.92
C HIS A 211 -6.39 26.19 0.33
N PHE A 212 -5.34 25.61 -0.25
CA PHE A 212 -5.45 24.39 -1.05
C PHE A 212 -5.95 23.22 -0.24
N PRO A 213 -6.92 22.45 -0.76
CA PRO A 213 -7.54 22.45 -2.06
C PRO A 213 -8.86 23.22 -2.15
N GLY A 214 -9.17 24.03 -1.13
CA GLY A 214 -10.38 24.86 -1.14
C GLY A 214 -11.04 24.89 0.22
N HIS A 215 -11.05 26.07 0.82
CA HIS A 215 -11.60 26.28 2.16
C HIS A 215 -13.02 26.81 2.13
N GLY A 216 -13.56 27.05 0.95
CA GLY A 216 -14.81 27.77 0.81
C GLY A 216 -16.09 27.09 1.26
N PHE A 217 -16.09 25.75 1.29
CA PHE A 217 -17.35 24.99 1.45
C PHE A 217 -17.64 24.67 2.90
N VAL A 218 -16.60 24.51 3.72
CA VAL A 218 -16.80 24.21 5.13
C VAL A 218 -17.34 25.42 5.86
N GLU A 219 -17.90 25.18 7.03
CA GLU A 219 -18.29 26.26 7.93
C GLU A 219 -17.12 26.54 8.83
N GLY A 220 -16.88 27.81 9.15
CA GLY A 220 -15.70 28.20 9.91
C GLY A 220 -15.94 29.53 10.58
N ASP A 221 -16.35 29.48 11.85
CA ASP A 221 -16.72 30.68 12.62
C ASP A 221 -16.42 30.57 14.12
N VAL A 225 -11.42 24.85 15.72
CA VAL A 225 -11.88 23.53 15.32
C VAL A 225 -11.20 23.10 14.01
N LEU A 226 -11.30 21.81 13.71
CA LEU A 226 -10.89 21.23 12.44
C LEU A 226 -12.12 20.89 11.58
N PRO A 227 -12.47 21.75 10.61
CA PRO A 227 -13.69 21.49 9.83
C PRO A 227 -13.58 20.31 8.88
N GLU A 228 -14.72 19.76 8.47
CA GLU A 228 -14.78 18.59 7.59
C GLU A 228 -15.58 18.95 6.33
N ASP A 229 -14.97 18.71 5.18
CA ASP A 229 -15.62 18.96 3.90
C ASP A 229 -15.92 17.56 3.35
N GLY A 230 -17.20 17.20 3.32
CA GLY A 230 -17.60 15.83 3.00
C GLY A 230 -17.68 15.49 1.52
N ARG A 231 -17.25 16.40 0.65
CA ARG A 231 -17.44 16.20 -0.77
C ARG A 231 -16.43 15.23 -1.38
N SER A 232 -16.77 14.74 -2.56
CA SER A 232 -15.93 13.84 -3.33
C SER A 232 -14.88 14.61 -4.10
N LEU A 233 -13.81 13.91 -4.51
CA LEU A 233 -12.77 14.52 -5.30
C LEU A 233 -13.30 15.10 -6.61
N ASP A 234 -14.23 14.38 -7.25
CA ASP A 234 -14.85 14.86 -8.49
C ASP A 234 -15.56 16.20 -8.27
N GLU A 235 -16.28 16.32 -7.17
CA GLU A 235 -16.96 17.58 -6.84
C GLU A 235 -15.95 18.72 -6.69
N LEU A 236 -14.82 18.46 -6.02
CA LEU A 236 -13.78 19.46 -5.89
C LEU A 236 -13.11 19.79 -7.22
N GLU A 237 -12.92 18.79 -8.07
CA GLU A 237 -12.31 19.01 -9.38
C GLU A 237 -13.20 19.85 -10.26
N ALA A 238 -14.51 19.70 -10.12
CA ALA A 238 -15.46 20.46 -10.93
C ALA A 238 -15.56 21.92 -10.50
N ALA A 239 -15.04 22.27 -9.33
CA ALA A 239 -15.15 23.63 -8.82
C ALA A 239 -13.92 24.15 -8.04
N ASP A 240 -13.82 23.81 -6.77
CA ASP A 240 -12.84 24.41 -5.87
C ASP A 240 -11.38 24.26 -6.34
N LEU A 241 -11.05 23.13 -6.95
CA LEU A 241 -9.67 22.88 -7.39
C LEU A 241 -9.29 23.60 -8.66
N ALA A 242 -10.27 23.97 -9.47
CA ALA A 242 -9.93 24.51 -10.79
C ALA A 242 -9.07 25.78 -10.73
N PRO A 243 -9.38 26.73 -9.82
CA PRO A 243 -8.51 27.91 -9.75
C PRO A 243 -7.07 27.57 -9.38
N PHE A 244 -6.89 26.59 -8.52
CA PHE A 244 -5.55 26.14 -8.15
C PHE A 244 -4.81 25.56 -9.35
N ARG A 245 -5.47 24.69 -10.12
CA ARG A 245 -4.87 24.13 -11.35
C ARG A 245 -4.45 25.20 -12.32
N ILE A 246 -5.36 26.13 -12.58
CA ILE A 246 -5.11 27.19 -13.54
C ILE A 246 -3.99 28.13 -13.07
N MET A 247 -4.00 28.51 -11.80
CA MET A 247 -2.94 29.37 -11.28
C MET A 247 -1.56 28.68 -11.32
N SER A 248 -1.56 27.40 -10.99
CA SER A 248 -0.32 26.61 -11.01
C SER A 248 0.27 26.60 -12.42
N ARG A 249 -0.57 26.33 -13.40
CA ARG A 249 -0.16 26.34 -14.79
C ARG A 249 0.43 27.69 -15.18
N GLU A 250 -0.14 28.76 -14.65
CA GLU A 250 0.32 30.12 -15.00
C GLU A 250 1.40 30.70 -14.06
N GLY A 251 2.09 29.86 -13.28
CA GLY A 251 3.31 30.31 -12.55
C GLY A 251 3.19 30.72 -11.08
N MET A 252 2.06 30.39 -10.45
CA MET A 252 1.89 30.63 -9.02
C MET A 252 3.11 30.09 -8.23
N ALA A 253 3.66 30.87 -7.31
CA ALA A 253 4.90 30.51 -6.61
C ALA A 253 4.70 29.62 -5.41
N ALA A 254 3.53 29.70 -4.80
CA ALA A 254 3.30 29.01 -3.57
C ALA A 254 1.84 28.73 -3.32
N VAL A 255 1.61 27.87 -2.35
CA VAL A 255 0.31 27.54 -1.86
C VAL A 255 0.31 27.42 -0.34
N MET A 256 -0.78 27.84 0.28
CA MET A 256 -1.04 27.66 1.68
C MET A 256 -2.15 26.62 1.71
N PRO A 257 -2.01 25.55 2.52
CA PRO A 257 -3.02 24.52 2.59
C PRO A 257 -4.15 24.86 3.55
N ALA A 258 -5.32 24.29 3.32
CA ALA A 258 -6.43 24.47 4.23
C ALA A 258 -6.25 23.53 5.44
N HIS A 259 -6.55 24.03 6.63
CA HIS A 259 -6.64 23.18 7.81
C HIS A 259 -8.05 22.60 7.84
N VAL A 260 -8.26 21.62 6.97
CA VAL A 260 -9.57 21.05 6.71
C VAL A 260 -9.34 19.59 6.34
N VAL A 261 -10.23 18.72 6.80
CA VAL A 261 -10.22 17.31 6.43
C VAL A 261 -11.27 17.09 5.34
N TYR A 262 -10.87 16.35 4.31
CA TYR A 262 -11.77 15.96 3.22
C TYR A 262 -11.84 14.43 3.23
N PRO A 263 -12.70 13.83 4.09
CA PRO A 263 -12.65 12.39 4.37
C PRO A 263 -12.77 11.46 3.16
N GLN A 264 -13.46 11.87 2.12
CA GLN A 264 -13.56 11.03 0.92
C GLN A 264 -12.24 10.91 0.16
N VAL A 265 -11.27 11.77 0.49
CA VAL A 265 -9.95 11.73 -0.15
C VAL A 265 -8.87 11.29 0.82
N ASP A 266 -8.93 11.78 2.06
CA ASP A 266 -7.97 11.39 3.07
C ASP A 266 -8.51 11.76 4.42
N THR A 267 -8.13 10.96 5.42
CA THR A 267 -8.55 11.17 6.81
C THR A 267 -7.73 12.27 7.47
N LYS A 268 -6.63 12.64 6.84
CA LYS A 268 -5.76 13.71 7.36
C LYS A 268 -6.11 15.07 6.77
N PRO A 269 -5.94 16.14 7.55
CA PRO A 269 -6.05 17.50 7.01
C PRO A 269 -5.07 17.70 5.88
N ALA A 270 -5.42 18.55 4.92
CA ALA A 270 -4.67 18.70 3.68
C ALA A 270 -3.20 19.01 3.90
N GLY A 271 -2.91 19.88 4.87
CA GLY A 271 -1.56 20.29 5.17
C GLY A 271 -0.69 19.19 5.76
N PHE A 272 -1.31 18.05 6.12
CA PHE A 272 -0.61 16.90 6.65
C PHE A 272 -0.86 15.65 5.80
N SER A 273 -1.29 15.82 4.54
CA SER A 273 -1.71 14.71 3.70
C SER A 273 -0.83 14.54 2.48
N GLU A 274 -0.13 13.40 2.42
CA GLU A 274 0.65 13.03 1.24
C GLU A 274 -0.22 12.94 0.01
N ILE A 275 -1.46 12.48 0.18
CA ILE A 275 -2.37 12.33 -0.94
C ILE A 275 -2.64 13.71 -1.54
N TRP A 276 -3.00 14.68 -0.69
CA TRP A 276 -3.30 16.04 -1.19
C TRP A 276 -2.07 16.71 -1.76
N LEU A 277 -0.95 16.62 -1.05
CA LEU A 277 0.22 17.43 -1.40
C LEU A 277 1.14 16.77 -2.41
N LYS A 278 1.38 15.47 -2.29
CA LYS A 278 2.27 14.79 -3.24
C LYS A 278 1.49 14.21 -4.43
N GLN A 279 0.48 13.43 -4.14
CA GLN A 279 -0.24 12.73 -5.19
C GLN A 279 -1.09 13.72 -6.03
N ILE A 280 -1.83 14.61 -5.37
CA ILE A 280 -2.73 15.50 -6.11
C ILE A 280 -2.03 16.78 -6.54
N LEU A 281 -1.44 17.53 -5.61
CA LEU A 281 -0.83 18.81 -5.97
C LEU A 281 0.45 18.69 -6.81
N ARG A 282 1.41 17.87 -6.38
CA ARG A 282 2.66 17.70 -7.12
C ARG A 282 2.47 16.91 -8.42
N ARG A 283 2.01 15.67 -8.27
CA ARG A 283 1.96 14.72 -9.40
C ARG A 283 0.84 14.99 -10.41
N ASP A 284 -0.39 15.10 -9.92
CA ASP A 284 -1.54 15.32 -10.79
C ASP A 284 -1.61 16.75 -11.37
N ILE A 285 -1.45 17.76 -10.51
CA ILE A 285 -1.56 19.14 -10.97
C ILE A 285 -0.23 19.62 -11.58
N GLY A 286 0.90 19.06 -11.14
CA GLY A 286 2.22 19.48 -11.65
C GLY A 286 2.81 20.75 -11.01
N PHE A 287 2.39 21.07 -9.80
CA PHE A 287 2.85 22.28 -9.13
C PHE A 287 4.31 22.12 -8.67
N LYS A 288 5.17 23.09 -8.98
CA LYS A 288 6.61 23.03 -8.61
C LYS A 288 7.06 24.06 -7.56
N GLY A 289 6.12 24.86 -7.08
CA GLY A 289 6.45 25.93 -6.15
C GLY A 289 6.47 25.46 -4.71
N VAL A 290 6.46 26.43 -3.82
CA VAL A 290 6.47 26.18 -2.39
C VAL A 290 5.12 25.71 -1.90
N ILE A 291 5.14 24.69 -1.05
CA ILE A 291 4.01 24.35 -0.26
C ILE A 291 4.35 24.78 1.17
N PHE A 292 3.65 25.80 1.67
CA PHE A 292 3.73 26.17 3.09
C PHE A 292 2.91 25.24 3.96
N SER A 293 3.24 25.16 5.22
CA SER A 293 2.50 24.29 6.12
C SER A 293 1.27 24.93 6.69
N ASP A 294 1.21 26.25 6.61
CA ASP A 294 0.28 27.03 7.45
C ASP A 294 0.63 26.80 8.96
N ASP A 295 -0.03 27.54 9.85
CA ASP A 295 0.38 27.62 11.24
C ASP A 295 0.37 26.37 12.19
N LEU A 296 1.57 25.93 12.58
CA LEU A 296 1.74 24.73 13.38
C LEU A 296 1.48 24.96 14.87
N THR A 297 1.40 26.23 15.24
CA THR A 297 1.22 26.69 16.58
C THR A 297 -0.19 26.38 17.02
N GLY A 306 5.50 17.45 20.41
CA GLY A 306 5.17 18.89 20.38
C GLY A 306 5.38 19.47 19.00
N ILE A 307 5.96 20.67 18.96
CA ILE A 307 6.22 21.36 17.71
C ILE A 307 7.12 20.54 16.78
N LYS A 308 8.15 19.89 17.33
CA LYS A 308 9.06 19.09 16.52
C LYS A 308 8.31 18.03 15.74
N GLU A 309 7.37 17.38 16.41
CA GLU A 309 6.62 16.31 15.79
C GLU A 309 5.63 16.86 14.76
N ARG A 310 5.00 17.98 15.09
CA ARG A 310 4.08 18.68 14.18
C ARG A 310 4.81 19.10 12.89
N ALA A 311 6.00 19.66 13.03
CA ALA A 311 6.82 20.00 11.86
C ALA A 311 7.20 18.75 11.06
N ARG A 312 7.67 17.72 11.76
CA ARG A 312 8.09 16.48 11.09
C ARG A 312 7.02 15.94 10.17
N ILE A 313 5.79 15.87 10.66
CA ILE A 313 4.73 15.28 9.88
C ILE A 313 4.38 16.20 8.72
N SER A 314 4.57 17.51 8.90
CA SER A 314 4.34 18.49 7.82
C SER A 314 5.30 18.26 6.67
N PHE A 315 6.58 18.19 7.00
CA PHE A 315 7.59 17.94 5.97
C PHE A 315 7.39 16.60 5.28
N GLU A 316 7.09 15.57 6.07
CA GLU A 316 6.86 14.22 5.54
C GLU A 316 5.66 14.21 4.58
N ALA A 317 4.65 15.05 4.87
CA ALA A 317 3.47 15.12 4.02
C ALA A 317 3.72 15.81 2.69
N GLY A 318 4.79 16.60 2.60
CA GLY A 318 5.13 17.30 1.35
C GLY A 318 5.33 18.81 1.45
N CYS A 319 5.18 19.40 2.64
CA CYS A 319 5.46 20.84 2.83
C CYS A 319 6.95 21.11 2.68
N ASP A 320 7.27 22.22 2.03
CA ASP A 320 8.63 22.70 1.92
C ASP A 320 9.05 23.53 3.13
N ILE A 321 8.15 24.38 3.60
CA ILE A 321 8.45 25.38 4.61
C ILE A 321 7.35 25.40 5.66
N VAL A 322 7.71 25.37 6.93
CA VAL A 322 6.72 25.41 7.99
C VAL A 322 6.64 26.82 8.59
N LEU A 323 5.41 27.25 8.87
CA LEU A 323 5.15 28.54 9.52
C LEU A 323 4.92 28.34 10.97
N VAL A 324 5.58 29.16 11.78
CA VAL A 324 5.41 29.15 13.20
C VAL A 324 5.30 30.62 13.63
N CYS A 325 4.07 31.06 13.86
CA CYS A 325 3.76 32.46 14.16
C CYS A 325 3.35 32.72 15.61
N ASN A 326 3.70 33.90 16.12
CA ASN A 326 3.29 34.36 17.43
C ASN A 326 3.85 33.54 18.59
N ARG A 327 4.84 32.70 18.31
CA ARG A 327 5.34 31.80 19.31
C ARG A 327 6.85 31.61 19.12
N PRO A 328 7.63 32.67 19.40
CA PRO A 328 9.10 32.51 19.35
C PRO A 328 9.62 31.38 20.27
N ASP A 329 8.91 31.09 21.36
CA ASP A 329 9.27 29.97 22.23
C ASP A 329 9.23 28.65 21.48
N LEU A 330 8.21 28.45 20.66
CA LEU A 330 8.08 27.23 19.88
C LEU A 330 9.08 27.18 18.73
N VAL A 331 9.44 28.33 18.19
CA VAL A 331 10.50 28.39 17.19
C VAL A 331 11.82 27.97 17.87
N ASP A 332 12.07 28.48 19.07
CA ASP A 332 13.30 28.14 19.81
C ASP A 332 13.34 26.65 20.12
N GLU A 333 12.20 26.10 20.52
CA GLU A 333 12.11 24.68 20.82
C GLU A 333 12.35 23.87 19.54
N LEU A 334 11.74 24.29 18.43
CA LEU A 334 11.88 23.57 17.17
C LEU A 334 13.31 23.56 16.66
N ARG A 335 13.97 24.73 16.68
CA ARG A 335 15.29 24.86 16.07
C ARG A 335 16.43 24.18 16.85
N ASP A 336 16.23 23.98 18.15
CA ASP A 336 17.27 23.41 19.00
C ASP A 336 17.45 21.92 18.69
N GLY A 337 18.59 21.58 18.09
CA GLY A 337 18.87 20.22 17.65
C GLY A 337 18.05 19.82 16.43
N PHE A 338 17.58 20.82 15.68
CA PHE A 338 16.79 20.57 14.49
C PHE A 338 17.64 20.02 13.36
N THR A 339 17.17 18.96 12.73
CA THR A 339 17.82 18.44 11.52
C THR A 339 17.04 18.91 10.31
N ILE A 340 17.70 19.66 9.44
CA ILE A 340 17.10 20.17 8.21
C ILE A 340 16.79 19.01 7.26
N PRO A 341 15.50 18.79 6.96
CA PRO A 341 15.17 17.65 6.11
C PRO A 341 15.76 17.82 4.72
N ASP A 342 16.07 16.71 4.07
CA ASP A 342 16.67 16.77 2.75
C ASP A 342 15.63 17.26 1.73
N ASN A 343 15.93 18.37 1.07
CA ASN A 343 15.05 18.94 0.07
C ASN A 343 15.92 19.72 -0.90
N GLN A 344 16.28 19.06 -2.00
CA GLN A 344 17.16 19.64 -3.02
C GLN A 344 16.47 20.81 -3.76
N ASP A 345 15.15 20.88 -3.70
CA ASP A 345 14.40 21.94 -4.38
C ASP A 345 14.18 23.20 -3.53
N LEU A 346 14.50 23.13 -2.24
CA LEU A 346 14.16 24.19 -1.30
C LEU A 346 14.76 25.52 -1.70
N ALA A 347 16.07 25.51 -1.98
CA ALA A 347 16.79 26.72 -2.31
C ALA A 347 16.17 27.46 -3.50
N GLY A 348 15.83 26.73 -4.56
CA GLY A 348 15.21 27.32 -5.74
C GLY A 348 13.78 27.80 -5.49
N ARG A 349 13.05 27.05 -4.67
CA ARG A 349 11.68 27.41 -4.31
C ARG A 349 11.63 28.71 -3.49
N TRP A 350 12.55 28.90 -2.55
CA TRP A 350 12.67 30.18 -1.87
C TRP A 350 13.06 31.28 -2.84
N GLN A 351 14.06 31.02 -3.68
CA GLN A 351 14.64 32.07 -4.55
C GLN A 351 13.63 32.57 -5.58
N TYR A 352 12.79 31.68 -6.10
CA TYR A 352 11.71 32.08 -7.02
C TYR A 352 10.80 33.18 -6.40
N MET A 353 10.69 33.20 -5.07
CA MET A 353 9.85 34.16 -4.37
C MET A 353 10.54 35.48 -4.07
N GLU A 354 11.83 35.60 -4.35
CA GLU A 354 12.53 36.85 -4.06
C GLU A 354 11.89 37.93 -4.88
N ASN A 355 11.78 39.11 -4.32
CA ASN A 355 11.22 40.24 -5.08
C ASN A 355 12.08 40.52 -6.33
N SER A 356 11.41 40.78 -7.45
CA SER A 356 12.09 40.91 -8.75
C SER A 356 12.40 42.35 -9.14
N LEU A 357 11.96 43.31 -8.34
CA LEU A 357 12.26 44.70 -8.55
C LEU A 357 13.30 45.23 -7.58
N GLY A 358 14.29 45.94 -8.10
CA GLY A 358 15.26 46.65 -7.28
C GLY A 358 14.64 47.89 -6.67
N HIS A 359 15.24 48.38 -5.58
CA HIS A 359 14.69 49.50 -4.80
C HIS A 359 14.52 50.75 -5.67
N GLU A 360 15.53 51.05 -6.48
CA GLU A 360 15.49 52.24 -7.34
C GLU A 360 14.41 52.14 -8.39
N ALA A 361 14.31 50.98 -9.04
CA ALA A 361 13.27 50.74 -10.04
C ALA A 361 11.85 50.95 -9.49
N VAL A 362 11.62 50.58 -8.22
CA VAL A 362 10.32 50.78 -7.57
C VAL A 362 10.06 52.26 -7.38
N GLN A 363 11.06 52.99 -6.86
CA GLN A 363 10.90 54.42 -6.62
C GLN A 363 10.55 55.14 -7.93
N ALA A 364 11.17 54.72 -9.02
CA ALA A 364 10.92 55.32 -10.33
C ALA A 364 9.49 55.06 -10.79
N VAL A 365 9.08 53.80 -10.75
CA VAL A 365 7.72 53.45 -11.14
C VAL A 365 6.63 54.21 -10.33
N MET A 366 6.87 54.42 -9.04
CA MET A 366 5.89 55.09 -8.19
C MET A 366 5.75 56.59 -8.46
N GLN A 367 6.76 57.17 -9.11
CA GLN A 367 6.72 58.56 -9.57
C GLN A 367 5.89 58.75 -10.84
N THR A 368 5.65 57.67 -11.57
CA THR A 368 4.92 57.78 -12.83
C THR A 368 3.45 58.13 -12.61
N MET A 369 2.87 58.79 -13.59
CA MET A 369 1.48 59.19 -13.51
C MET A 369 0.58 57.97 -13.58
N GLY A 370 0.97 57.00 -14.39
CA GLY A 370 0.22 55.77 -14.55
C GLY A 370 0.04 55.02 -13.24
N PHE A 371 1.10 54.92 -12.46
CA PHE A 371 1.02 54.26 -11.19
C PHE A 371 0.19 55.07 -10.19
N GLN A 372 0.38 56.38 -10.17
CA GLN A 372 -0.37 57.22 -9.24
C GLN A 372 -1.85 57.15 -9.54
N ALA A 373 -2.19 57.01 -10.81
CA ALA A 373 -3.59 56.85 -11.20
C ALA A 373 -4.11 55.51 -10.70
N ALA A 374 -3.30 54.47 -10.85
CA ALA A 374 -3.66 53.16 -10.30
C ALA A 374 -3.94 53.28 -8.79
N GLN A 375 -3.07 53.97 -8.07
CA GLN A 375 -3.28 54.20 -6.64
C GLN A 375 -4.63 54.81 -6.34
N ALA A 376 -4.96 55.88 -7.05
CA ALA A 376 -6.25 56.56 -6.82
C ALA A 376 -7.45 55.69 -7.22
N PHE A 377 -7.32 54.93 -8.31
CA PHE A 377 -8.37 53.99 -8.70
C PHE A 377 -8.65 52.95 -7.59
N VAL A 378 -7.57 52.33 -7.09
CA VAL A 378 -7.69 51.29 -6.08
C VAL A 378 -8.23 51.88 -4.78
N ALA A 379 -7.71 53.04 -4.39
CA ALA A 379 -8.26 53.78 -3.23
C ALA A 379 -9.76 53.99 -3.33
N GLY A 380 -10.23 54.29 -4.53
CA GLY A 380 -11.66 54.52 -4.78
C GLY A 380 -12.52 53.28 -4.65
N LEU A 381 -11.98 52.12 -5.03
CA LEU A 381 -12.67 50.85 -4.80
C LEU A 381 -12.85 50.54 -3.31
N ALA A 382 -11.84 50.90 -2.50
CA ALA A 382 -11.91 50.69 -1.06
C ALA A 382 -12.85 51.68 -0.31
N SER A 383 -13.21 52.79 -0.94
CA SER A 383 -14.24 53.72 -0.39
C SER A 383 -15.21 54.17 -1.47
N VAL B 39 30.93 27.79 -29.66
CA VAL B 39 30.11 26.56 -29.35
C VAL B 39 28.70 26.94 -28.89
N PRO B 40 27.69 26.79 -29.78
CA PRO B 40 26.35 27.29 -29.47
C PRO B 40 25.72 26.69 -28.21
N HIS B 41 25.03 27.51 -27.44
CA HIS B 41 24.30 27.07 -26.26
C HIS B 41 22.82 26.94 -26.62
N ILE B 42 22.35 25.70 -26.73
CA ILE B 42 20.98 25.38 -27.11
C ILE B 42 20.42 24.33 -26.13
N PRO B 43 19.20 24.53 -25.60
CA PRO B 43 18.66 23.48 -24.77
C PRO B 43 18.55 22.15 -25.53
N ARG B 44 18.68 21.04 -24.81
CA ARG B 44 18.49 19.73 -25.41
C ARG B 44 17.03 19.60 -25.81
N GLY B 45 16.80 19.28 -27.08
CA GLY B 45 15.45 19.03 -27.60
C GLY B 45 14.89 17.66 -27.24
N PRO B 46 13.61 17.42 -27.58
CA PRO B 46 12.98 16.18 -27.16
C PRO B 46 13.10 15.02 -28.14
N VAL B 47 14.03 15.11 -29.09
CA VAL B 47 14.22 14.03 -30.03
C VAL B 47 15.56 13.40 -29.78
N MET B 48 15.58 12.07 -29.74
CA MET B 48 16.82 11.33 -29.75
C MET B 48 16.96 10.73 -31.13
N ALA B 49 18.05 11.06 -31.79
CA ALA B 49 18.31 10.60 -33.13
C ALA B 49 19.48 9.64 -33.11
N ASP B 50 20.04 9.35 -34.29
CA ASP B 50 21.16 8.45 -34.38
C ASP B 50 22.05 8.85 -35.58
N ILE B 51 23.05 8.02 -35.86
CA ILE B 51 24.11 8.33 -36.77
C ILE B 51 24.37 7.10 -37.63
N ALA B 52 24.88 7.31 -38.85
CA ALA B 52 24.99 6.25 -39.85
C ALA B 52 26.16 5.30 -39.64
N ALA B 53 27.34 5.84 -39.29
CA ALA B 53 28.53 5.01 -39.27
C ALA B 53 29.54 5.44 -38.18
N PHE B 54 30.84 5.42 -38.49
CA PHE B 54 31.88 5.53 -37.45
C PHE B 54 32.26 6.96 -37.08
N ARG B 55 32.04 7.90 -38.00
CA ARG B 55 32.39 9.30 -37.77
C ARG B 55 31.26 10.18 -38.29
N LEU B 56 31.07 11.36 -37.71
CA LEU B 56 30.05 12.26 -38.17
C LEU B 56 30.35 12.77 -39.57
N THR B 57 29.33 12.82 -40.41
CA THR B 57 29.41 13.54 -41.68
C THR B 57 29.03 14.98 -41.40
N GLU B 58 29.28 15.83 -42.38
CA GLU B 58 28.93 17.25 -42.28
C GLU B 58 27.41 17.42 -42.17
N GLU B 59 26.68 16.66 -42.98
CA GLU B 59 25.21 16.65 -42.91
C GLU B 59 24.70 16.26 -41.51
N GLU B 60 25.32 15.25 -40.90
CA GLU B 60 24.97 14.82 -39.55
C GLU B 60 25.25 15.93 -38.53
N LYS B 61 26.39 16.61 -38.66
CA LYS B 61 26.69 17.74 -37.78
C LYS B 61 25.60 18.82 -37.81
N GLN B 62 25.14 19.14 -39.02
CA GLN B 62 24.06 20.13 -39.16
C GLN B 62 22.77 19.62 -38.55
N ARG B 63 22.44 18.36 -38.79
CA ARG B 63 21.23 17.77 -38.20
C ARG B 63 21.30 17.81 -36.67
N LEU B 64 22.45 17.45 -36.11
CA LEU B 64 22.59 17.39 -34.65
C LEU B 64 22.59 18.76 -33.97
N LEU B 65 22.74 19.83 -34.75
CA LEU B 65 22.62 21.19 -34.20
C LEU B 65 21.18 21.69 -34.12
N ASP B 66 20.24 20.93 -34.67
CA ASP B 66 18.84 21.36 -34.65
C ASP B 66 18.32 21.38 -33.23
N PRO B 67 17.59 22.43 -32.84
CA PRO B 67 17.09 22.48 -31.47
C PRO B 67 16.09 21.38 -31.09
N ALA B 68 15.52 20.70 -32.07
CA ALA B 68 14.63 19.56 -31.79
C ALA B 68 15.37 18.36 -31.17
N ILE B 69 16.67 18.29 -31.42
CA ILE B 69 17.47 17.16 -30.99
C ILE B 69 18.11 17.42 -29.62
N GLY B 70 18.03 16.42 -28.76
CA GLY B 70 18.66 16.46 -27.43
C GLY B 70 19.59 15.32 -27.13
N GLY B 71 19.61 14.28 -27.97
CA GLY B 71 20.47 13.13 -27.71
C GLY B 71 20.60 12.18 -28.87
N ILE B 72 21.46 11.18 -28.68
CA ILE B 72 21.83 10.25 -29.71
C ILE B 72 21.91 8.85 -29.15
N ILE B 73 21.40 7.88 -29.90
CA ILE B 73 21.55 6.46 -29.53
C ILE B 73 22.50 5.84 -30.53
N LEU B 74 23.47 5.09 -30.01
CA LEU B 74 24.45 4.39 -30.86
C LEU B 74 24.12 2.92 -30.97
N PHE B 75 24.60 2.33 -32.07
CA PHE B 75 24.34 0.94 -32.39
C PHE B 75 25.67 0.31 -32.82
N ARG B 76 25.65 -0.99 -33.09
CA ARG B 76 26.87 -1.69 -33.46
C ARG B 76 27.54 -1.10 -34.74
N ARG B 77 26.74 -0.60 -35.67
CA ARG B 77 27.24 0.01 -36.91
C ARG B 77 28.04 1.28 -36.65
N ASN B 78 27.94 1.83 -35.44
CA ASN B 78 28.73 3.00 -35.08
C ASN B 78 30.04 2.64 -34.36
N PHE B 79 30.37 1.36 -34.30
CA PHE B 79 31.50 0.92 -33.51
C PHE B 79 32.51 0.15 -34.35
N GLN B 80 33.74 0.65 -34.33
CA GLN B 80 34.88 0.03 -35.00
C GLN B 80 35.84 -0.47 -33.90
N ASN B 81 36.23 0.44 -33.02
CA ASN B 81 37.06 0.11 -31.86
C ASN B 81 36.96 1.25 -30.86
N ILE B 82 37.55 1.06 -29.70
CA ILE B 82 37.44 1.99 -28.61
C ILE B 82 37.93 3.40 -28.95
N GLU B 83 39.04 3.50 -29.68
CA GLU B 83 39.62 4.81 -30.01
C GLU B 83 38.74 5.57 -30.98
N GLN B 84 38.27 4.87 -32.00
CA GLN B 84 37.29 5.47 -32.90
C GLN B 84 36.04 5.93 -32.12
N LEU B 85 35.54 5.09 -31.21
CA LEU B 85 34.34 5.43 -30.46
C LEU B 85 34.54 6.70 -29.65
N LYS B 86 35.69 6.80 -28.97
CA LYS B 86 36.04 8.01 -28.21
C LYS B 86 36.01 9.25 -29.08
N THR B 87 36.57 9.11 -30.27
CA THR B 87 36.61 10.23 -31.22
C THR B 87 35.19 10.63 -31.64
N LEU B 88 34.36 9.63 -31.88
CA LEU B 88 32.96 9.86 -32.26
C LEU B 88 32.16 10.56 -31.16
N THR B 89 32.26 10.06 -29.93
CA THR B 89 31.52 10.68 -28.85
C THR B 89 32.02 12.10 -28.58
N ALA B 90 33.32 12.30 -28.64
CA ALA B 90 33.88 13.66 -28.44
C ALA B 90 33.32 14.64 -29.45
N GLU B 91 33.32 14.27 -30.74
CA GLU B 91 32.83 15.21 -31.76
C GLU B 91 31.33 15.46 -31.65
N ILE B 92 30.57 14.46 -31.21
CA ILE B 92 29.14 14.68 -30.91
C ILE B 92 28.96 15.69 -29.79
N LYS B 93 29.74 15.51 -28.73
CA LYS B 93 29.63 16.38 -27.55
C LYS B 93 30.09 17.81 -27.85
N ALA B 94 31.08 17.95 -28.75
CA ALA B 94 31.64 19.27 -29.11
C ALA B 94 30.68 20.18 -29.86
N LEU B 95 29.62 19.63 -30.44
CA LEU B 95 28.72 20.43 -31.28
C LEU B 95 27.97 21.53 -30.54
N ARG B 96 27.61 21.27 -29.29
CA ARG B 96 26.73 22.18 -28.57
C ARG B 96 26.78 21.92 -27.09
N THR B 97 26.19 22.85 -26.33
CA THR B 97 26.06 22.75 -24.90
C THR B 97 24.61 23.13 -24.55
N PRO B 98 23.99 22.47 -23.57
CA PRO B 98 24.46 21.28 -22.89
C PRO B 98 24.73 20.18 -23.90
N GLU B 99 25.75 19.38 -23.63
CA GLU B 99 26.21 18.39 -24.58
C GLU B 99 25.09 17.37 -24.81
N LEU B 100 24.96 16.94 -26.07
CA LEU B 100 24.00 15.91 -26.41
C LEU B 100 24.25 14.65 -25.58
N ILE B 101 23.17 14.11 -25.03
CA ILE B 101 23.24 12.86 -24.26
C ILE B 101 23.39 11.68 -25.20
N ILE B 102 24.31 10.80 -24.89
CA ILE B 102 24.62 9.66 -25.74
C ILE B 102 24.28 8.37 -25.01
N ALA B 103 23.49 7.52 -25.65
CA ALA B 103 23.07 6.24 -25.05
C ALA B 103 23.32 5.06 -25.96
N VAL B 104 23.26 3.88 -25.37
CA VAL B 104 23.48 2.63 -26.07
C VAL B 104 22.71 1.53 -25.32
N ASP B 105 22.32 0.48 -26.03
CA ASP B 105 21.79 -0.74 -25.43
C ASP B 105 22.93 -1.70 -25.05
N HIS B 106 23.44 -1.57 -23.83
CA HIS B 106 24.29 -2.62 -23.22
C HIS B 106 23.55 -3.24 -22.04
N GLU B 107 22.87 -4.35 -22.31
CA GLU B 107 22.23 -5.13 -21.28
C GLU B 107 23.14 -6.26 -20.81
N GLY B 108 23.68 -6.97 -21.79
CA GLY B 108 24.40 -8.20 -21.53
C GLY B 108 23.89 -9.32 -22.41
N GLY B 109 24.70 -10.36 -22.56
CA GLY B 109 24.30 -11.51 -23.35
C GLY B 109 24.11 -11.09 -24.80
N ARG B 110 22.92 -11.34 -25.34
CA ARG B 110 22.64 -11.08 -26.78
C ARG B 110 22.23 -9.65 -27.08
N VAL B 111 22.29 -8.79 -26.07
CA VAL B 111 22.10 -7.34 -26.27
C VAL B 111 23.32 -6.58 -25.73
N GLN B 112 24.34 -6.47 -26.59
CA GLN B 112 25.54 -5.74 -26.30
C GLN B 112 26.08 -5.27 -27.65
N ARG B 113 25.92 -3.98 -27.94
CA ARG B 113 26.34 -3.41 -29.22
C ARG B 113 27.84 -3.47 -29.48
N PHE B 114 28.63 -3.12 -28.48
CA PHE B 114 30.09 -2.97 -28.64
C PHE B 114 30.78 -4.16 -28.01
N ILE B 115 31.44 -4.96 -28.84
CA ILE B 115 32.04 -6.22 -28.40
C ILE B 115 33.56 -6.09 -28.21
N GLU B 116 34.28 -5.81 -29.29
CA GLU B 116 35.75 -5.78 -29.28
C GLU B 116 36.33 -4.74 -28.35
N GLY B 117 37.20 -5.16 -27.44
CA GLY B 117 37.80 -4.27 -26.48
C GLY B 117 36.96 -4.03 -25.23
N PHE B 118 35.77 -4.66 -25.16
CA PHE B 118 34.91 -4.55 -23.97
C PHE B 118 34.88 -5.89 -23.32
N THR B 119 34.66 -5.90 -22.02
CA THR B 119 34.37 -7.14 -21.34
C THR B 119 33.05 -7.67 -21.90
N ARG B 120 33.01 -8.96 -22.23
CA ARG B 120 31.78 -9.58 -22.70
C ARG B 120 30.87 -9.73 -21.48
N LEU B 121 29.65 -9.21 -21.57
CA LEU B 121 28.73 -9.21 -20.45
C LEU B 121 27.83 -10.42 -20.47
N PRO B 122 27.56 -11.00 -19.29
CA PRO B 122 26.60 -12.10 -19.25
C PRO B 122 25.19 -11.62 -19.46
N ALA B 123 24.33 -12.54 -19.89
CA ALA B 123 22.88 -12.31 -19.86
C ALA B 123 22.42 -12.10 -18.40
N MET B 124 21.44 -11.24 -18.18
CA MET B 124 20.98 -10.96 -16.83
C MET B 124 20.44 -12.19 -16.10
N ASN B 125 19.93 -13.20 -16.80
CA ASN B 125 19.42 -14.36 -16.09
C ASN B 125 20.52 -15.14 -15.38
N VAL B 126 21.76 -14.95 -15.81
CA VAL B 126 22.88 -15.57 -15.12
C VAL B 126 22.94 -15.05 -13.66
N LEU B 127 22.60 -13.78 -13.44
CA LEU B 127 22.57 -13.24 -12.08
C LEU B 127 21.46 -13.84 -11.23
N GLY B 128 20.34 -14.13 -11.88
CA GLY B 128 19.26 -14.82 -11.21
C GLY B 128 19.61 -16.26 -10.86
N GLN B 129 20.44 -16.87 -11.68
CA GLN B 129 20.88 -18.24 -11.41
C GLN B 129 21.82 -18.28 -10.19
N ILE B 130 22.66 -17.26 -10.05
CA ILE B 130 23.48 -17.13 -8.87
C ILE B 130 22.61 -16.92 -7.62
N TRP B 131 21.58 -16.10 -7.74
CA TRP B 131 20.61 -15.92 -6.65
C TRP B 131 20.07 -17.28 -6.18
N ASP B 132 19.64 -18.12 -7.12
CA ASP B 132 19.04 -19.41 -6.77
C ASP B 132 20.06 -20.35 -6.15
N LYS B 133 21.29 -20.32 -6.65
CA LYS B 133 22.30 -21.31 -6.27
C LYS B 133 23.11 -20.88 -5.04
N ASP B 134 23.62 -19.66 -5.05
CA ASP B 134 24.49 -19.14 -3.99
C ASP B 134 23.83 -18.14 -3.06
N GLY B 135 22.60 -17.73 -3.35
CA GLY B 135 21.89 -16.83 -2.47
C GLY B 135 21.97 -15.36 -2.85
N ALA B 136 21.10 -14.57 -2.22
CA ALA B 136 20.86 -13.19 -2.59
C ALA B 136 22.10 -12.33 -2.44
N SER B 137 22.85 -12.58 -1.38
CA SER B 137 24.00 -11.77 -1.09
C SER B 137 25.08 -11.88 -2.15
N ALA B 138 25.39 -13.10 -2.56
CA ALA B 138 26.36 -13.32 -3.65
C ALA B 138 25.85 -12.73 -4.99
N ALA B 139 24.55 -12.86 -5.24
CA ALA B 139 23.98 -12.45 -6.51
C ALA B 139 23.99 -10.95 -6.62
N GLU B 140 23.60 -10.28 -5.53
CA GLU B 140 23.64 -8.83 -5.47
C GLU B 140 25.06 -8.29 -5.65
N THR B 141 26.03 -8.93 -5.01
CA THR B 141 27.42 -8.55 -5.18
C THR B 141 27.83 -8.74 -6.64
N ALA B 142 27.42 -9.85 -7.26
CA ALA B 142 27.75 -10.11 -8.67
C ALA B 142 27.10 -9.04 -9.57
N ALA B 143 25.83 -8.72 -9.32
CA ALA B 143 25.10 -7.73 -10.12
C ALA B 143 25.76 -6.36 -10.03
N GLY B 144 26.19 -6.00 -8.83
CA GLY B 144 26.93 -4.77 -8.62
C GLY B 144 28.18 -4.69 -9.49
N GLN B 145 28.91 -5.79 -9.58
CA GLN B 145 30.10 -5.84 -10.39
C GLN B 145 29.78 -5.76 -11.87
N VAL B 146 28.76 -6.47 -12.32
CA VAL B 146 28.38 -6.43 -13.72
C VAL B 146 28.05 -4.99 -14.07
N GLY B 147 27.23 -4.35 -13.23
CA GLY B 147 26.86 -2.94 -13.47
C GLY B 147 28.06 -2.02 -13.53
N ARG B 148 28.96 -2.21 -12.59
CA ARG B 148 30.16 -1.41 -12.51
C ARG B 148 31.04 -1.55 -13.76
N VAL B 149 31.29 -2.78 -14.19
CA VAL B 149 32.10 -3.03 -15.37
C VAL B 149 31.40 -2.46 -16.62
N LEU B 150 30.12 -2.80 -16.78
CA LEU B 150 29.32 -2.38 -17.92
C LEU B 150 29.39 -0.87 -18.10
N ALA B 151 29.10 -0.14 -17.03
CA ALA B 151 29.03 1.30 -17.09
C ALA B 151 30.42 1.96 -17.22
N THR B 152 31.39 1.46 -16.47
CA THR B 152 32.71 2.08 -16.43
C THR B 152 33.36 2.03 -17.80
N GLU B 153 33.30 0.88 -18.46
CA GLU B 153 33.93 0.73 -19.76
C GLU B 153 33.29 1.64 -20.79
N LEU B 154 31.96 1.81 -20.69
CA LEU B 154 31.26 2.73 -21.58
C LEU B 154 31.57 4.18 -21.23
N SER B 155 31.66 4.49 -19.94
CA SER B 155 31.98 5.84 -19.51
C SER B 155 33.33 6.29 -20.04
N ALA B 156 34.29 5.37 -20.10
CA ALA B 156 35.63 5.66 -20.61
C ALA B 156 35.58 6.12 -22.06
N CYS B 157 34.51 5.77 -22.77
CA CYS B 157 34.38 6.07 -24.16
C CYS B 157 33.49 7.27 -24.45
N GLY B 158 33.03 7.96 -23.42
CA GLY B 158 32.18 9.15 -23.59
C GLY B 158 30.68 8.86 -23.71
N ILE B 159 30.24 7.67 -23.31
CA ILE B 159 28.82 7.32 -23.32
C ILE B 159 28.20 7.79 -22.02
N ASP B 160 26.98 8.30 -22.07
CA ASP B 160 26.31 8.74 -20.84
C ASP B 160 25.53 7.66 -20.11
N LEU B 161 24.88 6.78 -20.86
CA LEU B 161 23.87 5.89 -20.31
C LEU B 161 23.70 4.62 -21.13
N SER B 162 23.55 3.49 -20.45
CA SER B 162 23.10 2.28 -21.10
C SER B 162 21.60 2.09 -20.79
N PHE B 163 20.84 1.67 -21.80
CA PHE B 163 19.42 1.36 -21.62
C PHE B 163 19.26 -0.01 -20.93
N THR B 164 19.46 0.00 -19.62
CA THR B 164 19.42 -1.22 -18.81
C THR B 164 19.09 -0.74 -17.39
N PRO B 165 18.46 -1.57 -16.56
CA PRO B 165 18.13 -2.97 -16.73
C PRO B 165 16.74 -3.31 -17.20
N VAL B 166 16.64 -4.49 -17.81
CA VAL B 166 15.36 -5.14 -18.00
C VAL B 166 14.79 -5.54 -16.62
N LEU B 167 13.56 -5.12 -16.37
CA LEU B 167 12.82 -5.41 -15.15
C LEU B 167 11.64 -6.34 -15.41
N ASP B 168 11.50 -6.78 -16.65
CA ASP B 168 10.49 -7.76 -17.01
C ASP B 168 10.72 -9.06 -16.24
N LEU B 169 9.64 -9.71 -15.84
CA LEU B 169 9.72 -10.96 -15.09
C LEU B 169 9.77 -12.14 -16.03
N ASP B 170 10.55 -13.14 -15.69
CA ASP B 170 10.58 -14.35 -16.49
C ASP B 170 9.42 -15.27 -16.19
N TRP B 171 8.29 -14.99 -16.79
CA TRP B 171 7.13 -15.88 -16.67
C TRP B 171 7.26 -17.14 -17.53
N GLY B 172 8.31 -17.25 -18.32
CA GLY B 172 8.49 -18.41 -19.18
C GLY B 172 7.62 -18.35 -20.44
N ASN B 173 7.21 -17.14 -20.83
CA ASN B 173 6.32 -16.93 -21.97
C ASN B 173 6.89 -16.17 -23.16
N CYS B 174 7.86 -15.31 -22.91
CA CYS B 174 8.28 -14.30 -23.90
C CYS B 174 9.70 -14.50 -24.37
N ALA B 175 9.86 -15.05 -25.57
CA ALA B 175 11.19 -15.39 -26.09
C ALA B 175 12.04 -14.15 -26.36
N VAL B 176 11.43 -13.07 -26.83
CA VAL B 176 12.22 -11.90 -27.15
C VAL B 176 12.89 -11.26 -25.92
N ILE B 177 12.29 -11.48 -24.74
CA ILE B 177 12.91 -11.10 -23.50
C ILE B 177 13.86 -12.22 -23.16
N GLY B 178 13.32 -13.41 -22.96
CA GLY B 178 14.11 -14.61 -22.72
C GLY B 178 15.07 -14.53 -21.57
N ASN B 179 16.34 -14.78 -21.85
CA ASN B 179 17.34 -14.65 -20.83
C ASN B 179 17.75 -13.22 -20.51
N ARG B 180 17.12 -12.21 -21.12
CA ARG B 180 17.34 -10.80 -20.74
C ARG B 180 16.72 -10.44 -19.39
N SER B 181 15.79 -11.26 -18.89
CA SER B 181 15.18 -11.06 -17.57
C SER B 181 16.03 -11.71 -16.49
N PHE B 182 16.15 -11.03 -15.34
CA PHE B 182 16.91 -11.56 -14.22
C PHE B 182 16.36 -12.86 -13.70
N HIS B 183 15.03 -12.96 -13.62
CA HIS B 183 14.41 -13.98 -12.75
C HIS B 183 12.89 -13.94 -12.90
N ARG B 184 12.25 -15.01 -12.50
CA ARG B 184 10.77 -15.10 -12.47
C ARG B 184 10.15 -14.25 -11.37
N ASN B 185 10.88 -14.13 -10.28
CA ASN B 185 10.33 -13.66 -9.03
C ASN B 185 10.56 -12.16 -8.88
N PRO B 186 9.48 -11.39 -8.71
CA PRO B 186 9.62 -9.93 -8.59
C PRO B 186 10.62 -9.46 -7.52
N GLU B 187 10.70 -10.16 -6.41
CA GLU B 187 11.63 -9.76 -5.34
C GLU B 187 13.07 -9.91 -5.78
N ALA B 188 13.35 -11.01 -6.45
CA ALA B 188 14.68 -11.20 -6.99
C ALA B 188 14.99 -10.16 -8.07
N VAL B 189 14.04 -9.90 -8.96
CA VAL B 189 14.26 -8.93 -10.04
C VAL B 189 14.55 -7.57 -9.44
N ALA B 190 13.72 -7.15 -8.49
CA ALA B 190 13.86 -5.83 -7.90
C ALA B 190 15.22 -5.71 -7.24
N ARG B 191 15.61 -6.72 -6.45
CA ARG B 191 16.84 -6.60 -5.69
C ARG B 191 18.07 -6.67 -6.61
N LEU B 192 18.02 -7.53 -7.61
CA LEU B 192 19.14 -7.62 -8.55
C LEU B 192 19.26 -6.34 -9.36
N ALA B 193 18.14 -5.80 -9.78
CA ALA B 193 18.12 -4.54 -10.51
C ALA B 193 18.70 -3.40 -9.67
N LEU B 194 18.29 -3.30 -8.41
CA LEU B 194 18.83 -2.27 -7.50
C LEU B 194 20.33 -2.42 -7.34
N ALA B 195 20.80 -3.66 -7.22
CA ALA B 195 22.22 -3.90 -7.09
C ALA B 195 22.96 -3.54 -8.37
N LEU B 196 22.39 -3.88 -9.52
CA LEU B 196 22.98 -3.49 -10.79
C LEU B 196 23.03 -1.97 -10.88
N GLN B 197 21.94 -1.33 -10.50
CA GLN B 197 21.86 0.13 -10.53
C GLN B 197 22.98 0.80 -9.71
N LYS B 198 23.27 0.28 -8.53
CA LYS B 198 24.37 0.82 -7.72
C LYS B 198 25.71 0.66 -8.42
N GLY B 199 25.90 -0.48 -9.05
CA GLY B 199 27.08 -0.71 -9.87
C GLY B 199 27.20 0.26 -11.02
N LEU B 200 26.09 0.47 -11.74
CA LEU B 200 26.04 1.45 -12.84
C LEU B 200 26.46 2.82 -12.35
N ALA B 201 25.94 3.23 -11.18
CA ALA B 201 26.26 4.55 -10.62
C ALA B 201 27.73 4.67 -10.26
N LYS B 202 28.34 3.59 -9.76
CA LYS B 202 29.77 3.57 -9.51
C LYS B 202 30.48 3.84 -10.83
N GLY B 203 29.94 3.34 -11.93
CA GLY B 203 30.55 3.54 -13.25
C GLY B 203 30.15 4.82 -13.93
N GLY B 204 29.43 5.68 -13.21
CA GLY B 204 29.08 7.01 -13.70
C GLY B 204 27.69 7.13 -14.29
N MET B 205 26.90 6.06 -14.28
CA MET B 205 25.65 6.04 -15.04
C MET B 205 24.40 5.87 -14.21
N LYS B 206 23.33 6.46 -14.72
CA LYS B 206 21.97 6.18 -14.22
C LYS B 206 21.42 4.94 -14.91
N SER B 207 20.17 4.58 -14.57
CA SER B 207 19.54 3.39 -15.09
C SER B 207 18.29 3.72 -15.91
N CYS B 208 17.93 2.78 -16.79
CA CYS B 208 16.68 2.89 -17.57
C CYS B 208 15.97 1.55 -17.48
N GLY B 209 14.86 1.49 -16.77
CA GLY B 209 14.07 0.26 -16.62
C GLY B 209 13.21 -0.07 -17.83
N LYS B 210 13.17 -1.34 -18.21
CA LYS B 210 12.46 -1.78 -19.42
C LYS B 210 11.69 -3.04 -19.11
N HIS B 211 10.50 -3.29 -19.65
CA HIS B 211 9.75 -2.42 -20.52
C HIS B 211 8.43 -2.19 -19.84
N PHE B 212 8.24 -0.95 -19.38
CA PHE B 212 7.12 -0.62 -18.53
C PHE B 212 5.78 -0.83 -19.23
N PRO B 213 4.80 -1.47 -18.56
CA PRO B 213 4.72 -1.93 -17.18
C PRO B 213 5.11 -3.39 -16.94
N GLY B 214 5.68 -4.03 -17.95
CA GLY B 214 6.12 -5.42 -17.82
C GLY B 214 5.82 -6.24 -19.05
N HIS B 215 6.88 -6.68 -19.72
CA HIS B 215 6.81 -7.36 -20.99
C HIS B 215 6.90 -8.87 -20.80
N GLY B 216 7.06 -9.33 -19.56
CA GLY B 216 7.39 -10.73 -19.30
C GLY B 216 6.31 -11.78 -19.54
N PHE B 217 5.03 -11.38 -19.54
CA PHE B 217 3.92 -12.34 -19.51
C PHE B 217 3.38 -12.66 -20.89
N VAL B 218 3.48 -11.70 -21.81
CA VAL B 218 3.05 -11.94 -23.17
C VAL B 218 3.98 -12.91 -23.88
N GLU B 219 3.47 -13.50 -24.95
CA GLU B 219 4.30 -14.28 -25.83
C GLU B 219 4.87 -13.33 -26.87
N GLY B 220 6.12 -13.52 -27.23
CA GLY B 220 6.78 -12.63 -28.17
C GLY B 220 7.89 -13.35 -28.89
N ASP B 221 7.55 -13.85 -30.08
CA ASP B 221 8.48 -14.64 -30.88
C ASP B 221 8.23 -14.39 -32.38
N SER B 222 7.67 -15.34 -33.12
CA SER B 222 7.43 -15.14 -34.56
C SER B 222 6.32 -14.19 -34.84
N HIS B 223 6.07 -13.93 -36.12
CA HIS B 223 5.14 -12.94 -36.53
C HIS B 223 5.71 -11.58 -36.04
N LEU B 224 5.29 -10.51 -36.69
CA LEU B 224 5.69 -9.15 -36.26
C LEU B 224 4.55 -8.35 -35.65
N VAL B 225 4.29 -8.53 -34.36
CA VAL B 225 2.95 -8.33 -33.81
C VAL B 225 2.90 -7.36 -32.62
N LEU B 226 1.67 -6.98 -32.26
CA LEU B 226 1.38 -6.24 -31.04
C LEU B 226 0.75 -7.20 -30.01
N PRO B 227 1.56 -7.69 -29.05
CA PRO B 227 1.01 -8.68 -28.15
C PRO B 227 0.02 -8.11 -27.18
N GLU B 228 -0.76 -9.00 -26.59
CA GLU B 228 -1.81 -8.64 -25.67
C GLU B 228 -1.61 -9.35 -24.32
N ASP B 229 -1.59 -8.59 -23.24
CA ASP B 229 -1.47 -9.14 -21.90
C ASP B 229 -2.82 -8.96 -21.25
N GLY B 230 -3.54 -10.05 -21.05
CA GLY B 230 -4.95 -10.01 -20.63
C GLY B 230 -5.17 -9.86 -19.13
N ARG B 231 -4.11 -9.64 -18.36
CA ARG B 231 -4.25 -9.59 -16.92
C ARG B 231 -4.81 -8.26 -16.38
N SER B 232 -5.29 -8.31 -15.15
CA SER B 232 -5.84 -7.16 -14.47
C SER B 232 -4.72 -6.31 -13.88
N LEU B 233 -5.03 -5.05 -13.61
CA LEU B 233 -4.08 -4.17 -12.96
C LEU B 233 -3.58 -4.74 -11.61
N ASP B 234 -4.47 -5.32 -10.82
CA ASP B 234 -4.09 -5.90 -9.53
C ASP B 234 -3.05 -7.01 -9.72
N GLU B 235 -3.23 -7.83 -10.74
CA GLU B 235 -2.27 -8.89 -11.01
C GLU B 235 -0.89 -8.28 -11.34
N LEU B 236 -0.87 -7.21 -12.13
CA LEU B 236 0.40 -6.53 -12.44
C LEU B 236 1.00 -5.86 -11.22
N GLU B 237 0.17 -5.28 -10.37
CA GLU B 237 0.66 -4.64 -9.15
C GLU B 237 1.27 -5.65 -8.19
N ALA B 238 0.72 -6.86 -8.16
CA ALA B 238 1.24 -7.89 -7.27
C ALA B 238 2.60 -8.45 -7.73
N ALA B 239 3.00 -8.17 -8.97
CA ALA B 239 4.24 -8.76 -9.52
C ALA B 239 5.01 -7.84 -10.46
N ASP B 240 4.59 -7.79 -11.73
CA ASP B 240 5.39 -7.13 -12.78
C ASP B 240 5.72 -5.67 -12.48
N LEU B 241 4.77 -4.94 -11.89
CA LEU B 241 4.97 -3.52 -11.61
C LEU B 241 5.90 -3.24 -10.44
N ALA B 242 6.06 -4.19 -9.52
CA ALA B 242 6.76 -3.92 -8.28
C ALA B 242 8.23 -3.52 -8.48
N PRO B 243 8.96 -4.19 -9.40
CA PRO B 243 10.32 -3.71 -9.65
C PRO B 243 10.37 -2.28 -10.19
N PHE B 244 9.40 -1.90 -11.02
CA PHE B 244 9.34 -0.54 -11.55
C PHE B 244 9.11 0.46 -10.41
N ARG B 245 8.18 0.16 -9.52
CA ARG B 245 7.91 1.03 -8.34
C ARG B 245 9.16 1.22 -7.51
N ILE B 246 9.81 0.11 -7.18
CA ILE B 246 10.96 0.11 -6.32
C ILE B 246 12.14 0.85 -6.97
N MET B 247 12.39 0.59 -8.24
CA MET B 247 13.48 1.28 -8.94
C MET B 247 13.21 2.77 -9.05
N SER B 248 11.95 3.12 -9.28
CA SER B 248 11.55 4.53 -9.37
C SER B 248 11.83 5.26 -8.05
N ARG B 249 11.42 4.65 -6.94
CA ARG B 249 11.70 5.18 -5.61
C ARG B 249 13.21 5.37 -5.38
N GLU B 250 14.03 4.45 -5.88
CA GLU B 250 15.47 4.49 -5.69
C GLU B 250 16.24 5.22 -6.78
N GLY B 251 15.56 6.04 -7.57
CA GLY B 251 16.25 7.00 -8.41
C GLY B 251 16.50 6.60 -9.86
N MET B 252 15.81 5.58 -10.37
CA MET B 252 15.87 5.22 -11.77
C MET B 252 15.63 6.44 -12.65
N ALA B 253 16.48 6.65 -13.65
CA ALA B 253 16.45 7.87 -14.46
C ALA B 253 15.47 7.85 -15.60
N ALA B 254 15.14 6.67 -16.10
CA ALA B 254 14.30 6.57 -17.26
C ALA B 254 13.60 5.25 -17.35
N VAL B 255 12.62 5.22 -18.25
CA VAL B 255 11.87 4.03 -18.57
C VAL B 255 11.67 3.94 -20.09
N MET B 256 11.66 2.73 -20.59
CA MET B 256 11.28 2.43 -21.95
C MET B 256 9.98 1.64 -21.82
N PRO B 257 8.94 2.01 -22.59
CA PRO B 257 7.64 1.35 -22.47
C PRO B 257 7.57 0.07 -23.30
N ALA B 258 6.72 -0.86 -22.88
CA ALA B 258 6.47 -2.07 -23.65
C ALA B 258 5.52 -1.75 -24.82
N HIS B 259 5.80 -2.32 -25.98
CA HIS B 259 4.86 -2.28 -27.10
C HIS B 259 3.87 -3.44 -26.94
N VAL B 260 2.96 -3.25 -26.01
CA VAL B 260 2.08 -4.30 -25.54
C VAL B 260 0.79 -3.63 -25.10
N VAL B 261 -0.35 -4.26 -25.43
CA VAL B 261 -1.66 -3.79 -25.02
C VAL B 261 -2.11 -4.61 -23.81
N TYR B 262 -2.63 -3.93 -22.80
CA TYR B 262 -3.14 -4.54 -21.60
C TYR B 262 -4.61 -4.17 -21.51
N PRO B 263 -5.49 -4.91 -22.21
CA PRO B 263 -6.87 -4.44 -22.45
C PRO B 263 -7.69 -4.14 -21.21
N GLN B 264 -7.42 -4.81 -20.09
CA GLN B 264 -8.16 -4.52 -18.87
C GLN B 264 -7.84 -3.15 -18.29
N VAL B 265 -6.76 -2.53 -18.77
CA VAL B 265 -6.37 -1.20 -18.30
C VAL B 265 -6.56 -0.14 -19.39
N ASP B 266 -6.20 -0.46 -20.63
CA ASP B 266 -6.35 0.48 -21.73
C ASP B 266 -6.28 -0.30 -23.02
N THR B 267 -6.99 0.17 -24.03
CA THR B 267 -6.98 -0.44 -25.36
C THR B 267 -5.74 -0.06 -26.13
N LYS B 268 -5.04 0.96 -25.67
CA LYS B 268 -3.82 1.43 -26.34
C LYS B 268 -2.59 0.72 -25.78
N PRO B 269 -1.61 0.47 -26.64
CA PRO B 269 -0.30 0.06 -26.13
C PRO B 269 0.26 1.06 -25.13
N ALA B 270 1.04 0.55 -24.18
CA ALA B 270 1.54 1.36 -23.07
C ALA B 270 2.23 2.65 -23.50
N GLY B 271 3.08 2.57 -24.54
CA GLY B 271 3.85 3.73 -25.00
C GLY B 271 3.02 4.83 -25.64
N PHE B 272 1.73 4.55 -25.86
CA PHE B 272 0.78 5.52 -26.43
C PHE B 272 -0.42 5.69 -25.51
N SER B 273 -0.28 5.33 -24.23
CA SER B 273 -1.40 5.36 -23.29
C SER B 273 -1.19 6.39 -22.17
N GLU B 274 -2.06 7.39 -22.12
CA GLU B 274 -2.13 8.34 -21.01
C GLU B 274 -2.38 7.65 -19.68
N ILE B 275 -3.20 6.62 -19.70
CA ILE B 275 -3.51 5.89 -18.47
C ILE B 275 -2.23 5.27 -17.91
N TRP B 276 -1.48 4.56 -18.75
CA TRP B 276 -0.23 3.93 -18.28
C TRP B 276 0.83 4.95 -17.88
N LEU B 277 1.01 5.96 -18.71
CA LEU B 277 2.13 6.87 -18.53
C LEU B 277 1.84 8.02 -17.56
N LYS B 278 0.65 8.60 -17.64
CA LYS B 278 0.33 9.76 -16.77
C LYS B 278 -0.36 9.33 -15.50
N GLN B 279 -1.42 8.56 -15.65
CA GLN B 279 -2.21 8.16 -14.49
C GLN B 279 -1.46 7.15 -13.60
N ILE B 280 -0.85 6.14 -14.22
CA ILE B 280 -0.20 5.10 -13.44
C ILE B 280 1.25 5.44 -13.13
N LEU B 281 2.06 5.68 -14.16
CA LEU B 281 3.49 5.87 -13.92
C LEU B 281 3.80 7.20 -13.22
N ARG B 282 3.27 8.30 -13.72
CA ARG B 282 3.52 9.62 -13.09
C ARG B 282 2.80 9.77 -11.77
N ARG B 283 1.49 9.67 -11.80
CA ARG B 283 0.64 10.04 -10.64
C ARG B 283 0.65 9.00 -9.53
N ASP B 284 0.37 7.76 -9.88
CA ASP B 284 0.30 6.68 -8.89
C ASP B 284 1.70 6.24 -8.39
N ILE B 285 2.65 6.02 -9.29
CA ILE B 285 3.99 5.56 -8.89
C ILE B 285 4.87 6.72 -8.48
N GLY B 286 4.63 7.91 -9.03
CA GLY B 286 5.43 9.08 -8.66
C GLY B 286 6.77 9.19 -9.38
N PHE B 287 6.88 8.57 -10.55
CA PHE B 287 8.11 8.57 -11.32
C PHE B 287 8.35 9.95 -11.92
N LYS B 288 9.56 10.49 -11.71
CA LYS B 288 9.88 11.83 -12.18
C LYS B 288 10.91 11.86 -13.32
N GLY B 289 11.37 10.69 -13.76
CA GLY B 289 12.40 10.62 -14.77
C GLY B 289 11.87 10.69 -16.19
N VAL B 290 12.73 10.33 -17.14
CA VAL B 290 12.39 10.32 -18.54
C VAL B 290 11.52 9.15 -18.91
N ILE B 291 10.49 9.42 -19.70
CA ILE B 291 9.75 8.37 -20.39
C ILE B 291 10.11 8.48 -21.85
N PHE B 292 10.84 7.49 -22.35
CA PHE B 292 11.13 7.41 -23.79
C PHE B 292 9.94 6.86 -24.57
N SER B 293 9.87 7.19 -25.85
CA SER B 293 8.82 6.68 -26.74
C SER B 293 9.21 5.32 -27.30
N ASP B 294 8.28 4.65 -27.98
CA ASP B 294 8.64 3.56 -28.88
C ASP B 294 9.62 4.11 -29.96
N ASP B 295 10.18 3.25 -30.82
CA ASP B 295 10.86 3.73 -32.05
C ASP B 295 9.70 4.07 -32.97
N LEU B 296 9.62 5.34 -33.35
CA LEU B 296 8.45 5.87 -34.06
C LEU B 296 8.46 5.55 -35.54
N THR B 297 9.61 5.13 -36.02
CA THR B 297 9.89 4.81 -37.38
C THR B 297 9.13 3.54 -37.72
N MET B 298 9.02 2.64 -36.74
CA MET B 298 8.39 1.35 -36.98
C MET B 298 6.93 1.51 -37.42
N GLU B 299 6.49 0.54 -38.21
CA GLU B 299 5.24 0.61 -38.96
C GLU B 299 5.36 1.76 -39.97
N GLY B 300 6.60 2.09 -40.33
CA GLY B 300 6.93 3.04 -41.41
C GLY B 300 6.65 4.52 -41.22
N ALA B 301 5.86 4.87 -40.19
CA ALA B 301 5.22 6.19 -40.15
C ALA B 301 4.54 6.51 -41.51
N CYS B 302 3.88 5.50 -42.09
CA CYS B 302 3.15 5.64 -43.34
C CYS B 302 1.73 6.15 -43.05
N GLY B 303 1.39 6.29 -41.76
CA GLY B 303 0.09 6.76 -41.36
C GLY B 303 -0.12 8.21 -41.72
N ALA B 304 -1.37 8.63 -41.68
CA ALA B 304 -1.71 10.02 -41.95
C ALA B 304 -0.96 10.94 -40.97
N GLY B 305 -0.43 12.03 -41.51
CA GLY B 305 0.33 12.99 -40.72
C GLY B 305 1.80 12.61 -40.59
N GLY B 306 2.10 11.35 -40.86
CA GLY B 306 3.48 10.86 -40.88
C GLY B 306 4.20 10.92 -39.53
N ILE B 307 5.51 11.14 -39.59
CA ILE B 307 6.34 11.16 -38.39
C ILE B 307 5.92 12.26 -37.41
N LYS B 308 5.57 13.44 -37.93
CA LYS B 308 5.10 14.53 -37.08
C LYS B 308 3.89 14.11 -36.25
N GLU B 309 2.94 13.41 -36.87
CA GLU B 309 1.75 12.94 -36.15
C GLU B 309 2.08 11.84 -35.13
N ARG B 310 2.94 10.92 -35.55
CA ARG B 310 3.39 9.85 -34.65
C ARG B 310 4.07 10.43 -33.39
N ALA B 311 4.93 11.41 -33.59
CA ALA B 311 5.58 12.10 -32.47
C ALA B 311 4.55 12.80 -31.60
N ARG B 312 3.63 13.50 -32.25
CA ARG B 312 2.56 14.21 -31.51
C ARG B 312 1.83 13.29 -30.55
N ILE B 313 1.43 12.10 -31.00
CA ILE B 313 0.63 11.24 -30.13
C ILE B 313 1.48 10.62 -29.00
N SER B 314 2.76 10.42 -29.26
CA SER B 314 3.69 9.94 -28.24
C SER B 314 3.85 11.01 -27.13
N PHE B 315 4.11 12.26 -27.51
CA PHE B 315 4.19 13.35 -26.51
C PHE B 315 2.87 13.49 -25.75
N GLU B 316 1.75 13.47 -26.48
CA GLU B 316 0.42 13.62 -25.87
C GLU B 316 0.13 12.51 -24.86
N ALA B 317 0.64 11.30 -25.13
CA ALA B 317 0.47 10.19 -24.17
C ALA B 317 1.31 10.33 -22.89
N GLY B 318 2.38 11.12 -22.93
CA GLY B 318 3.22 11.36 -21.74
C GLY B 318 4.71 11.10 -21.92
N CYS B 319 5.15 10.74 -23.13
CA CYS B 319 6.57 10.59 -23.40
C CYS B 319 7.28 11.95 -23.37
N ASP B 320 8.49 11.98 -22.80
CA ASP B 320 9.33 13.18 -22.79
C ASP B 320 10.13 13.30 -24.07
N ILE B 321 10.66 12.16 -24.52
CA ILE B 321 11.65 12.14 -25.57
C ILE B 321 11.27 11.05 -26.57
N VAL B 322 11.27 11.40 -27.86
CA VAL B 322 10.94 10.45 -28.88
C VAL B 322 12.21 9.95 -29.57
N LEU B 323 12.24 8.65 -29.81
CA LEU B 323 13.33 8.00 -30.51
C LEU B 323 12.97 7.87 -31.96
N VAL B 324 13.89 8.24 -32.84
CA VAL B 324 13.73 8.05 -34.27
C VAL B 324 15.03 7.47 -34.83
N CYS B 325 15.04 6.15 -35.05
CA CYS B 325 16.23 5.41 -35.37
C CYS B 325 16.25 4.94 -36.82
N ASN B 326 17.44 4.87 -37.39
CA ASN B 326 17.69 4.33 -38.72
C ASN B 326 17.04 5.11 -39.86
N ARG B 327 16.58 6.32 -39.58
CA ARG B 327 15.81 7.08 -40.56
C ARG B 327 16.09 8.56 -40.47
N PRO B 328 17.30 8.97 -40.86
CA PRO B 328 17.65 10.39 -40.80
C PRO B 328 16.73 11.27 -41.68
N ASP B 329 16.18 10.67 -42.74
CA ASP B 329 15.13 11.34 -43.54
C ASP B 329 13.90 11.73 -42.69
N LEU B 330 13.45 10.83 -41.82
CA LEU B 330 12.31 11.12 -40.95
C LEU B 330 12.66 12.11 -39.85
N VAL B 331 13.91 12.09 -39.40
CA VAL B 331 14.36 13.07 -38.42
C VAL B 331 14.36 14.44 -39.09
N ASP B 332 14.83 14.50 -40.33
CA ASP B 332 14.80 15.75 -41.09
C ASP B 332 13.37 16.27 -41.33
N GLU B 333 12.46 15.35 -41.65
CA GLU B 333 11.07 15.71 -41.83
C GLU B 333 10.47 16.21 -40.52
N LEU B 334 10.76 15.52 -39.42
CA LEU B 334 10.19 15.87 -38.12
C LEU B 334 10.67 17.23 -37.65
N ARG B 335 11.97 17.49 -37.78
CA ARG B 335 12.55 18.72 -37.22
C ARG B 335 12.24 20.02 -38.00
N ASP B 336 11.91 19.88 -39.29
CA ASP B 336 11.61 21.04 -40.13
C ASP B 336 10.27 21.67 -39.74
N GLY B 337 10.33 22.87 -39.16
CA GLY B 337 9.15 23.55 -38.64
C GLY B 337 8.62 22.94 -37.36
N PHE B 338 9.46 22.19 -36.65
CA PHE B 338 9.05 21.50 -35.44
C PHE B 338 8.83 22.50 -34.31
N THR B 339 7.71 22.37 -33.62
CA THR B 339 7.46 23.14 -32.41
C THR B 339 7.71 22.23 -31.20
N ILE B 340 8.68 22.65 -30.38
CA ILE B 340 9.06 21.91 -29.20
C ILE B 340 7.91 21.96 -28.20
N PRO B 341 7.29 20.81 -27.87
CA PRO B 341 6.18 20.83 -26.92
C PRO B 341 6.61 21.37 -25.58
N ASP B 342 5.69 21.99 -24.87
CA ASP B 342 6.01 22.59 -23.60
C ASP B 342 6.24 21.50 -22.57
N ASN B 343 7.44 21.50 -22.00
CA ASN B 343 7.80 20.53 -21.02
C ASN B 343 8.87 21.16 -20.14
N GLN B 344 8.42 21.73 -19.04
CA GLN B 344 9.32 22.41 -18.13
C GLN B 344 10.28 21.46 -17.42
N ASP B 345 9.96 20.17 -17.42
CA ASP B 345 10.80 19.18 -16.75
C ASP B 345 11.85 18.56 -17.65
N LEU B 346 11.78 18.83 -18.95
CA LEU B 346 12.64 18.17 -19.89
C LEU B 346 14.12 18.38 -19.57
N ALA B 347 14.51 19.64 -19.38
CA ALA B 347 15.92 19.99 -19.18
C ALA B 347 16.54 19.21 -18.02
N GLY B 348 15.81 19.15 -16.91
CA GLY B 348 16.29 18.46 -15.73
C GLY B 348 16.30 16.95 -15.92
N ARG B 349 15.29 16.42 -16.62
CA ARG B 349 15.22 14.99 -16.93
C ARG B 349 16.40 14.53 -17.81
N TRP B 350 16.77 15.32 -18.82
CA TRP B 350 17.98 15.02 -19.61
C TRP B 350 19.24 15.11 -18.74
N GLN B 351 19.35 16.18 -17.96
CA GLN B 351 20.57 16.43 -17.19
C GLN B 351 20.86 15.38 -16.14
N TYR B 352 19.81 14.87 -15.50
CA TYR B 352 19.95 13.81 -14.55
C TYR B 352 20.70 12.60 -15.14
N MET B 353 20.56 12.41 -16.45
CA MET B 353 21.17 11.28 -17.16
C MET B 353 22.64 11.51 -17.56
N GLU B 354 23.16 12.72 -17.37
CA GLU B 354 24.54 12.99 -17.79
C GLU B 354 25.50 12.11 -16.99
N ASN B 355 26.54 11.62 -17.65
CA ASN B 355 27.54 10.82 -16.97
C ASN B 355 28.16 11.62 -15.83
N SER B 356 28.31 10.98 -14.68
CA SER B 356 28.80 11.64 -13.46
C SER B 356 30.33 11.51 -13.23
N LEU B 357 31.04 10.75 -14.06
CA LEU B 357 32.50 10.60 -13.94
C LEU B 357 33.26 11.36 -15.00
N GLY B 358 34.32 12.07 -14.58
CA GLY B 358 35.25 12.71 -15.50
C GLY B 358 36.18 11.69 -16.13
N HIS B 359 36.73 12.04 -17.28
CA HIS B 359 37.52 11.12 -18.09
C HIS B 359 38.72 10.57 -17.31
N GLU B 360 39.41 11.45 -16.60
CA GLU B 360 40.60 11.05 -15.84
C GLU B 360 40.26 10.11 -14.71
N ALA B 361 39.20 10.43 -13.97
CA ALA B 361 38.71 9.56 -12.91
C ALA B 361 38.39 8.13 -13.37
N VAL B 362 37.85 7.99 -14.59
CA VAL B 362 37.56 6.67 -15.16
C VAL B 362 38.86 5.93 -15.47
N GLN B 363 39.81 6.60 -16.12
CA GLN B 363 41.10 5.97 -16.45
C GLN B 363 41.80 5.46 -15.19
N ALA B 364 41.73 6.25 -14.12
CA ALA B 364 42.35 5.86 -12.86
C ALA B 364 41.72 4.60 -12.31
N VAL B 365 40.39 4.61 -12.23
CA VAL B 365 39.68 3.46 -11.68
C VAL B 365 39.95 2.17 -12.45
N MET B 366 40.10 2.28 -13.76
CA MET B 366 40.33 1.08 -14.59
C MET B 366 41.73 0.47 -14.41
N GLN B 367 42.69 1.26 -13.91
CA GLN B 367 44.02 0.74 -13.62
C GLN B 367 44.07 -0.04 -12.31
N THR B 368 43.05 0.12 -11.45
CA THR B 368 43.09 -0.52 -10.15
C THR B 368 42.96 -2.03 -10.27
N MET B 369 43.49 -2.75 -9.30
CA MET B 369 43.39 -4.20 -9.27
C MET B 369 41.97 -4.62 -9.02
N GLY B 370 41.25 -3.88 -8.18
CA GLY B 370 39.87 -4.16 -7.86
C GLY B 370 38.98 -4.16 -9.09
N PHE B 371 39.15 -3.16 -9.94
CA PHE B 371 38.36 -3.07 -11.16
C PHE B 371 38.75 -4.17 -12.14
N GLN B 372 40.04 -4.44 -12.27
CA GLN B 372 40.48 -5.48 -13.20
C GLN B 372 39.99 -6.84 -12.76
N ALA B 373 39.88 -7.05 -11.44
CA ALA B 373 39.31 -8.27 -10.90
C ALA B 373 37.81 -8.36 -11.24
N ALA B 374 37.11 -7.23 -11.08
CA ALA B 374 35.71 -7.12 -11.51
C ALA B 374 35.60 -7.53 -13.00
N GLN B 375 36.46 -6.99 -13.87
CA GLN B 375 36.43 -7.32 -15.28
C GLN B 375 36.54 -8.81 -15.49
N ALA B 376 37.52 -9.45 -14.85
CA ALA B 376 37.74 -10.89 -15.03
C ALA B 376 36.56 -11.68 -14.46
N PHE B 377 36.02 -11.24 -13.34
CA PHE B 377 34.86 -11.91 -12.78
C PHE B 377 33.68 -11.87 -13.76
N VAL B 378 33.38 -10.68 -14.29
CA VAL B 378 32.28 -10.50 -15.22
C VAL B 378 32.52 -11.30 -16.51
N ALA B 379 33.75 -11.24 -17.04
CA ALA B 379 34.14 -12.05 -18.19
C ALA B 379 33.88 -13.53 -17.97
N GLY B 380 34.16 -14.00 -16.76
CA GLY B 380 33.97 -15.39 -16.41
C GLY B 380 32.51 -15.81 -16.36
N LEU B 381 31.66 -14.89 -15.92
CA LEU B 381 30.24 -15.15 -15.91
C LEU B 381 29.72 -15.34 -17.34
N ALA B 382 30.27 -14.59 -18.28
CA ALA B 382 29.88 -14.65 -19.70
C ALA B 382 30.40 -15.90 -20.43
N SER B 383 31.42 -16.57 -19.88
CA SER B 383 31.98 -17.84 -20.41
C SER B 383 32.20 -18.97 -19.41
N PRO B 384 31.12 -19.64 -18.98
CA PRO B 384 31.30 -20.74 -18.00
C PRO B 384 31.72 -22.05 -18.65
N VAL C 39 -40.22 9.56 33.16
CA VAL C 39 -39.36 10.67 32.64
C VAL C 39 -38.68 11.41 33.79
N PRO C 40 -37.37 11.17 34.00
CA PRO C 40 -36.70 11.70 35.21
C PRO C 40 -36.71 13.24 35.30
N HIS C 41 -36.90 13.74 36.52
CA HIS C 41 -36.86 15.18 36.78
C HIS C 41 -35.50 15.53 37.39
N ILE C 42 -34.66 16.19 36.58
CA ILE C 42 -33.30 16.55 36.96
C ILE C 42 -33.07 18.02 36.59
N PRO C 43 -32.51 18.81 37.51
CA PRO C 43 -32.22 20.17 37.10
C PRO C 43 -31.26 20.22 35.91
N ARG C 44 -31.38 21.27 35.09
CA ARG C 44 -30.46 21.45 33.97
C ARG C 44 -29.08 21.75 34.52
N GLY C 45 -28.10 20.95 34.12
CA GLY C 45 -26.71 21.14 34.56
C GLY C 45 -26.02 22.27 33.82
N PRO C 46 -24.78 22.59 34.23
CA PRO C 46 -24.08 23.71 33.62
C PRO C 46 -23.23 23.39 32.40
N VAL C 47 -23.46 22.26 31.76
CA VAL C 47 -22.70 21.93 30.56
C VAL C 47 -23.61 21.88 29.37
N MET C 48 -23.19 22.50 28.27
CA MET C 48 -23.91 22.41 27.02
C MET C 48 -23.06 21.56 26.10
N ALA C 49 -23.62 20.46 25.65
CA ALA C 49 -22.87 19.49 24.89
C ALA C 49 -23.44 19.47 23.49
N ASP C 50 -23.10 18.45 22.71
CA ASP C 50 -23.62 18.34 21.37
C ASP C 50 -23.72 16.88 21.00
N ILE C 51 -24.04 16.63 19.74
CA ILE C 51 -24.29 15.29 19.30
C ILE C 51 -23.72 15.10 17.90
N ALA C 52 -23.51 13.84 17.55
CA ALA C 52 -22.70 13.49 16.40
C ALA C 52 -23.41 13.65 15.07
N ALA C 53 -24.66 13.23 14.99
CA ALA C 53 -25.31 13.12 13.69
C ALA C 53 -26.82 13.39 13.74
N PHE C 54 -27.63 12.66 12.97
CA PHE C 54 -29.03 13.02 12.73
C PHE C 54 -30.01 12.50 13.79
N ARG C 55 -29.65 11.43 14.50
CA ARG C 55 -30.49 10.82 15.53
C ARG C 55 -29.63 10.44 16.71
N LEU C 56 -30.21 10.45 17.90
CA LEU C 56 -29.45 10.10 19.10
C LEU C 56 -29.05 8.62 19.07
N THR C 57 -27.82 8.34 19.46
CA THR C 57 -27.38 6.98 19.74
C THR C 57 -27.70 6.71 21.19
N GLU C 58 -27.61 5.43 21.56
CA GLU C 58 -27.90 4.99 22.91
C GLU C 58 -26.90 5.60 23.87
N GLU C 59 -25.62 5.60 23.48
CA GLU C 59 -24.57 6.24 24.29
C GLU C 59 -24.85 7.73 24.50
N GLU C 60 -25.33 8.42 23.46
CA GLU C 60 -25.69 9.84 23.58
C GLU C 60 -26.86 10.03 24.56
N LYS C 61 -27.86 9.17 24.49
CA LYS C 61 -28.99 9.24 25.43
C LYS C 61 -28.52 9.16 26.88
N GLN C 62 -27.60 8.24 27.15
CA GLN C 62 -27.06 8.09 28.48
C GLN C 62 -26.24 9.30 28.88
N ARG C 63 -25.43 9.81 27.97
CA ARG C 63 -24.68 11.02 28.23
C ARG C 63 -25.60 12.19 28.55
N LEU C 64 -26.66 12.37 27.77
CA LEU C 64 -27.56 13.52 27.95
C LEU C 64 -28.40 13.44 29.22
N LEU C 65 -28.44 12.26 29.87
CA LEU C 65 -29.15 12.12 31.15
C LEU C 65 -28.28 12.50 32.32
N ASP C 66 -26.99 12.74 32.08
CA ASP C 66 -26.09 13.09 33.16
C ASP C 66 -26.53 14.43 33.76
N PRO C 67 -26.59 14.52 35.09
CA PRO C 67 -26.97 15.80 35.69
C PRO C 67 -26.04 17.01 35.38
N ALA C 68 -24.82 16.76 34.91
CA ALA C 68 -23.91 17.83 34.52
C ALA C 68 -24.40 18.60 33.28
N ILE C 69 -25.21 17.95 32.46
CA ILE C 69 -25.67 18.51 31.22
C ILE C 69 -27.01 19.24 31.39
N GLY C 70 -27.10 20.42 30.78
CA GLY C 70 -28.33 21.22 30.77
C GLY C 70 -28.83 21.63 29.40
N GLY C 71 -28.01 21.45 28.36
CA GLY C 71 -28.41 21.82 27.03
C GLY C 71 -27.54 21.24 25.93
N ILE C 72 -27.95 21.52 24.69
CA ILE C 72 -27.34 20.98 23.50
C ILE C 72 -27.26 22.06 22.42
N ILE C 73 -26.11 22.12 21.75
CA ILE C 73 -25.97 22.97 20.58
C ILE C 73 -25.95 22.06 19.36
N LEU C 74 -26.72 22.44 18.34
CA LEU C 74 -26.74 21.73 17.08
C LEU C 74 -25.93 22.44 15.98
N PHE C 75 -25.48 21.65 15.01
CA PHE C 75 -24.64 22.09 13.91
C PHE C 75 -25.19 21.53 12.64
N ARG C 76 -24.60 21.89 11.50
CA ARG C 76 -25.10 21.44 10.21
C ARG C 76 -25.09 19.91 10.09
N ARG C 77 -24.10 19.26 10.70
CA ARG C 77 -23.99 17.79 10.68
C ARG C 77 -25.17 17.09 11.38
N ASN C 78 -25.96 17.84 12.14
CA ASN C 78 -27.14 17.28 12.78
C ASN C 78 -28.40 17.51 11.96
N PHE C 79 -28.26 18.02 10.74
CA PHE C 79 -29.42 18.41 9.97
C PHE C 79 -29.47 17.71 8.61
N GLN C 80 -30.57 17.02 8.38
CA GLN C 80 -30.85 16.30 7.15
C GLN C 80 -32.01 17.03 6.47
N ASN C 81 -33.10 17.18 7.22
CA ASN C 81 -34.25 17.94 6.77
C ASN C 81 -35.12 18.27 7.97
N ILE C 82 -36.15 19.07 7.75
CA ILE C 82 -37.00 19.55 8.81
C ILE C 82 -37.65 18.43 9.65
N GLU C 83 -38.14 17.39 9.00
CA GLU C 83 -38.81 16.32 9.72
C GLU C 83 -37.85 15.54 10.59
N GLN C 84 -36.68 15.21 10.03
CA GLN C 84 -35.64 14.59 10.84
C GLN C 84 -35.28 15.49 12.03
N LEU C 85 -35.12 16.80 11.78
CA LEU C 85 -34.76 17.71 12.86
C LEU C 85 -35.79 17.70 13.99
N LYS C 86 -37.07 17.72 13.62
CA LYS C 86 -38.17 17.68 14.61
C LYS C 86 -38.09 16.41 15.44
N THR C 87 -37.81 15.30 14.79
CA THR C 87 -37.69 14.02 15.48
C THR C 87 -36.52 14.08 16.46
N LEU C 88 -35.41 14.67 16.02
CA LEU C 88 -34.22 14.78 16.85
C LEU C 88 -34.50 15.64 18.09
N THR C 89 -35.09 16.80 17.89
CA THR C 89 -35.32 17.70 19.02
C THR C 89 -36.31 17.07 19.99
N ALA C 90 -37.33 16.41 19.45
CA ALA C 90 -38.32 15.73 20.30
C ALA C 90 -37.66 14.68 21.19
N GLU C 91 -36.81 13.83 20.61
CA GLU C 91 -36.18 12.79 21.42
C GLU C 91 -35.19 13.37 22.44
N ILE C 92 -34.53 14.48 22.10
CA ILE C 92 -33.70 15.18 23.08
C ILE C 92 -34.54 15.68 24.26
N LYS C 93 -35.66 16.30 23.93
CA LYS C 93 -36.53 16.90 24.94
C LYS C 93 -37.20 15.84 25.82
N ALA C 94 -37.49 14.67 25.22
CA ALA C 94 -38.17 13.58 25.93
C ALA C 94 -37.33 12.93 27.04
N LEU C 95 -36.02 13.12 27.00
CA LEU C 95 -35.14 12.44 27.94
C LEU C 95 -35.38 12.84 29.38
N ARG C 96 -35.72 14.10 29.61
CA ARG C 96 -35.76 14.63 30.97
C ARG C 96 -36.52 15.92 31.06
N THR C 97 -36.81 16.33 32.29
CA THR C 97 -37.49 17.57 32.60
C THR C 97 -36.73 18.23 33.76
N PRO C 98 -36.61 19.58 33.75
CA PRO C 98 -36.91 20.48 32.65
C PRO C 98 -36.18 20.05 31.37
N GLU C 99 -36.82 20.25 30.23
CA GLU C 99 -36.30 19.78 28.98
C GLU C 99 -34.99 20.48 28.67
N LEU C 100 -34.04 19.72 28.13
CA LEU C 100 -32.75 20.26 27.73
C LEU C 100 -32.96 21.40 26.74
N ILE C 101 -32.26 22.52 26.99
CA ILE C 101 -32.32 23.67 26.10
C ILE C 101 -31.52 23.38 24.84
N ILE C 102 -32.07 23.69 23.69
CA ILE C 102 -31.44 23.39 22.42
C ILE C 102 -31.17 24.69 21.67
N ALA C 103 -29.92 24.88 21.25
CA ALA C 103 -29.51 26.10 20.55
C ALA C 103 -28.81 25.79 19.25
N VAL C 104 -28.68 26.83 18.43
CA VAL C 104 -28.02 26.75 17.13
C VAL C 104 -27.51 28.15 16.74
N ASP C 105 -26.47 28.20 15.92
CA ASP C 105 -25.97 29.45 15.35
C ASP C 105 -26.70 29.78 14.05
N HIS C 106 -27.80 30.52 14.16
CA HIS C 106 -28.44 31.13 12.98
C HIS C 106 -28.33 32.63 13.07
N GLU C 107 -27.29 33.16 12.44
CA GLU C 107 -27.06 34.60 12.40
C GLU C 107 -27.64 35.13 11.12
N GLY C 108 -27.30 34.46 10.02
CA GLY C 108 -27.56 34.95 8.70
C GLY C 108 -26.30 34.93 7.84
N GLY C 109 -26.49 34.96 6.54
CA GLY C 109 -25.36 34.95 5.62
C GLY C 109 -24.58 33.66 5.77
N ARG C 110 -23.28 33.79 6.04
CA ARG C 110 -22.39 32.62 6.06
C ARG C 110 -22.43 31.87 7.38
N VAL C 111 -23.31 32.30 8.28
CA VAL C 111 -23.53 31.56 9.52
C VAL C 111 -25.01 31.20 9.64
N GLN C 112 -25.37 30.08 9.01
CA GLN C 112 -26.72 29.54 9.06
C GLN C 112 -26.62 28.03 8.88
N ARG C 113 -26.75 27.28 9.98
CA ARG C 113 -26.49 25.84 9.96
C ARG C 113 -27.46 25.07 9.08
N PHE C 114 -28.73 25.42 9.15
CA PHE C 114 -29.79 24.67 8.50
C PHE C 114 -30.28 25.44 7.29
N ILE C 115 -30.07 24.88 6.09
CA ILE C 115 -30.35 25.60 4.86
C ILE C 115 -31.64 25.09 4.19
N GLU C 116 -31.64 23.80 3.82
CA GLU C 116 -32.78 23.21 3.09
C GLU C 116 -34.08 23.27 3.88
N GLY C 117 -35.10 23.87 3.28
CA GLY C 117 -36.40 23.98 3.92
C GLY C 117 -36.54 25.20 4.82
N PHE C 118 -35.47 26.00 4.94
CA PHE C 118 -35.49 27.25 5.69
C PHE C 118 -35.40 28.41 4.71
N THR C 119 -35.93 29.56 5.10
CA THR C 119 -35.64 30.80 4.39
C THR C 119 -34.13 31.10 4.53
N ARG C 120 -33.48 31.46 3.42
CA ARG C 120 -32.09 31.86 3.46
C ARG C 120 -32.00 33.26 4.06
N LEU C 121 -31.18 33.41 5.10
CA LEU C 121 -31.10 34.65 5.84
C LEU C 121 -29.97 35.53 5.34
N PRO C 122 -30.17 36.86 5.32
CA PRO C 122 -29.12 37.73 4.86
C PRO C 122 -28.10 37.89 5.94
N ALA C 123 -26.89 38.26 5.55
CA ALA C 123 -25.86 38.67 6.50
C ALA C 123 -26.34 39.94 7.21
N MET C 124 -25.99 40.08 8.48
CA MET C 124 -26.43 41.23 9.25
C MET C 124 -25.97 42.57 8.67
N ASN C 125 -24.84 42.61 7.97
CA ASN C 125 -24.41 43.88 7.42
C ASN C 125 -25.36 44.41 6.34
N VAL C 126 -26.16 43.52 5.76
CA VAL C 126 -27.18 43.93 4.80
C VAL C 126 -28.16 44.89 5.49
N LEU C 127 -28.46 44.66 6.76
CA LEU C 127 -29.35 45.53 7.51
C LEU C 127 -28.71 46.87 7.76
N GLY C 128 -27.40 46.89 8.00
CA GLY C 128 -26.65 48.13 8.15
C GLY C 128 -26.56 48.91 6.85
N GLN C 129 -26.55 48.22 5.72
CA GLN C 129 -26.57 48.87 4.43
C GLN C 129 -27.92 49.55 4.17
N ILE C 130 -29.02 48.89 4.56
CA ILE C 130 -30.33 49.49 4.47
C ILE C 130 -30.37 50.74 5.35
N TRP C 131 -29.78 50.67 6.54
CA TRP C 131 -29.68 51.83 7.43
C TRP C 131 -29.03 53.03 6.71
N ASP C 132 -27.90 52.79 6.08
CA ASP C 132 -27.16 53.84 5.39
C ASP C 132 -27.93 54.40 4.18
N LYS C 133 -28.64 53.54 3.47
CA LYS C 133 -29.28 53.93 2.21
C LYS C 133 -30.70 54.43 2.38
N ASP C 134 -31.53 53.68 3.09
CA ASP C 134 -32.95 54.01 3.27
C ASP C 134 -33.29 54.58 4.63
N GLY C 135 -32.33 54.62 5.56
CA GLY C 135 -32.56 55.20 6.87
C GLY C 135 -32.90 54.19 7.97
N ALA C 136 -32.80 54.67 9.21
CA ALA C 136 -32.96 53.85 10.40
C ALA C 136 -34.30 53.16 10.46
N SER C 137 -35.34 53.88 10.09
CA SER C 137 -36.68 53.35 10.24
C SER C 137 -36.89 52.11 9.37
N ALA C 138 -36.50 52.20 8.11
CA ALA C 138 -36.63 51.06 7.18
C ALA C 138 -35.73 49.88 7.61
N ALA C 139 -34.54 50.21 8.12
CA ALA C 139 -33.60 49.19 8.55
C ALA C 139 -34.12 48.43 9.77
N GLU C 140 -34.63 49.17 10.76
CA GLU C 140 -35.23 48.56 11.94
C GLU C 140 -36.39 47.64 11.56
N THR C 141 -37.24 48.09 10.65
CA THR C 141 -38.36 47.28 10.21
C THR C 141 -37.89 45.98 9.57
N ALA C 142 -36.86 46.11 8.75
CA ALA C 142 -36.30 44.94 8.09
C ALA C 142 -35.68 43.98 9.11
N ALA C 143 -34.96 44.53 10.08
CA ALA C 143 -34.33 43.71 11.13
C ALA C 143 -35.38 42.94 11.92
N GLY C 144 -36.51 43.58 12.21
CA GLY C 144 -37.62 42.93 12.91
C GLY C 144 -38.16 41.73 12.17
N GLN C 145 -38.30 41.85 10.86
CA GLN C 145 -38.76 40.75 10.02
C GLN C 145 -37.74 39.62 9.93
N VAL C 146 -36.48 39.97 9.79
CA VAL C 146 -35.41 38.95 9.73
C VAL C 146 -35.46 38.16 11.03
N GLY C 147 -35.51 38.86 12.15
CA GLY C 147 -35.59 38.19 13.47
C GLY C 147 -36.78 37.26 13.58
N ARG C 148 -37.92 37.76 13.15
CA ARG C 148 -39.16 36.98 13.19
C ARG C 148 -39.09 35.70 12.38
N VAL C 149 -38.65 35.80 11.14
CA VAL C 149 -38.52 34.63 10.27
C VAL C 149 -37.49 33.66 10.83
N LEU C 150 -36.33 34.20 11.19
CA LEU C 150 -35.23 33.39 11.72
C LEU C 150 -35.71 32.52 12.87
N ALA C 151 -36.31 33.17 13.85
CA ALA C 151 -36.72 32.50 15.09
C ALA C 151 -37.91 31.58 14.89
N THR C 152 -38.90 32.03 14.13
CA THR C 152 -40.12 31.22 13.94
C THR C 152 -39.82 29.87 13.27
N GLU C 153 -39.02 29.89 12.22
CA GLU C 153 -38.74 28.67 11.49
C GLU C 153 -37.99 27.69 12.37
N LEU C 154 -37.12 28.21 13.24
CA LEU C 154 -36.39 27.35 14.15
C LEU C 154 -37.31 26.84 15.27
N SER C 155 -38.21 27.72 15.74
CA SER C 155 -39.13 27.33 16.78
C SER C 155 -40.05 26.18 16.35
N ALA C 156 -40.41 26.16 15.06
CA ALA C 156 -41.18 25.07 14.49
C ALA C 156 -40.52 23.72 14.63
N CYS C 157 -39.19 23.73 14.74
CA CYS C 157 -38.45 22.50 14.73
C CYS C 157 -38.05 22.07 16.12
N GLY C 158 -38.50 22.79 17.14
CA GLY C 158 -38.17 22.44 18.53
C GLY C 158 -36.90 23.09 19.09
N ILE C 159 -36.39 24.12 18.40
CA ILE C 159 -35.17 24.81 18.82
C ILE C 159 -35.56 25.89 19.80
N ASP C 160 -34.80 26.07 20.87
CA ASP C 160 -35.12 27.12 21.84
C ASP C 160 -34.57 28.51 21.47
N LEU C 161 -33.36 28.55 20.93
CA LEU C 161 -32.60 29.78 20.86
C LEU C 161 -31.61 29.75 19.70
N SER C 162 -31.48 30.89 19.02
CA SER C 162 -30.34 31.11 18.12
C SER C 162 -29.30 32.00 18.78
N PHE C 163 -28.04 31.66 18.62
CA PHE C 163 -26.94 32.45 19.16
C PHE C 163 -26.72 33.68 18.27
N THR C 164 -27.57 34.69 18.45
CA THR C 164 -27.58 35.88 17.66
C THR C 164 -28.26 36.94 18.54
N PRO C 165 -27.91 38.22 18.37
CA PRO C 165 -27.08 38.82 17.34
C PRO C 165 -25.64 39.10 17.70
N VAL C 166 -24.82 39.17 16.65
CA VAL C 166 -23.50 39.75 16.74
C VAL C 166 -23.65 41.26 17.00
N LEU C 167 -22.97 41.73 18.04
CA LEU C 167 -22.94 43.11 18.44
C LEU C 167 -21.56 43.74 18.23
N ASP C 168 -20.64 42.96 17.69
CA ASP C 168 -19.31 43.45 17.36
C ASP C 168 -19.45 44.58 16.33
N LEU C 169 -18.58 45.57 16.45
CA LEU C 169 -18.60 46.71 15.53
C LEU C 169 -17.68 46.45 14.33
N ASP C 170 -18.11 46.88 13.17
CA ASP C 170 -17.30 46.72 11.98
C ASP C 170 -16.22 47.80 11.90
N TRP C 171 -15.10 47.58 12.60
CA TRP C 171 -13.97 48.47 12.52
C TRP C 171 -13.16 48.28 11.24
N GLY C 172 -13.53 47.30 10.42
CA GLY C 172 -12.78 47.03 9.17
C GLY C 172 -11.46 46.29 9.43
N ASN C 173 -11.37 45.61 10.57
CA ASN C 173 -10.17 44.88 10.95
C ASN C 173 -10.30 43.35 10.98
N CYS C 174 -11.51 42.82 11.22
CA CYS C 174 -11.67 41.43 11.64
C CYS C 174 -12.46 40.65 10.61
N ALA C 175 -11.75 39.86 9.81
CA ALA C 175 -12.37 39.12 8.72
C ALA C 175 -13.32 38.04 9.19
N VAL C 176 -13.00 37.39 10.30
CA VAL C 176 -13.87 36.33 10.77
C VAL C 176 -15.25 36.85 11.20
N ILE C 177 -15.33 38.12 11.63
CA ILE C 177 -16.60 38.75 11.91
C ILE C 177 -17.14 39.21 10.57
N GLY C 178 -16.38 40.06 9.91
CA GLY C 178 -16.70 40.50 8.56
C GLY C 178 -18.09 41.09 8.38
N ASN C 179 -18.84 40.53 7.45
CA ASN C 179 -20.19 40.94 7.25
C ASN C 179 -21.20 40.44 8.30
N ARG C 180 -20.73 39.73 9.34
CA ARG C 180 -21.60 39.31 10.42
C ARG C 180 -21.97 40.48 11.34
N SER C 181 -21.20 41.57 11.27
CA SER C 181 -21.49 42.77 12.05
C SER C 181 -22.49 43.64 11.31
N PHE C 182 -23.44 44.22 12.04
CA PHE C 182 -24.43 45.08 11.45
C PHE C 182 -23.81 46.31 10.78
N HIS C 183 -22.79 46.88 11.42
CA HIS C 183 -22.37 48.24 11.08
C HIS C 183 -21.14 48.65 11.89
N ARG C 184 -20.44 49.68 11.42
CA ARG C 184 -19.32 50.27 12.16
C ARG C 184 -19.76 51.02 13.41
N ASN C 185 -20.93 51.61 13.36
CA ASN C 185 -21.33 52.64 14.29
C ASN C 185 -22.10 52.01 15.45
N PRO C 186 -21.67 52.24 16.69
CA PRO C 186 -22.32 51.62 17.85
C PRO C 186 -23.81 51.92 17.96
N GLU C 187 -24.23 53.12 17.58
CA GLU C 187 -25.65 53.44 17.62
C GLU C 187 -26.46 52.61 16.64
N ALA C 188 -25.93 52.47 15.43
CA ALA C 188 -26.63 51.64 14.44
C ALA C 188 -26.67 50.19 14.93
N VAL C 189 -25.57 49.70 15.46
CA VAL C 189 -25.50 48.29 15.90
C VAL C 189 -26.53 48.07 16.99
N ALA C 190 -26.55 48.97 17.97
CA ALA C 190 -27.48 48.85 19.09
C ALA C 190 -28.92 48.86 18.63
N ARG C 191 -29.26 49.79 17.77
CA ARG C 191 -30.65 49.92 17.34
C ARG C 191 -31.09 48.77 16.43
N LEU C 192 -30.22 48.33 15.52
CA LEU C 192 -30.56 47.19 14.68
C LEU C 192 -30.71 45.93 15.52
N ALA C 193 -29.81 45.78 16.48
CA ALA C 193 -29.85 44.59 17.35
C ALA C 193 -31.15 44.56 18.16
N LEU C 194 -31.54 45.70 18.73
CA LEU C 194 -32.82 45.79 19.48
C LEU C 194 -34.01 45.45 18.61
N ALA C 195 -33.97 45.90 17.36
CA ALA C 195 -35.07 45.59 16.45
C ALA C 195 -35.08 44.12 16.08
N LEU C 196 -33.90 43.55 15.87
CA LEU C 196 -33.84 42.12 15.61
C LEU C 196 -34.40 41.36 16.82
N GLN C 197 -34.00 41.79 18.00
CA GLN C 197 -34.40 41.13 19.24
C GLN C 197 -35.93 41.06 19.37
N LYS C 198 -36.62 42.14 19.02
CA LYS C 198 -38.09 42.16 19.05
C LYS C 198 -38.69 41.17 18.07
N GLY C 199 -38.08 41.08 16.89
CA GLY C 199 -38.47 40.04 15.93
C GLY C 199 -38.29 38.63 16.44
N LEU C 200 -37.12 38.37 17.04
CA LEU C 200 -36.83 37.06 17.62
C LEU C 200 -37.92 36.69 18.62
N ALA C 201 -38.28 37.64 19.47
CA ALA C 201 -39.29 37.38 20.52
C ALA C 201 -40.63 37.02 19.92
N LYS C 202 -40.98 37.67 18.82
CA LYS C 202 -42.20 37.29 18.10
C LYS C 202 -42.14 35.84 17.68
N GLY C 203 -40.95 35.38 17.33
CA GLY C 203 -40.76 33.99 16.92
C GLY C 203 -40.52 33.01 18.06
N GLY C 204 -40.66 33.50 19.28
CA GLY C 204 -40.58 32.65 20.46
C GLY C 204 -39.25 32.69 21.20
N MET C 205 -38.30 33.50 20.73
CA MET C 205 -36.90 33.35 21.19
C MET C 205 -36.35 34.59 21.89
N LYS C 206 -35.47 34.34 22.84
CA LYS C 206 -34.59 35.37 23.39
C LYS C 206 -33.36 35.57 22.52
N SER C 207 -32.47 36.47 22.94
CA SER C 207 -31.27 36.82 22.18
C SER C 207 -29.99 36.50 22.95
N CYS C 208 -28.90 36.32 22.21
CA CYS C 208 -27.57 36.08 22.77
C CYS C 208 -26.57 36.97 22.06
N GLY C 209 -26.06 37.99 22.76
CA GLY C 209 -25.14 38.95 22.17
C GLY C 209 -23.74 38.39 22.08
N LYS C 210 -23.06 38.64 20.95
CA LYS C 210 -21.72 38.14 20.72
C LYS C 210 -20.84 39.24 20.14
N HIS C 211 -19.56 39.33 20.47
CA HIS C 211 -18.82 38.50 21.40
C HIS C 211 -18.24 39.44 22.45
N PHE C 212 -18.77 39.36 23.66
CA PHE C 212 -18.48 40.32 24.72
C PHE C 212 -17.00 40.29 25.08
N PRO C 213 -16.38 41.47 25.26
CA PRO C 213 -16.88 42.83 25.20
C PRO C 213 -16.75 43.52 23.84
N GLY C 214 -16.46 42.76 22.78
CA GLY C 214 -16.34 43.31 21.42
C GLY C 214 -15.17 42.73 20.66
N HIS C 215 -15.49 42.01 19.59
CA HIS C 215 -14.52 41.30 18.78
C HIS C 215 -14.13 42.10 17.53
N GLY C 216 -14.75 43.25 17.33
CA GLY C 216 -14.65 43.96 16.06
C GLY C 216 -13.28 44.57 15.72
N PHE C 217 -12.45 44.87 16.70
CA PHE C 217 -11.28 45.70 16.50
C PHE C 217 -10.03 44.88 16.22
N VAL C 218 -9.95 43.66 16.77
CA VAL C 218 -8.83 42.81 16.50
C VAL C 218 -8.85 42.30 15.07
N GLU C 219 -7.69 41.83 14.61
CA GLU C 219 -7.59 41.18 13.33
C GLU C 219 -7.81 39.72 13.58
N GLY C 220 -8.51 39.08 12.66
CA GLY C 220 -8.87 37.69 12.86
C GLY C 220 -9.12 37.04 11.51
N ASP C 221 -8.10 36.37 11.00
CA ASP C 221 -8.13 35.77 9.68
C ASP C 221 -7.29 34.51 9.63
N SER C 222 -6.54 34.24 10.70
CA SER C 222 -6.23 32.87 11.05
C SER C 222 -7.55 32.31 11.61
N HIS C 223 -7.49 31.12 12.17
CA HIS C 223 -8.66 30.53 12.82
C HIS C 223 -8.34 30.21 14.27
N LEU C 224 -7.16 29.65 14.55
CA LEU C 224 -6.81 29.20 15.90
C LEU C 224 -5.66 30.04 16.58
N VAL C 225 -5.75 31.38 16.55
CA VAL C 225 -4.86 32.26 17.36
C VAL C 225 -5.69 32.94 18.45
N LEU C 226 -4.99 33.52 19.43
CA LEU C 226 -5.59 34.37 20.46
C LEU C 226 -5.27 35.86 20.20
N PRO C 227 -6.19 36.60 19.55
CA PRO C 227 -5.87 37.99 19.22
C PRO C 227 -5.80 38.90 20.44
N GLU C 228 -5.18 40.05 20.25
CA GLU C 228 -4.97 41.02 21.30
C GLU C 228 -5.56 42.36 20.89
N ASP C 229 -6.42 42.93 21.73
CA ASP C 229 -7.01 44.23 21.50
C ASP C 229 -6.35 45.15 22.51
N GLY C 230 -5.52 46.07 22.02
CA GLY C 230 -4.70 46.89 22.90
C GLY C 230 -5.35 48.13 23.46
N ARG C 231 -6.65 48.31 23.23
CA ARG C 231 -7.32 49.53 23.64
C ARG C 231 -7.62 49.60 25.13
N SER C 232 -7.90 50.81 25.59
CA SER C 232 -8.24 51.07 26.97
C SER C 232 -9.71 50.80 27.21
N LEU C 233 -10.07 50.61 28.48
CA LEU C 233 -11.47 50.41 28.84
C LEU C 233 -12.36 51.58 28.40
N ASP C 234 -11.86 52.80 28.55
CA ASP C 234 -12.61 53.99 28.13
C ASP C 234 -12.94 53.93 26.65
N GLU C 235 -11.98 53.49 25.85
CA GLU C 235 -12.19 53.39 24.41
C GLU C 235 -13.30 52.38 24.10
N LEU C 236 -13.28 51.26 24.81
CA LEU C 236 -14.35 50.27 24.65
C LEU C 236 -15.71 50.77 25.14
N GLU C 237 -15.72 51.53 26.25
CA GLU C 237 -16.96 52.09 26.79
C GLU C 237 -17.59 53.10 25.86
N ALA C 238 -16.74 53.82 25.14
CA ALA C 238 -17.25 54.81 24.20
C ALA C 238 -17.88 54.18 22.94
N ALA C 239 -17.63 52.90 22.69
CA ALA C 239 -18.06 52.27 21.45
C ALA C 239 -18.49 50.80 21.61
N ASP C 240 -17.53 49.88 21.60
CA ASP C 240 -17.82 48.45 21.47
C ASP C 240 -18.73 47.91 22.58
N LEU C 241 -18.59 48.44 23.79
CA LEU C 241 -19.41 48.01 24.92
C LEU C 241 -20.83 48.52 24.90
N ALA C 242 -21.09 49.62 24.21
CA ALA C 242 -22.42 50.25 24.34
C ALA C 242 -23.58 49.37 23.87
N PRO C 243 -23.42 48.65 22.74
CA PRO C 243 -24.53 47.77 22.34
C PRO C 243 -24.81 46.67 23.37
N PHE C 244 -23.76 46.17 24.02
CA PHE C 244 -23.92 45.18 25.07
C PHE C 244 -24.70 45.77 26.25
N ARG C 245 -24.33 46.96 26.71
CA ARG C 245 -25.06 47.64 27.79
C ARG C 245 -26.54 47.79 27.46
N ILE C 246 -26.81 48.31 26.28
CA ILE C 246 -28.17 48.59 25.87
C ILE C 246 -28.98 47.29 25.74
N MET C 247 -28.41 46.25 25.13
CA MET C 247 -29.13 44.99 24.94
C MET C 247 -29.41 44.34 26.29
N SER C 248 -28.44 44.44 27.20
CA SER C 248 -28.60 43.92 28.55
C SER C 248 -29.77 44.57 29.25
N ARG C 249 -29.82 45.89 29.20
CA ARG C 249 -30.92 46.65 29.78
C ARG C 249 -32.26 46.20 29.21
N GLU C 250 -32.29 45.90 27.90
CA GLU C 250 -33.53 45.52 27.24
C GLU C 250 -33.80 44.03 27.19
N GLY C 251 -33.17 43.26 28.08
CA GLY C 251 -33.59 41.88 28.30
C GLY C 251 -32.87 40.77 27.54
N MET C 252 -31.71 41.08 26.96
CA MET C 252 -30.88 40.06 26.32
C MET C 252 -30.65 38.89 27.28
N ALA C 253 -30.85 37.67 26.79
CA ALA C 253 -30.82 36.49 27.65
C ALA C 253 -29.43 35.95 27.95
N ALA C 254 -28.49 36.19 27.03
CA ALA C 254 -27.19 35.57 27.15
C ALA C 254 -26.13 36.35 26.41
N VAL C 255 -24.90 35.99 26.71
CA VAL C 255 -23.74 36.53 26.04
C VAL C 255 -22.74 35.38 25.75
N MET C 256 -22.06 35.46 24.60
CA MET C 256 -20.90 34.65 24.28
C MET C 256 -19.73 35.59 24.38
N PRO C 257 -18.67 35.18 25.10
CA PRO C 257 -17.51 36.03 25.24
C PRO C 257 -16.59 35.94 24.04
N ALA C 258 -15.83 37.00 23.79
CA ALA C 258 -14.77 36.97 22.78
C ALA C 258 -13.54 36.21 23.28
N HIS C 259 -12.96 35.39 22.41
CA HIS C 259 -11.69 34.74 22.71
C HIS C 259 -10.63 35.74 22.29
N VAL C 260 -10.47 36.76 23.14
CA VAL C 260 -9.63 37.89 22.85
C VAL C 260 -9.09 38.39 24.17
N VAL C 261 -7.82 38.79 24.19
CA VAL C 261 -7.20 39.41 25.37
C VAL C 261 -7.21 40.90 25.17
N TYR C 262 -7.59 41.62 26.22
CA TYR C 262 -7.58 43.07 26.24
C TYR C 262 -6.60 43.46 27.37
N PRO C 263 -5.28 43.49 27.07
CA PRO C 263 -4.24 43.65 28.12
C PRO C 263 -4.35 44.84 29.06
N GLN C 264 -4.90 45.96 28.59
CA GLN C 264 -5.08 47.10 29.47
C GLN C 264 -6.13 46.87 30.56
N VAL C 265 -6.96 45.83 30.40
CA VAL C 265 -8.00 45.53 31.37
C VAL C 265 -7.68 44.26 32.13
N ASP C 266 -7.17 43.25 31.43
CA ASP C 266 -6.80 41.99 32.05
C ASP C 266 -5.92 41.21 31.09
N THR C 267 -5.02 40.42 31.66
CA THR C 267 -4.10 39.59 30.87
C THR C 267 -4.78 38.32 30.39
N LYS C 268 -5.95 38.03 30.95
CA LYS C 268 -6.71 36.86 30.55
C LYS C 268 -7.72 37.18 29.46
N PRO C 269 -7.96 36.22 28.55
CA PRO C 269 -9.05 36.37 27.60
C PRO C 269 -10.37 36.57 28.35
N ALA C 270 -11.29 37.31 27.73
CA ALA C 270 -12.53 37.72 28.37
C ALA C 270 -13.32 36.56 28.98
N GLY C 271 -13.40 35.44 28.27
CA GLY C 271 -14.14 34.27 28.76
C GLY C 271 -13.58 33.62 30.01
N PHE C 272 -12.36 34.02 30.40
CA PHE C 272 -11.69 33.47 31.56
C PHE C 272 -11.29 34.57 32.51
N SER C 273 -11.92 35.74 32.40
CA SER C 273 -11.56 36.89 33.21
C SER C 273 -12.66 37.32 34.19
N GLU C 274 -12.36 37.23 35.49
CA GLU C 274 -13.25 37.75 36.54
C GLU C 274 -13.52 39.23 36.36
N ILE C 275 -12.51 39.95 35.92
CA ILE C 275 -12.66 41.39 35.71
C ILE C 275 -13.72 41.66 34.64
N TRP C 276 -13.61 41.00 33.49
CA TRP C 276 -14.59 41.20 32.43
C TRP C 276 -15.98 40.71 32.83
N LEU C 277 -16.05 39.52 33.40
CA LEU C 277 -17.33 38.86 33.59
C LEU C 277 -18.02 39.26 34.88
N LYS C 278 -17.29 39.36 35.99
CA LYS C 278 -17.92 39.70 37.27
C LYS C 278 -17.91 41.19 37.53
N GLN C 279 -16.74 41.80 37.41
CA GLN C 279 -16.61 43.20 37.74
C GLN C 279 -17.30 44.08 36.69
N ILE C 280 -17.07 43.81 35.41
CA ILE C 280 -17.61 44.67 34.35
C ILE C 280 -19.01 44.24 33.91
N LEU C 281 -19.18 43.01 33.47
CA LEU C 281 -20.47 42.57 32.97
C LEU C 281 -21.57 42.46 34.05
N ARG C 282 -21.29 41.76 35.15
CA ARG C 282 -22.27 41.60 36.22
C ARG C 282 -22.49 42.89 37.00
N ARG C 283 -21.42 43.39 37.61
CA ARG C 283 -21.52 44.49 38.57
C ARG C 283 -21.80 45.82 37.89
N ASP C 284 -20.94 46.19 36.95
CA ASP C 284 -21.01 47.50 36.32
C ASP C 284 -22.18 47.61 35.34
N ILE C 285 -22.34 46.62 34.47
CA ILE C 285 -23.41 46.64 33.48
C ILE C 285 -24.74 46.17 34.07
N GLY C 286 -24.69 45.29 35.06
CA GLY C 286 -25.94 44.77 35.68
C GLY C 286 -26.61 43.64 34.93
N PHE C 287 -25.84 42.92 34.11
CA PHE C 287 -26.40 41.82 33.33
C PHE C 287 -26.74 40.63 34.21
N LYS C 288 -27.95 40.10 34.06
CA LYS C 288 -28.43 38.98 34.89
C LYS C 288 -28.62 37.67 34.13
N GLY C 289 -28.30 37.66 32.84
CA GLY C 289 -28.53 36.51 32.00
C GLY C 289 -27.38 35.52 32.03
N VAL C 290 -27.42 34.59 31.09
CA VAL C 290 -26.40 33.57 30.98
C VAL C 290 -25.12 34.14 30.41
N ILE C 291 -24.01 33.76 31.02
CA ILE C 291 -22.70 33.93 30.40
C ILE C 291 -22.22 32.54 29.98
N PHE C 292 -22.15 32.31 28.67
CA PHE C 292 -21.55 31.09 28.16
C PHE C 292 -20.03 31.17 28.15
N SER C 293 -19.37 30.02 28.19
CA SER C 293 -17.91 29.96 28.18
C SER C 293 -17.41 30.01 26.74
N ASP C 294 -16.10 30.12 26.56
CA ASP C 294 -15.46 29.79 25.28
C ASP C 294 -15.80 28.31 24.93
N ASP C 295 -15.44 27.83 23.74
CA ASP C 295 -15.48 26.38 23.47
C ASP C 295 -14.21 25.89 24.16
N LEU C 296 -14.40 25.02 25.14
CA LEU C 296 -13.30 24.63 26.03
C LEU C 296 -12.37 23.60 25.42
N THR C 297 -12.78 22.98 24.32
CA THR C 297 -11.93 21.95 23.70
C THR C 297 -10.43 22.35 23.66
N ALA C 304 -2.83 20.12 27.08
CA ALA C 304 -4.23 20.18 27.49
C ALA C 304 -4.43 20.96 28.77
N GLY C 305 -3.87 20.49 29.89
CA GLY C 305 -4.22 21.00 31.22
C GLY C 305 -5.48 20.33 31.76
N GLY C 306 -6.26 19.73 30.86
CA GLY C 306 -7.42 18.91 31.14
C GLY C 306 -8.74 19.66 31.15
N ILE C 307 -9.78 18.99 30.65
CA ILE C 307 -11.09 19.59 30.54
C ILE C 307 -11.68 20.01 31.88
N LYS C 308 -11.53 19.17 32.91
CA LYS C 308 -12.03 19.49 34.25
C LYS C 308 -11.47 20.80 34.73
N GLU C 309 -10.17 20.99 34.51
CA GLU C 309 -9.50 22.19 34.97
C GLU C 309 -9.94 23.40 34.15
N ARG C 310 -10.05 23.20 32.85
CA ARG C 310 -10.50 24.27 31.96
C ARG C 310 -11.94 24.73 32.29
N ALA C 311 -12.82 23.79 32.57
CA ALA C 311 -14.17 24.11 33.04
C ALA C 311 -14.12 24.84 34.37
N ARG C 312 -13.33 24.33 35.32
CA ARG C 312 -13.21 24.94 36.63
C ARG C 312 -12.86 26.43 36.52
N ILE C 313 -11.88 26.77 35.69
CA ILE C 313 -11.45 28.16 35.64
C ILE C 313 -12.51 29.03 34.92
N SER C 314 -13.27 28.42 34.02
CA SER C 314 -14.41 29.09 33.37
C SER C 314 -15.50 29.48 34.37
N PHE C 315 -15.91 28.51 35.17
CA PHE C 315 -16.90 28.76 36.21
C PHE C 315 -16.41 29.78 37.22
N GLU C 316 -15.16 29.63 37.63
CA GLU C 316 -14.54 30.53 38.59
C GLU C 316 -14.48 31.95 38.03
N ALA C 317 -14.29 32.09 36.72
CA ALA C 317 -14.26 33.42 36.09
C ALA C 317 -15.63 34.11 36.04
N GLY C 318 -16.72 33.34 36.12
CA GLY C 318 -18.07 33.89 36.07
C GLY C 318 -19.02 33.29 35.03
N CYS C 319 -18.56 32.32 34.25
CA CYS C 319 -19.43 31.65 33.31
C CYS C 319 -20.47 30.82 34.05
N ASP C 320 -21.70 30.82 33.54
CA ASP C 320 -22.77 29.98 34.07
C ASP C 320 -22.71 28.59 33.45
N ILE C 321 -22.46 28.54 32.14
CA ILE C 321 -22.60 27.34 31.37
C ILE C 321 -21.39 27.17 30.47
N VAL C 322 -20.80 25.98 30.47
CA VAL C 322 -19.64 25.72 29.62
C VAL C 322 -20.05 24.94 28.39
N LEU C 323 -19.49 25.35 27.25
CA LEU C 323 -19.69 24.67 25.98
C LEU C 323 -18.57 23.71 25.71
N VAL C 324 -18.91 22.48 25.34
CA VAL C 324 -17.92 21.48 24.97
C VAL C 324 -18.42 20.81 23.70
N CYS C 325 -17.88 21.25 22.57
CA CYS C 325 -18.35 20.86 21.25
C CYS C 325 -17.40 19.92 20.53
N ASN C 326 -17.96 19.04 19.73
CA ASN C 326 -17.20 18.13 18.86
C ASN C 326 -16.33 17.11 19.60
N ARG C 327 -16.55 16.95 20.91
CA ARG C 327 -15.66 16.13 21.72
C ARG C 327 -16.45 15.42 22.83
N PRO C 328 -17.30 14.46 22.43
CA PRO C 328 -18.03 13.70 23.45
C PRO C 328 -17.13 12.96 24.46
N ASP C 329 -15.93 12.61 24.03
CA ASP C 329 -14.92 12.04 24.94
C ASP C 329 -14.60 13.01 26.08
N LEU C 330 -14.44 14.30 25.77
CA LEU C 330 -14.15 15.30 26.79
C LEU C 330 -15.37 15.59 27.66
N VAL C 331 -16.55 15.47 27.09
CA VAL C 331 -17.78 15.62 27.89
C VAL C 331 -17.87 14.46 28.88
N ASP C 332 -17.56 13.24 28.42
CA ASP C 332 -17.52 12.07 29.29
C ASP C 332 -16.49 12.19 30.40
N GLU C 333 -15.32 12.69 30.05
CA GLU C 333 -14.28 12.90 31.04
C GLU C 333 -14.73 13.95 32.06
N LEU C 334 -15.32 15.04 31.57
CA LEU C 334 -15.75 16.14 32.45
C LEU C 334 -16.83 15.69 33.43
N ARG C 335 -17.83 14.98 32.94
CA ARG C 335 -19.00 14.65 33.76
C ARG C 335 -18.75 13.57 34.81
N ASP C 336 -17.73 12.72 34.60
CA ASP C 336 -17.44 11.63 35.52
C ASP C 336 -16.87 12.16 36.83
N GLY C 337 -17.66 12.05 37.90
CA GLY C 337 -17.27 12.60 39.19
C GLY C 337 -17.37 14.11 39.26
N PHE C 338 -18.15 14.70 38.36
CA PHE C 338 -18.28 16.15 38.26
C PHE C 338 -19.09 16.68 39.44
N THR C 339 -18.58 17.71 40.08
CA THR C 339 -19.35 18.41 41.11
C THR C 339 -19.94 19.68 40.49
N ILE C 340 -21.28 19.76 40.49
CA ILE C 340 -21.99 20.91 39.96
C ILE C 340 -21.73 22.11 40.84
N PRO C 341 -21.08 23.16 40.28
CA PRO C 341 -20.77 24.31 41.14
C PRO C 341 -22.04 24.94 41.63
N ASP C 342 -22.00 25.53 42.81
CA ASP C 342 -23.19 26.12 43.36
C ASP C 342 -23.53 27.40 42.57
N ASN C 343 -24.73 27.42 42.00
CA ASN C 343 -25.20 28.57 41.26
C ASN C 343 -26.71 28.61 41.38
N GLN C 344 -27.19 29.38 42.35
CA GLN C 344 -28.63 29.48 42.60
C GLN C 344 -29.37 30.17 41.44
N ASP C 345 -28.66 30.90 40.59
CA ASP C 345 -29.28 31.59 39.47
C ASP C 345 -29.35 30.76 38.20
N LEU C 346 -28.68 29.61 38.18
CA LEU C 346 -28.58 28.82 36.97
C LEU C 346 -29.95 28.43 36.42
N ALA C 347 -30.80 27.87 37.27
CA ALA C 347 -32.10 27.34 36.84
C ALA C 347 -32.95 28.39 36.14
N GLY C 348 -32.99 29.59 36.72
CA GLY C 348 -33.75 30.70 36.14
C GLY C 348 -33.10 31.22 34.86
N ARG C 349 -31.78 31.26 34.83
CA ARG C 349 -31.06 31.69 33.63
C ARG C 349 -31.29 30.74 32.44
N TRP C 350 -31.26 29.44 32.67
CA TRP C 350 -31.66 28.48 31.61
C TRP C 350 -33.12 28.71 31.19
N GLN C 351 -34.01 28.84 32.18
CA GLN C 351 -35.43 28.82 31.90
C GLN C 351 -35.86 30.04 31.11
N TYR C 352 -35.26 31.18 31.40
CA TYR C 352 -35.50 32.40 30.64
C TYR C 352 -35.29 32.19 29.13
N MET C 353 -34.40 31.26 28.76
CA MET C 353 -34.12 30.96 27.37
C MET C 353 -35.08 29.98 26.71
N GLU C 354 -35.98 29.37 27.48
CA GLU C 354 -36.88 28.37 26.89
C GLU C 354 -37.72 29.05 25.83
N ASN C 355 -38.00 28.35 24.74
CA ASN C 355 -38.86 28.88 23.71
C ASN C 355 -40.25 29.17 24.28
N SER C 356 -40.80 30.32 23.90
CA SER C 356 -42.07 30.75 24.47
C SER C 356 -43.30 30.34 23.61
N LEU C 357 -43.09 29.77 22.43
CA LEU C 357 -44.19 29.34 21.55
C LEU C 357 -44.35 27.83 21.53
N GLY C 358 -45.58 27.34 21.62
CA GLY C 358 -45.83 25.90 21.49
C GLY C 358 -45.71 25.47 20.05
N HIS C 359 -45.43 24.18 19.84
CA HIS C 359 -45.16 23.64 18.49
C HIS C 359 -46.34 23.83 17.51
N GLU C 360 -47.55 23.53 17.97
CA GLU C 360 -48.75 23.71 17.14
C GLU C 360 -48.99 25.17 16.78
N ALA C 361 -48.85 26.05 17.76
CA ALA C 361 -49.02 27.48 17.55
C ALA C 361 -48.10 28.00 16.45
N VAL C 362 -46.87 27.48 16.41
CA VAL C 362 -45.91 27.90 15.40
C VAL C 362 -46.32 27.39 13.99
N GLN C 363 -46.72 26.12 13.89
CA GLN C 363 -47.24 25.59 12.61
C GLN C 363 -48.41 26.40 12.07
N ALA C 364 -49.30 26.81 12.96
CA ALA C 364 -50.41 27.67 12.56
C ALA C 364 -49.90 29.02 12.02
N VAL C 365 -49.03 29.69 12.79
CA VAL C 365 -48.55 31.03 12.40
C VAL C 365 -47.87 31.00 11.02
N MET C 366 -47.18 29.90 10.73
CA MET C 366 -46.42 29.78 9.48
C MET C 366 -47.32 29.60 8.26
N GLN C 367 -48.55 29.15 8.48
CA GLN C 367 -49.55 29.07 7.41
C GLN C 367 -50.15 30.44 7.07
N THR C 368 -49.99 31.43 7.94
CA THR C 368 -50.60 32.76 7.72
C THR C 368 -49.93 33.47 6.57
N MET C 369 -50.70 34.34 5.94
CA MET C 369 -50.17 35.13 4.85
C MET C 369 -49.12 36.11 5.31
N GLY C 370 -49.33 36.69 6.49
CA GLY C 370 -48.41 37.69 7.03
C GLY C 370 -47.01 37.13 7.22
N PHE C 371 -46.95 35.91 7.74
CA PHE C 371 -45.67 35.29 7.96
C PHE C 371 -45.01 34.87 6.65
N GLN C 372 -45.80 34.32 5.74
CA GLN C 372 -45.29 33.96 4.41
C GLN C 372 -44.75 35.17 3.65
N ALA C 373 -45.37 36.33 3.83
CA ALA C 373 -44.85 37.56 3.25
C ALA C 373 -43.51 37.94 3.87
N ALA C 374 -43.41 37.81 5.20
CA ALA C 374 -42.13 38.06 5.88
C ALA C 374 -41.05 37.15 5.28
N GLN C 375 -41.39 35.87 5.10
CA GLN C 375 -40.47 34.93 4.52
C GLN C 375 -39.94 35.39 3.18
N ALA C 376 -40.84 35.79 2.29
CA ALA C 376 -40.44 36.26 0.97
C ALA C 376 -39.62 37.55 1.03
N PHE C 377 -39.99 38.47 1.92
CA PHE C 377 -39.18 39.69 2.10
C PHE C 377 -37.73 39.35 2.52
N VAL C 378 -37.60 38.49 3.53
CA VAL C 378 -36.28 38.14 4.06
C VAL C 378 -35.49 37.37 2.99
N ALA C 379 -36.13 36.43 2.32
CA ALA C 379 -35.52 35.71 1.20
C ALA C 379 -34.95 36.69 0.18
N GLY C 380 -35.67 37.78 -0.09
CA GLY C 380 -35.26 38.75 -1.07
C GLY C 380 -34.05 39.54 -0.66
N LEU C 381 -33.92 39.80 0.65
CA LEU C 381 -32.72 40.46 1.16
C LEU C 381 -31.48 39.57 0.98
N ALA C 382 -31.65 38.26 1.11
CA ALA C 382 -30.55 37.30 0.92
C ALA C 382 -30.14 37.08 -0.55
N SER C 383 -31.00 37.48 -1.50
CA SER C 383 -30.72 37.46 -2.95
C SER C 383 -31.07 38.79 -3.62
N THR D 38 34.18 -51.27 28.55
CA THR D 38 32.83 -51.78 28.95
C THR D 38 31.65 -50.94 28.41
N VAL D 39 31.93 -49.74 27.89
CA VAL D 39 30.90 -48.84 27.28
C VAL D 39 30.20 -49.55 26.12
N PRO D 40 28.95 -50.01 26.33
CA PRO D 40 28.28 -50.85 25.32
C PRO D 40 28.14 -50.20 23.95
N HIS D 41 28.35 -50.99 22.90
CA HIS D 41 28.14 -50.54 21.53
C HIS D 41 26.80 -51.04 21.01
N ILE D 42 25.85 -50.11 20.89
CA ILE D 42 24.48 -50.42 20.49
C ILE D 42 24.05 -49.42 19.42
N PRO D 43 23.45 -49.92 18.32
CA PRO D 43 22.97 -48.93 17.35
C PRO D 43 21.94 -47.98 17.98
N ARG D 44 21.89 -46.76 17.46
CA ARG D 44 20.89 -45.80 17.91
C ARG D 44 19.52 -46.30 17.46
N GLY D 45 18.60 -46.43 18.41
CA GLY D 45 17.24 -46.87 18.11
C GLY D 45 16.38 -45.77 17.52
N PRO D 46 15.14 -46.12 17.13
CA PRO D 46 14.27 -45.14 16.52
C PRO D 46 13.39 -44.31 17.47
N VAL D 47 13.69 -44.29 18.75
CA VAL D 47 12.90 -43.49 19.69
C VAL D 47 13.74 -42.37 20.25
N MET D 48 13.19 -41.15 20.26
CA MET D 48 13.83 -40.03 20.90
C MET D 48 13.01 -39.76 22.16
N ALA D 49 13.68 -39.86 23.30
CA ALA D 49 13.01 -39.71 24.58
C ALA D 49 13.48 -38.42 25.23
N ASP D 50 13.21 -38.26 26.53
CA ASP D 50 13.65 -37.09 27.24
C ASP D 50 13.93 -37.43 28.70
N ILE D 51 14.23 -36.41 29.49
CA ILE D 51 14.75 -36.55 30.84
C ILE D 51 14.00 -35.58 31.73
N ALA D 52 13.90 -35.92 33.02
CA ALA D 52 13.03 -35.18 33.95
C ALA D 52 13.62 -33.86 34.42
N ALA D 53 14.90 -33.83 34.75
CA ALA D 53 15.47 -32.68 35.44
C ALA D 53 16.93 -32.40 35.05
N PHE D 54 17.77 -32.02 36.01
CA PHE D 54 19.11 -31.49 35.70
C PHE D 54 20.21 -32.54 35.55
N ARG D 55 20.02 -33.71 36.16
CA ARG D 55 21.00 -34.78 36.13
C ARG D 55 20.28 -36.08 35.95
N LEU D 56 20.93 -37.06 35.32
CA LEU D 56 20.31 -38.35 35.12
C LEU D 56 20.09 -39.05 36.45
N THR D 57 18.93 -39.68 36.60
CA THR D 57 18.70 -40.63 37.67
C THR D 57 19.15 -42.00 37.18
N GLU D 58 19.26 -42.94 38.11
CA GLU D 58 19.68 -44.29 37.80
C GLU D 58 18.65 -44.95 36.88
N GLU D 59 17.38 -44.74 37.17
CA GLU D 59 16.29 -45.23 36.33
C GLU D 59 16.40 -44.69 34.89
N GLU D 60 16.73 -43.42 34.75
CA GLU D 60 16.92 -42.80 33.43
C GLU D 60 18.09 -43.43 32.69
N LYS D 61 19.20 -43.67 33.39
CA LYS D 61 20.36 -44.35 32.79
C LYS D 61 19.98 -45.70 32.19
N GLN D 62 19.19 -46.46 32.94
CA GLN D 62 18.76 -47.76 32.46
C GLN D 62 17.84 -47.61 31.25
N ARG D 63 16.92 -46.66 31.32
CA ARG D 63 16.03 -46.42 30.19
C ARG D 63 16.82 -46.04 28.94
N LEU D 64 17.80 -45.14 29.09
CA LEU D 64 18.57 -44.67 27.95
C LEU D 64 19.50 -45.73 27.35
N LEU D 65 19.71 -46.84 28.05
CA LEU D 65 20.50 -47.95 27.49
C LEU D 65 19.66 -48.89 26.65
N ASP D 66 18.35 -48.70 26.64
CA ASP D 66 17.49 -49.58 25.87
C ASP D 66 17.79 -49.40 24.38
N PRO D 67 17.92 -50.51 23.62
CA PRO D 67 18.19 -50.38 22.19
C PRO D 67 17.12 -49.64 21.36
N ALA D 68 15.90 -49.50 21.90
CA ALA D 68 14.87 -48.75 21.21
C ALA D 68 15.19 -47.25 21.11
N ILE D 69 16.02 -46.76 22.03
CA ILE D 69 16.33 -45.37 22.11
C ILE D 69 17.57 -45.01 21.31
N GLY D 70 17.47 -43.90 20.56
CA GLY D 70 18.59 -43.37 19.81
C GLY D 70 18.97 -41.93 20.10
N GLY D 71 18.11 -41.21 20.82
CA GLY D 71 18.38 -39.80 21.11
C GLY D 71 17.52 -39.22 22.21
N ILE D 72 17.82 -37.97 22.54
CA ILE D 72 17.19 -37.26 23.63
C ILE D 72 16.89 -35.82 23.21
N ILE D 73 15.71 -35.34 23.57
CA ILE D 73 15.39 -33.92 23.42
C ILE D 73 15.38 -33.29 24.81
N LEU D 74 16.04 -32.15 24.93
CA LEU D 74 16.07 -31.38 26.19
C LEU D 74 15.11 -30.20 26.17
N PHE D 75 14.71 -29.79 27.37
CA PHE D 75 13.76 -28.72 27.57
C PHE D 75 14.29 -27.79 28.66
N ARG D 76 13.58 -26.70 28.92
CA ARG D 76 14.03 -25.73 29.92
C ARG D 76 14.18 -26.35 31.31
N ARG D 77 13.34 -27.32 31.64
CA ARG D 77 13.40 -28.03 32.93
C ARG D 77 14.69 -28.81 33.11
N ASN D 78 15.45 -29.02 32.03
CA ASN D 78 16.73 -29.70 32.11
C ASN D 78 17.90 -28.73 32.23
N PHE D 79 17.62 -27.45 32.41
CA PHE D 79 18.67 -26.44 32.38
C PHE D 79 18.72 -25.59 33.63
N GLN D 80 19.89 -25.59 34.26
CA GLN D 80 20.18 -24.83 35.45
C GLN D 80 21.20 -23.76 35.08
N ASN D 81 22.31 -24.22 34.52
CA ASN D 81 23.34 -23.34 33.99
C ASN D 81 24.23 -24.13 33.04
N ILE D 82 25.14 -23.43 32.39
CA ILE D 82 26.00 -24.03 31.37
C ILE D 82 26.84 -25.19 31.88
N GLU D 83 27.38 -25.07 33.10
CA GLU D 83 28.23 -26.16 33.64
C GLU D 83 27.43 -27.41 33.96
N GLN D 84 26.28 -27.22 34.58
CA GLN D 84 25.36 -28.34 34.81
C GLN D 84 24.96 -28.99 33.46
N LEU D 85 24.64 -28.16 32.45
CA LEU D 85 24.25 -28.69 31.14
C LEU D 85 25.35 -29.53 30.51
N LYS D 86 26.58 -29.06 30.60
CA LYS D 86 27.74 -29.82 30.11
C LYS D 86 27.87 -31.16 30.78
N THR D 87 27.69 -31.16 32.10
CA THR D 87 27.75 -32.38 32.87
C THR D 87 26.65 -33.35 32.42
N LEU D 88 25.44 -32.80 32.22
CA LEU D 88 24.31 -33.63 31.79
C LEU D 88 24.53 -34.25 30.42
N THR D 89 24.98 -33.44 29.46
CA THR D 89 25.18 -33.98 28.12
C THR D 89 26.32 -35.02 28.11
N ALA D 90 27.38 -34.75 28.87
CA ALA D 90 28.49 -35.70 28.95
C ALA D 90 28.01 -37.05 29.47
N GLU D 91 27.23 -37.03 30.55
CA GLU D 91 26.80 -38.31 31.12
C GLU D 91 25.81 -39.05 30.20
N ILE D 92 24.98 -38.32 29.46
CA ILE D 92 24.15 -38.93 28.44
C ILE D 92 25.01 -39.61 27.38
N LYS D 93 26.03 -38.89 26.91
CA LYS D 93 26.88 -39.40 25.83
C LYS D 93 27.74 -40.59 26.28
N ALA D 94 28.13 -40.60 27.55
CA ALA D 94 28.96 -41.68 28.12
C ALA D 94 28.27 -43.05 28.20
N LEU D 95 26.94 -43.08 28.16
CA LEU D 95 26.21 -44.33 28.35
C LEU D 95 26.48 -45.38 27.28
N ARG D 96 26.70 -44.94 26.04
CA ARG D 96 26.75 -45.87 24.92
C ARG D 96 27.39 -45.24 23.71
N THR D 97 27.71 -46.08 22.73
CA THR D 97 28.24 -45.68 21.42
C THR D 97 27.43 -46.43 20.37
N PRO D 98 27.14 -45.79 19.23
CA PRO D 98 27.31 -44.37 18.95
C PRO D 98 26.56 -43.57 19.99
N GLU D 99 27.11 -42.41 20.34
CA GLU D 99 26.55 -41.59 21.39
C GLU D 99 25.14 -41.15 21.04
N LEU D 100 24.26 -41.13 22.02
CA LEU D 100 22.89 -40.67 21.84
C LEU D 100 22.89 -39.24 21.31
N ILE D 101 22.07 -38.99 20.30
CA ILE D 101 21.96 -37.67 19.71
C ILE D 101 21.13 -36.81 20.63
N ILE D 102 21.60 -35.59 20.89
CA ILE D 102 20.92 -34.69 21.81
C ILE D 102 20.45 -33.43 21.06
N ALA D 103 19.16 -33.13 21.18
CA ALA D 103 18.56 -31.99 20.50
C ALA D 103 17.82 -31.07 21.46
N VAL D 104 17.53 -29.88 20.97
CA VAL D 104 16.79 -28.87 21.73
C VAL D 104 16.11 -27.92 20.74
N ASP D 105 15.02 -27.30 21.17
CA ASP D 105 14.33 -26.25 20.41
C ASP D 105 14.95 -24.87 20.72
N HIS D 106 15.99 -24.48 19.96
CA HIS D 106 16.46 -23.10 19.95
C HIS D 106 16.16 -22.51 18.61
N GLU D 107 15.04 -21.84 18.52
CA GLU D 107 14.67 -21.11 17.33
C GLU D 107 15.09 -19.66 17.48
N GLY D 108 14.72 -19.07 18.62
CA GLY D 108 14.86 -17.65 18.84
C GLY D 108 13.58 -17.05 19.37
N GLY D 109 13.70 -15.87 19.97
CA GLY D 109 12.53 -15.17 20.49
C GLY D 109 11.88 -15.97 21.61
N ARG D 110 10.60 -16.28 21.46
CA ARG D 110 9.86 -17.00 22.51
C ARG D 110 10.05 -18.52 22.48
N VAL D 111 10.90 -19.02 21.59
CA VAL D 111 11.30 -20.43 21.60
C VAL D 111 12.81 -20.52 21.75
N GLN D 112 13.26 -20.46 22.99
CA GLN D 112 14.66 -20.65 23.35
C GLN D 112 14.70 -21.24 24.76
N ARG D 113 14.99 -22.52 24.87
CA ARG D 113 14.90 -23.25 26.14
C ARG D 113 15.89 -22.74 27.18
N PHE D 114 17.12 -22.51 26.75
CA PHE D 114 18.21 -22.16 27.64
C PHE D 114 18.52 -20.67 27.54
N ILE D 115 18.30 -19.93 28.62
CA ILE D 115 18.43 -18.47 28.60
C ILE D 115 19.72 -17.99 29.27
N GLU D 116 19.87 -18.27 30.56
CA GLU D 116 21.01 -17.79 31.34
C GLU D 116 22.36 -18.29 30.81
N GLY D 117 23.27 -17.37 30.52
CA GLY D 117 24.59 -17.71 29.99
C GLY D 117 24.63 -17.87 28.49
N PHE D 118 23.48 -17.73 27.83
CA PHE D 118 23.40 -17.81 26.36
C PHE D 118 23.11 -16.42 25.83
N THR D 119 23.57 -16.14 24.62
CA THR D 119 23.10 -14.96 23.91
C THR D 119 21.59 -15.11 23.71
N ARG D 120 20.84 -14.06 24.02
CA ARG D 120 19.41 -14.05 23.78
C ARG D 120 19.20 -13.91 22.26
N LEU D 121 18.43 -14.84 21.68
CA LEU D 121 18.26 -14.89 20.24
C LEU D 121 17.02 -14.12 19.83
N PRO D 122 17.08 -13.41 18.70
CA PRO D 122 15.88 -12.77 18.21
C PRO D 122 14.91 -13.78 17.62
N ALA D 123 13.64 -13.40 17.57
CA ALA D 123 12.65 -14.13 16.80
C ALA D 123 13.03 -14.09 15.31
N MET D 124 12.73 -15.17 14.59
CA MET D 124 13.10 -15.23 13.17
C MET D 124 12.45 -14.14 12.33
N ASN D 125 11.30 -13.64 12.72
CA ASN D 125 10.68 -12.59 11.91
C ASN D 125 11.48 -11.29 11.93
N VAL D 126 12.36 -11.14 12.93
CA VAL D 126 13.24 -9.99 12.97
C VAL D 126 14.16 -10.01 11.74
N LEU D 127 14.57 -11.20 11.31
CA LEU D 127 15.40 -11.32 10.11
C LEU D 127 14.64 -10.94 8.84
N GLY D 128 13.36 -11.28 8.80
CA GLY D 128 12.50 -10.89 7.71
C GLY D 128 12.25 -9.39 7.68
N GLN D 129 12.25 -8.75 8.84
CA GLN D 129 12.10 -7.31 8.91
C GLN D 129 13.34 -6.61 8.38
N ILE D 130 14.51 -7.16 8.66
CA ILE D 130 15.74 -6.65 8.07
C ILE D 130 15.70 -6.79 6.54
N TRP D 131 15.20 -7.92 6.05
CA TRP D 131 15.03 -8.14 4.63
C TRP D 131 14.21 -7.02 3.99
N ASP D 132 13.08 -6.69 4.60
CA ASP D 132 12.21 -5.65 4.09
C ASP D 132 12.83 -4.25 4.15
N LYS D 133 13.60 -3.98 5.19
CA LYS D 133 14.09 -2.64 5.46
C LYS D 133 15.46 -2.37 4.83
N ASP D 134 16.40 -3.29 5.06
CA ASP D 134 17.79 -3.13 4.59
C ASP D 134 18.14 -4.01 3.39
N GLY D 135 17.25 -4.89 2.96
CA GLY D 135 17.49 -5.72 1.77
C GLY D 135 18.04 -7.11 2.08
N ALA D 136 17.98 -7.97 1.07
CA ALA D 136 18.27 -9.39 1.18
C ALA D 136 19.67 -9.64 1.64
N SER D 137 20.60 -8.87 1.11
CA SER D 137 22.00 -9.11 1.43
C SER D 137 22.29 -8.92 2.91
N ALA D 138 21.83 -7.82 3.47
CA ALA D 138 22.02 -7.55 4.92
C ALA D 138 21.28 -8.59 5.79
N ALA D 139 20.10 -9.00 5.35
CA ALA D 139 19.29 -9.95 6.09
C ALA D 139 19.94 -11.34 6.10
N GLU D 140 20.44 -11.78 4.95
CA GLU D 140 21.17 -13.04 4.87
C GLU D 140 22.40 -13.01 5.76
N THR D 141 23.14 -11.91 5.74
CA THR D 141 24.34 -11.81 6.58
C THR D 141 23.94 -11.90 8.07
N ALA D 142 22.86 -11.25 8.43
CA ALA D 142 22.37 -11.30 9.81
C ALA D 142 21.94 -12.72 10.18
N ALA D 143 21.22 -13.39 9.29
CA ALA D 143 20.77 -14.76 9.53
C ALA D 143 21.94 -15.70 9.74
N GLY D 144 22.99 -15.52 8.96
CA GLY D 144 24.20 -16.32 9.10
C GLY D 144 24.82 -16.19 10.49
N GLN D 145 24.85 -14.96 10.99
CA GLN D 145 25.40 -14.71 12.31
C GLN D 145 24.52 -15.29 13.43
N VAL D 146 23.21 -15.16 13.28
CA VAL D 146 22.29 -15.73 14.26
C VAL D 146 22.51 -17.23 14.31
N GLY D 147 22.54 -17.88 13.15
CA GLY D 147 22.77 -19.31 13.08
C GLY D 147 24.07 -19.73 13.73
N ARG D 148 25.12 -18.98 13.44
CA ARG D 148 26.44 -19.25 13.98
C ARG D 148 26.48 -19.15 15.50
N VAL D 149 25.95 -18.07 16.05
CA VAL D 149 25.90 -17.90 17.50
C VAL D 149 25.01 -18.96 18.16
N LEU D 150 23.81 -19.15 17.62
CA LEU D 150 22.85 -20.14 18.13
C LEU D 150 23.49 -21.50 18.26
N ALA D 151 24.09 -21.97 17.18
CA ALA D 151 24.66 -23.32 17.14
C ALA D 151 25.93 -23.46 17.96
N THR D 152 26.82 -22.46 17.86
CA THR D 152 28.11 -22.55 18.54
C THR D 152 27.96 -22.63 20.06
N GLU D 153 27.08 -21.80 20.62
CA GLU D 153 26.90 -21.80 22.07
C GLU D 153 26.30 -23.12 22.54
N LEU D 154 25.41 -23.70 21.75
CA LEU D 154 24.86 -25.01 22.08
C LEU D 154 25.90 -26.11 21.91
N SER D 155 26.71 -26.01 20.86
CA SER D 155 27.75 -27.00 20.62
C SER D 155 28.76 -27.06 21.76
N ALA D 156 29.06 -25.92 22.36
CA ALA D 156 29.94 -25.85 23.52
C ALA D 156 29.42 -26.66 24.69
N CYS D 157 28.10 -26.88 24.73
CA CYS D 157 27.49 -27.59 25.84
C CYS D 157 27.22 -29.06 25.56
N GLY D 158 27.66 -29.56 24.41
CA GLY D 158 27.48 -30.98 24.07
C GLY D 158 26.15 -31.29 23.37
N ILE D 159 25.48 -30.27 22.85
CA ILE D 159 24.24 -30.45 22.11
C ILE D 159 24.59 -30.75 20.65
N ASP D 160 23.86 -31.66 20.00
CA ASP D 160 24.11 -31.99 18.60
C ASP D 160 23.37 -31.07 17.62
N LEU D 161 22.14 -30.70 17.94
CA LEU D 161 21.24 -30.13 16.96
C LEU D 161 20.17 -29.27 17.63
N SER D 162 19.87 -28.14 17.02
CA SER D 162 18.67 -27.39 17.34
C SER D 162 17.59 -27.68 16.29
N PHE D 163 16.35 -27.83 16.76
CA PHE D 163 15.22 -28.05 15.87
C PHE D 163 14.81 -26.69 15.27
N THR D 164 15.57 -26.26 14.27
CA THR D 164 15.36 -24.98 13.59
C THR D 164 15.98 -25.17 12.20
N PRO D 165 15.49 -24.42 11.17
CA PRO D 165 14.53 -23.33 11.21
C PRO D 165 13.09 -23.68 10.88
N VAL D 166 12.21 -22.84 11.38
CA VAL D 166 10.85 -22.79 10.92
C VAL D 166 10.85 -22.26 9.48
N LEU D 167 10.19 -23.01 8.61
CA LEU D 167 10.04 -22.68 7.19
C LEU D 167 8.61 -22.34 6.84
N ASP D 168 7.73 -22.35 7.84
CA ASP D 168 6.36 -21.94 7.64
C ASP D 168 6.31 -20.50 7.18
N LEU D 169 5.36 -20.20 6.30
CA LEU D 169 5.22 -18.85 5.77
C LEU D 169 4.29 -18.04 6.66
N ASP D 170 4.61 -16.76 6.84
CA ASP D 170 3.73 -15.89 7.61
C ASP D 170 2.56 -15.38 6.77
N TRP D 171 1.55 -16.21 6.65
CA TRP D 171 0.32 -15.80 5.99
C TRP D 171 -0.51 -14.82 6.86
N GLY D 172 -0.08 -14.57 8.09
CA GLY D 172 -0.85 -13.73 9.00
C GLY D 172 -2.06 -14.43 9.60
N ASN D 173 -2.03 -15.77 9.63
CA ASN D 173 -3.14 -16.59 10.10
C ASN D 173 -2.91 -17.39 11.38
N CYS D 174 -1.67 -17.76 11.66
CA CYS D 174 -1.38 -18.81 12.64
C CYS D 174 -0.58 -18.26 13.82
N ALA D 175 -1.26 -18.08 14.95
CA ALA D 175 -0.63 -17.47 16.10
C ALA D 175 0.44 -18.34 16.71
N VAL D 176 0.22 -19.64 16.73
CA VAL D 176 1.20 -20.51 17.36
C VAL D 176 2.55 -20.51 16.62
N ILE D 177 2.53 -20.20 15.32
CA ILE D 177 3.76 -19.93 14.58
C ILE D 177 4.14 -18.50 14.88
N GLY D 178 3.28 -17.58 14.52
CA GLY D 178 3.48 -16.17 14.81
C GLY D 178 4.78 -15.59 14.30
N ASN D 179 5.53 -14.97 15.20
CA ASN D 179 6.81 -14.40 14.84
C ASN D 179 7.93 -15.43 14.72
N ARG D 180 7.60 -16.72 14.82
CA ARG D 180 8.58 -17.78 14.57
C ARG D 180 8.90 -17.97 13.09
N SER D 181 8.04 -17.47 12.22
CA SER D 181 8.25 -17.50 10.77
C SER D 181 9.11 -16.31 10.35
N PHE D 182 10.03 -16.55 9.42
CA PHE D 182 10.87 -15.48 8.88
C PHE D 182 10.08 -14.38 8.20
N HIS D 183 9.07 -14.77 7.41
CA HIS D 183 8.50 -13.84 6.43
C HIS D 183 7.28 -14.47 5.75
N ARG D 184 6.47 -13.62 5.15
CA ARG D 184 5.32 -14.07 4.34
C ARG D 184 5.74 -14.74 3.03
N ASN D 185 6.84 -14.30 2.47
CA ASN D 185 7.20 -14.57 1.08
C ASN D 185 8.10 -15.79 1.02
N PRO D 186 7.72 -16.81 0.22
CA PRO D 186 8.51 -18.04 0.16
C PRO D 186 9.94 -17.84 -0.24
N GLU D 187 10.20 -16.88 -1.12
CA GLU D 187 11.58 -16.64 -1.53
C GLU D 187 12.40 -16.11 -0.37
N ALA D 188 11.82 -15.19 0.40
CA ALA D 188 12.52 -14.64 1.56
C ALA D 188 12.76 -15.74 2.59
N VAL D 189 11.74 -16.56 2.81
CA VAL D 189 11.87 -17.64 3.81
C VAL D 189 12.99 -18.59 3.39
N ALA D 190 12.96 -19.01 2.11
CA ALA D 190 13.96 -19.95 1.61
C ALA D 190 15.36 -19.39 1.75
N ARG D 191 15.54 -18.14 1.34
CA ARG D 191 16.88 -17.55 1.35
C ARG D 191 17.38 -17.27 2.76
N LEU D 192 16.51 -16.79 3.65
CA LEU D 192 16.90 -16.59 5.03
C LEU D 192 17.23 -17.91 5.72
N ALA D 193 16.42 -18.93 5.45
CA ALA D 193 16.65 -20.25 6.02
C ALA D 193 17.98 -20.82 5.57
N LEU D 194 18.29 -20.71 4.28
CA LEU D 194 19.58 -21.19 3.76
C LEU D 194 20.73 -20.48 4.42
N ALA D 195 20.59 -19.17 4.62
CA ALA D 195 21.65 -18.39 5.25
C ALA D 195 21.80 -18.79 6.72
N LEU D 196 20.68 -19.01 7.40
CA LEU D 196 20.75 -19.50 8.77
C LEU D 196 21.44 -20.85 8.80
N GLN D 197 21.06 -21.73 7.87
CA GLN D 197 21.62 -23.06 7.81
C GLN D 197 23.14 -23.04 7.69
N LYS D 198 23.68 -22.14 6.87
CA LYS D 198 25.15 -22.01 6.73
C LYS D 198 25.78 -21.58 8.04
N GLY D 199 25.13 -20.66 8.74
CA GLY D 199 25.56 -20.26 10.07
C GLY D 199 25.56 -21.40 11.07
N LEU D 200 24.47 -22.17 11.09
CA LEU D 200 24.38 -23.35 11.95
C LEU D 200 25.55 -24.30 11.70
N ALA D 201 25.86 -24.56 10.44
CA ALA D 201 26.94 -25.48 10.07
C ALA D 201 28.28 -24.95 10.56
N LYS D 202 28.49 -23.64 10.49
CA LYS D 202 29.70 -23.06 11.07
C LYS D 202 29.79 -23.38 12.55
N GLY D 203 28.64 -23.39 13.22
CA GLY D 203 28.59 -23.74 14.65
C GLY D 203 28.55 -25.23 14.96
N GLY D 204 28.68 -26.06 13.94
CA GLY D 204 28.76 -27.50 14.10
C GLY D 204 27.48 -28.28 13.83
N MET D 205 26.42 -27.59 13.45
CA MET D 205 25.09 -28.21 13.41
C MET D 205 24.43 -28.27 12.06
N LYS D 206 23.65 -29.33 11.88
CA LYS D 206 22.73 -29.44 10.76
C LYS D 206 21.44 -28.70 11.09
N SER D 207 20.48 -28.73 10.16
CA SER D 207 19.21 -28.05 10.33
C SER D 207 18.03 -29.04 10.35
N CYS D 208 16.91 -28.59 10.93
CA CYS D 208 15.66 -29.33 10.93
C CYS D 208 14.54 -28.40 10.55
N GLY D 209 13.98 -28.56 9.36
CA GLY D 209 12.92 -27.69 8.87
C GLY D 209 11.57 -28.04 9.47
N LYS D 210 10.79 -27.02 9.83
CA LYS D 210 9.49 -27.22 10.46
C LYS D 210 8.47 -26.27 9.86
N HIS D 211 7.20 -26.64 9.67
CA HIS D 211 6.62 -27.94 9.96
C HIS D 211 6.03 -28.44 8.65
N PHE D 212 6.64 -29.48 8.09
CA PHE D 212 6.31 -29.95 6.76
C PHE D 212 4.87 -30.43 6.66
N PRO D 213 4.16 -30.06 5.59
CA PRO D 213 4.50 -29.29 4.40
C PRO D 213 4.21 -27.78 4.48
N GLY D 214 3.91 -27.26 5.67
CA GLY D 214 3.68 -25.84 5.88
C GLY D 214 2.52 -25.57 6.83
N HIS D 215 2.86 -24.98 7.97
CA HIS D 215 1.93 -24.73 9.05
C HIS D 215 1.41 -23.28 9.01
N GLY D 216 1.90 -22.48 8.08
CA GLY D 216 1.62 -21.04 8.10
C GLY D 216 0.22 -20.56 7.79
N PHE D 217 -0.56 -21.36 7.07
CA PHE D 217 -1.84 -20.88 6.51
C PHE D 217 -3.01 -21.14 7.42
N VAL D 218 -2.94 -22.23 8.20
CA VAL D 218 -4.04 -22.55 9.11
C VAL D 218 -4.09 -21.54 10.23
N GLU D 219 -5.22 -21.48 10.90
CA GLU D 219 -5.34 -20.75 12.12
C GLU D 219 -5.00 -21.68 13.26
N GLY D 220 -4.30 -21.17 14.27
CA GLY D 220 -3.82 -22.00 15.38
C GLY D 220 -3.59 -21.16 16.61
N ASP D 221 -4.60 -21.12 17.49
CA ASP D 221 -4.60 -20.29 18.70
C ASP D 221 -5.31 -20.88 19.93
N SER D 222 -6.44 -20.30 20.37
CA SER D 222 -7.06 -20.51 21.70
C SER D 222 -7.70 -21.90 21.90
N HIS D 223 -8.03 -22.58 20.80
CA HIS D 223 -8.75 -23.86 20.86
C HIS D 223 -7.73 -24.96 20.63
N LEU D 224 -7.91 -26.12 21.27
CA LEU D 224 -6.87 -27.20 21.21
C LEU D 224 -7.07 -28.31 20.16
N VAL D 225 -6.73 -28.02 18.89
CA VAL D 225 -7.39 -28.64 17.76
C VAL D 225 -6.45 -29.28 16.72
N LEU D 226 -7.03 -30.00 15.77
CA LEU D 226 -6.34 -30.45 14.56
C LEU D 226 -6.77 -29.54 13.39
N PRO D 227 -5.95 -28.54 13.04
CA PRO D 227 -6.39 -27.59 12.03
C PRO D 227 -6.45 -28.21 10.66
N GLU D 228 -7.19 -27.55 9.79
CA GLU D 228 -7.41 -28.00 8.44
C GLU D 228 -6.95 -26.92 7.47
N ASP D 229 -6.09 -27.29 6.54
CA ASP D 229 -5.64 -26.38 5.48
C ASP D 229 -6.32 -26.86 4.21
N GLY D 230 -7.28 -26.08 3.70
CA GLY D 230 -8.13 -26.52 2.59
C GLY D 230 -7.56 -26.33 1.20
N ARG D 231 -6.29 -25.93 1.11
CA ARG D 231 -5.70 -25.61 -0.19
C ARG D 231 -5.29 -26.85 -0.99
N SER D 232 -5.12 -26.63 -2.29
CA SER D 232 -4.72 -27.67 -3.23
C SER D 232 -3.21 -27.85 -3.19
N LEU D 233 -2.75 -29.00 -3.67
CA LEU D 233 -1.33 -29.28 -3.73
C LEU D 233 -0.58 -28.24 -4.58
N ASP D 234 -1.18 -27.83 -5.70
CA ASP D 234 -0.57 -26.81 -6.55
C ASP D 234 -0.37 -25.50 -5.79
N GLU D 235 -1.33 -25.11 -4.98
CA GLU D 235 -1.19 -23.90 -4.19
C GLU D 235 0.00 -24.05 -3.23
N LEU D 236 0.13 -25.21 -2.59
CA LEU D 236 1.25 -25.43 -1.68
C LEU D 236 2.59 -25.48 -2.40
N GLU D 237 2.61 -26.05 -3.60
CA GLU D 237 3.82 -26.11 -4.40
C GLU D 237 4.27 -24.73 -4.84
N ALA D 238 3.33 -23.84 -5.10
CA ALA D 238 3.66 -22.49 -5.52
C ALA D 238 4.24 -21.64 -4.38
N ALA D 239 4.08 -22.08 -3.12
CA ALA D 239 4.49 -21.27 -1.97
C ALA D 239 5.07 -22.08 -0.81
N ASP D 240 4.21 -22.62 0.05
CA ASP D 240 4.64 -23.20 1.34
C ASP D 240 5.67 -24.32 1.21
N LEU D 241 5.54 -25.14 0.16
CA LEU D 241 6.48 -26.25 -0.05
C LEU D 241 7.85 -25.83 -0.57
N ALA D 242 7.94 -24.67 -1.22
CA ALA D 242 9.19 -24.32 -1.90
C ALA D 242 10.40 -24.23 -0.97
N PRO D 243 10.23 -23.60 0.22
CA PRO D 243 11.40 -23.60 1.14
C PRO D 243 11.86 -25.01 1.56
N PHE D 244 10.91 -25.92 1.71
CA PHE D 244 11.24 -27.29 2.06
C PHE D 244 12.03 -27.95 0.94
N ARG D 245 11.57 -27.80 -0.31
CA ARG D 245 12.31 -28.33 -1.47
C ARG D 245 13.73 -27.81 -1.53
N ILE D 246 13.86 -26.50 -1.40
CA ILE D 246 15.16 -25.85 -1.53
C ILE D 246 16.11 -26.26 -0.38
N MET D 247 15.59 -26.31 0.86
CA MET D 247 16.42 -26.70 1.99
C MET D 247 16.83 -28.18 1.91
N SER D 248 15.93 -29.00 1.43
CA SER D 248 16.23 -30.41 1.19
C SER D 248 17.38 -30.56 0.20
N ARG D 249 17.29 -29.85 -0.92
CA ARG D 249 18.35 -29.88 -1.94
C ARG D 249 19.68 -29.46 -1.35
N GLU D 250 19.65 -28.48 -0.45
CA GLU D 250 20.88 -27.94 0.12
C GLU D 250 21.32 -28.62 1.43
N GLY D 251 20.81 -29.82 1.71
CA GLY D 251 21.38 -30.65 2.77
C GLY D 251 20.72 -30.60 4.15
N MET D 252 19.50 -30.08 4.23
CA MET D 252 18.74 -30.11 5.48
C MET D 252 18.68 -31.54 6.05
N ALA D 253 18.96 -31.69 7.33
CA ALA D 253 19.14 -33.02 7.94
C ALA D 253 17.86 -33.68 8.38
N ALA D 254 16.84 -32.87 8.66
CA ALA D 254 15.62 -33.41 9.20
C ALA D 254 14.45 -32.50 8.95
N VAL D 255 13.28 -33.07 9.17
CA VAL D 255 12.02 -32.38 9.11
C VAL D 255 11.12 -32.80 10.29
N MET D 256 10.35 -31.84 10.80
CA MET D 256 9.30 -32.07 11.74
C MET D 256 8.01 -31.83 10.94
N PRO D 257 7.04 -32.74 11.01
CA PRO D 257 5.80 -32.58 10.26
C PRO D 257 4.80 -31.70 10.98
N ALA D 258 3.91 -31.07 10.23
CA ALA D 258 2.81 -30.29 10.81
C ALA D 258 1.69 -31.22 11.29
N HIS D 259 1.12 -30.94 12.45
CA HIS D 259 -0.07 -31.63 12.89
C HIS D 259 -1.27 -30.90 12.29
N VAL D 260 -1.47 -31.15 11.00
CA VAL D 260 -2.42 -30.41 10.19
C VAL D 260 -2.89 -31.35 9.11
N VAL D 261 -4.19 -31.29 8.81
CA VAL D 261 -4.78 -32.08 7.74
C VAL D 261 -4.92 -31.17 6.53
N TYR D 262 -4.55 -31.69 5.36
CA TYR D 262 -4.70 -31.02 4.10
C TYR D 262 -5.61 -31.89 3.24
N PRO D 263 -6.95 -31.76 3.41
CA PRO D 263 -7.91 -32.71 2.82
C PRO D 263 -7.85 -32.91 1.31
N GLN D 264 -7.43 -31.91 0.55
CA GLN D 264 -7.30 -32.09 -0.89
C GLN D 264 -6.18 -33.04 -1.26
N VAL D 265 -5.27 -33.33 -0.32
CA VAL D 265 -4.15 -34.23 -0.58
C VAL D 265 -4.29 -35.54 0.16
N ASP D 266 -4.74 -35.48 1.42
CA ASP D 266 -4.95 -36.68 2.22
C ASP D 266 -5.84 -36.31 3.39
N THR D 267 -6.62 -37.29 3.83
CA THR D 267 -7.50 -37.14 4.97
C THR D 267 -6.77 -37.26 6.30
N LYS D 268 -5.54 -37.75 6.23
CA LYS D 268 -4.69 -37.89 7.43
C LYS D 268 -3.80 -36.67 7.64
N PRO D 269 -3.55 -36.32 8.91
CA PRO D 269 -2.52 -35.33 9.20
C PRO D 269 -1.18 -35.73 8.59
N ALA D 270 -0.37 -34.74 8.23
CA ALA D 270 0.87 -34.98 7.51
C ALA D 270 1.80 -35.99 8.18
N GLY D 271 1.93 -35.90 9.50
CA GLY D 271 2.81 -36.80 10.24
C GLY D 271 2.38 -38.25 10.28
N PHE D 272 1.16 -38.52 9.80
CA PHE D 272 0.62 -39.87 9.74
C PHE D 272 0.22 -40.22 8.30
N SER D 273 0.76 -39.51 7.31
CA SER D 273 0.33 -39.66 5.90
C SER D 273 1.44 -40.18 5.01
N GLU D 274 1.24 -41.37 4.47
CA GLU D 274 2.16 -41.94 3.47
C GLU D 274 2.27 -41.06 2.26
N ILE D 275 1.16 -40.42 1.89
CA ILE D 275 1.16 -39.54 0.72
C ILE D 275 2.11 -38.37 0.96
N TRP D 276 1.97 -37.70 2.09
CA TRP D 276 2.85 -36.57 2.40
C TRP D 276 4.30 -37.00 2.58
N LEU D 277 4.52 -38.08 3.33
CA LEU D 277 5.88 -38.43 3.74
C LEU D 277 6.62 -39.28 2.73
N LYS D 278 5.96 -40.28 2.15
CA LYS D 278 6.63 -41.16 1.18
C LYS D 278 6.49 -40.64 -0.24
N GLN D 279 5.28 -40.37 -0.66
CA GLN D 279 5.04 -40.02 -2.04
C GLN D 279 5.56 -38.60 -2.32
N ILE D 280 5.26 -37.64 -1.45
CA ILE D 280 5.65 -36.26 -1.72
C ILE D 280 7.05 -35.95 -1.20
N LEU D 281 7.31 -36.16 0.08
CA LEU D 281 8.61 -35.78 0.65
C LEU D 281 9.76 -36.66 0.16
N ARG D 282 9.62 -37.97 0.25
CA ARG D 282 10.70 -38.88 -0.20
C ARG D 282 10.85 -38.93 -1.72
N ARG D 283 9.79 -39.35 -2.39
CA ARG D 283 9.85 -39.62 -3.83
C ARG D 283 9.90 -38.37 -4.70
N ASP D 284 8.96 -37.46 -4.51
CA ASP D 284 8.87 -36.26 -5.33
C ASP D 284 9.96 -35.21 -4.99
N ILE D 285 10.16 -34.93 -3.71
CA ILE D 285 11.15 -33.93 -3.30
C ILE D 285 12.56 -34.53 -3.26
N GLY D 286 12.66 -35.82 -2.99
CA GLY D 286 13.98 -36.48 -2.90
C GLY D 286 14.71 -36.33 -1.58
N PHE D 287 13.97 -36.05 -0.51
CA PHE D 287 14.57 -35.82 0.81
C PHE D 287 15.08 -37.13 1.39
N LYS D 288 16.33 -37.14 1.84
CA LYS D 288 16.98 -38.34 2.37
C LYS D 288 17.27 -38.29 3.86
N GLY D 289 16.90 -37.21 4.53
CA GLY D 289 17.17 -37.04 5.94
C GLY D 289 16.16 -37.69 6.85
N VAL D 290 16.19 -37.30 8.11
CA VAL D 290 15.28 -37.80 9.11
C VAL D 290 13.90 -37.17 8.99
N ILE D 291 12.87 -38.00 9.08
CA ILE D 291 11.52 -37.52 9.31
C ILE D 291 11.17 -37.87 10.76
N PHE D 292 11.06 -36.87 11.61
CA PHE D 292 10.56 -37.08 12.97
C PHE D 292 9.02 -37.20 13.01
N SER D 293 8.49 -37.85 14.05
CA SER D 293 7.03 -38.08 14.19
C SER D 293 6.07 -37.09 14.76
N ASP D 294 6.51 -36.02 15.38
CA ASP D 294 5.47 -35.32 16.15
C ASP D 294 5.30 -36.11 17.46
N ASP D 295 4.71 -35.47 18.46
CA ASP D 295 4.76 -36.02 19.82
C ASP D 295 3.60 -37.02 19.94
N LEU D 296 3.95 -38.28 20.19
CA LEU D 296 2.96 -39.35 20.18
C LEU D 296 2.12 -39.43 21.44
N THR D 297 2.52 -38.71 22.50
CA THR D 297 1.77 -38.75 23.78
C THR D 297 0.24 -38.56 23.68
N MET D 298 -0.23 -37.87 22.64
CA MET D 298 -1.66 -37.80 22.38
C MET D 298 -2.16 -38.94 21.50
N CYS D 302 -5.38 -42.48 26.14
CA CYS D 302 -4.88 -42.87 24.83
C CYS D 302 -5.78 -43.90 24.13
N GLY D 303 -5.59 -44.03 22.82
CA GLY D 303 -6.41 -44.91 21.98
C GLY D 303 -6.09 -46.38 22.14
N ALA D 304 -6.82 -47.22 21.42
CA ALA D 304 -6.59 -48.66 21.44
C ALA D 304 -5.18 -48.99 20.94
N GLY D 305 -4.53 -49.92 21.65
CA GLY D 305 -3.17 -50.33 21.34
C GLY D 305 -2.15 -49.44 22.01
N GLY D 306 -2.59 -48.25 22.40
CA GLY D 306 -1.76 -47.33 23.16
C GLY D 306 -0.57 -46.81 22.37
N ILE D 307 0.49 -46.55 23.10
CA ILE D 307 1.70 -45.96 22.52
C ILE D 307 2.32 -46.85 21.46
N LYS D 308 2.34 -48.16 21.69
CA LYS D 308 2.88 -49.09 20.70
C LYS D 308 2.17 -48.95 19.36
N GLU D 309 0.85 -48.84 19.40
CA GLU D 309 0.07 -48.70 18.17
C GLU D 309 0.31 -47.33 17.51
N ARG D 310 0.37 -46.30 18.34
CA ARG D 310 0.64 -44.94 17.85
C ARG D 310 2.02 -44.88 17.14
N ALA D 311 3.02 -45.48 17.75
CA ALA D 311 4.34 -45.55 17.13
C ALA D 311 4.26 -46.33 15.83
N ARG D 312 3.59 -47.48 15.86
CA ARG D 312 3.47 -48.32 14.66
C ARG D 312 2.95 -47.53 13.47
N ILE D 313 1.89 -46.77 13.67
CA ILE D 313 1.31 -46.04 12.52
C ILE D 313 2.21 -44.87 12.05
N SER D 314 2.97 -44.29 12.98
CA SER D 314 3.93 -43.25 12.62
C SER D 314 5.05 -43.84 11.73
N PHE D 315 5.64 -44.98 12.14
CA PHE D 315 6.66 -45.65 11.33
C PHE D 315 6.11 -46.05 9.97
N GLU D 316 4.92 -46.64 9.97
CA GLU D 316 4.26 -47.09 8.74
C GLU D 316 3.99 -45.92 7.77
N ALA D 317 3.71 -44.73 8.32
CA ALA D 317 3.51 -43.54 7.47
C ALA D 317 4.80 -43.01 6.83
N GLY D 318 5.96 -43.35 7.39
CA GLY D 318 7.25 -42.92 6.84
C GLY D 318 8.20 -42.22 7.81
N CYS D 319 7.80 -42.06 9.07
CA CYS D 319 8.69 -41.47 10.08
C CYS D 319 9.84 -42.41 10.40
N ASP D 320 11.04 -41.85 10.56
CA ASP D 320 12.24 -42.61 10.95
C ASP D 320 12.31 -42.76 12.48
N ILE D 321 11.98 -41.67 13.18
CA ILE D 321 12.24 -41.57 14.60
C ILE D 321 11.00 -41.00 15.25
N VAL D 322 10.53 -41.67 16.32
CA VAL D 322 9.35 -41.20 17.04
C VAL D 322 9.77 -40.45 18.32
N LEU D 323 9.09 -39.35 18.57
CA LEU D 323 9.31 -38.54 19.76
C LEU D 323 8.28 -38.92 20.80
N VAL D 324 8.73 -39.16 22.01
CA VAL D 324 7.86 -39.41 23.15
C VAL D 324 8.34 -38.57 24.32
N CYS D 325 7.67 -37.44 24.54
CA CYS D 325 8.12 -36.43 25.47
C CYS D 325 7.24 -36.36 26.70
N ASN D 326 7.85 -36.01 27.83
CA ASN D 326 7.15 -35.78 29.09
C ASN D 326 6.43 -37.01 29.65
N ARG D 327 6.75 -38.20 29.15
CA ARG D 327 6.03 -39.41 29.53
C ARG D 327 6.96 -40.62 29.58
N PRO D 328 7.86 -40.64 30.57
CA PRO D 328 8.79 -41.78 30.65
C PRO D 328 8.05 -43.11 30.85
N ASP D 329 6.87 -43.06 31.46
CA ASP D 329 6.01 -44.24 31.58
C ASP D 329 5.65 -44.82 30.20
N LEU D 330 5.33 -43.96 29.24
CA LEU D 330 4.99 -44.40 27.90
C LEU D 330 6.21 -44.86 27.13
N VAL D 331 7.37 -44.27 27.41
CA VAL D 331 8.61 -44.76 26.82
C VAL D 331 8.89 -46.17 27.33
N ASP D 332 8.69 -46.38 28.63
CA ASP D 332 8.88 -47.70 29.24
C ASP D 332 7.92 -48.74 28.67
N GLU D 333 6.66 -48.34 28.49
CA GLU D 333 5.69 -49.21 27.89
C GLU D 333 6.08 -49.53 26.44
N LEU D 334 6.50 -48.51 25.69
CA LEU D 334 6.85 -48.70 24.27
C LEU D 334 8.03 -49.62 24.09
N ARG D 335 9.09 -49.41 24.89
CA ARG D 335 10.33 -50.16 24.70
C ARG D 335 10.28 -51.64 25.14
N ASP D 336 9.37 -51.97 26.06
CA ASP D 336 9.27 -53.33 26.58
C ASP D 336 8.73 -54.29 25.51
N GLY D 337 9.58 -55.18 25.04
CA GLY D 337 9.24 -56.10 23.94
C GLY D 337 9.16 -55.41 22.58
N PHE D 338 9.80 -54.26 22.46
CA PHE D 338 9.74 -53.47 21.23
C PHE D 338 10.55 -54.14 20.14
N THR D 339 9.95 -54.26 18.96
CA THR D 339 10.69 -54.70 17.79
C THR D 339 11.07 -53.48 16.94
N ILE D 340 12.38 -53.30 16.77
CA ILE D 340 12.91 -52.20 15.98
C ILE D 340 12.54 -52.41 14.51
N PRO D 341 11.72 -51.51 13.94
CA PRO D 341 11.33 -51.69 12.54
C PRO D 341 12.54 -51.67 11.63
N ASP D 342 12.47 -52.41 10.52
CA ASP D 342 13.58 -52.50 9.60
C ASP D 342 13.75 -51.16 8.86
N ASN D 343 14.91 -50.55 9.04
CA ASN D 343 15.20 -49.27 8.44
C ASN D 343 16.69 -49.20 8.25
N GLN D 344 17.14 -49.60 7.06
CA GLN D 344 18.57 -49.63 6.76
C GLN D 344 19.18 -48.24 6.71
N ASP D 345 18.35 -47.20 6.57
CA ASP D 345 18.85 -45.83 6.47
C ASP D 345 18.96 -45.14 7.82
N LEU D 346 18.42 -45.75 8.86
CA LEU D 346 18.34 -45.09 10.16
C LEU D 346 19.69 -44.66 10.69
N ALA D 347 20.64 -45.58 10.67
CA ALA D 347 21.97 -45.34 11.24
C ALA D 347 22.63 -44.10 10.61
N GLY D 348 22.55 -44.01 9.29
CA GLY D 348 23.16 -42.89 8.56
C GLY D 348 22.40 -41.59 8.78
N ARG D 349 21.08 -41.69 8.88
CA ARG D 349 20.25 -40.53 9.15
C ARG D 349 20.53 -39.92 10.53
N TRP D 350 20.69 -40.75 11.56
CA TRP D 350 21.13 -40.24 12.87
C TRP D 350 22.52 -39.62 12.78
N GLN D 351 23.45 -40.33 12.14
CA GLN D 351 24.86 -39.94 12.15
C GLN D 351 25.07 -38.60 11.44
N TYR D 352 24.33 -38.37 10.37
CA TYR D 352 24.39 -37.09 9.66
C TYR D 352 24.11 -35.89 10.60
N MET D 353 23.32 -36.13 11.66
CA MET D 353 22.98 -35.10 12.64
C MET D 353 24.00 -34.91 13.75
N GLU D 354 25.02 -35.75 13.84
CA GLU D 354 26.02 -35.61 14.89
C GLU D 354 26.71 -34.25 14.77
N ASN D 355 27.01 -33.61 15.90
CA ASN D 355 27.73 -32.35 15.87
C ASN D 355 29.09 -32.55 15.18
N SER D 356 29.46 -31.62 14.32
CA SER D 356 30.69 -31.72 13.54
C SER D 356 31.90 -31.00 14.18
N LEU D 357 31.71 -30.29 15.29
CA LEU D 357 32.79 -29.63 16.02
C LEU D 357 33.15 -30.36 17.31
N GLY D 358 34.45 -30.56 17.53
CA GLY D 358 34.96 -31.07 18.80
C GLY D 358 34.91 -29.98 19.86
N HIS D 359 34.92 -30.40 21.12
CA HIS D 359 34.78 -29.49 22.27
C HIS D 359 35.85 -28.40 22.27
N GLU D 360 37.11 -28.81 22.03
CA GLU D 360 38.22 -27.86 22.02
C GLU D 360 38.08 -26.82 20.93
N ALA D 361 37.74 -27.27 19.73
CA ALA D 361 37.54 -26.40 18.60
C ALA D 361 36.48 -25.32 18.86
N VAL D 362 35.42 -25.68 19.60
CA VAL D 362 34.38 -24.73 19.96
C VAL D 362 34.88 -23.71 20.97
N GLN D 363 35.58 -24.17 22.02
CA GLN D 363 36.18 -23.24 22.99
C GLN D 363 37.10 -22.23 22.31
N ALA D 364 37.89 -22.68 21.35
CA ALA D 364 38.81 -21.80 20.64
C ALA D 364 38.03 -20.75 19.90
N VAL D 365 37.04 -21.18 19.12
CA VAL D 365 36.25 -20.26 18.31
C VAL D 365 35.60 -19.16 19.15
N MET D 366 35.15 -19.54 20.33
CA MET D 366 34.41 -18.61 21.17
C MET D 366 35.31 -17.55 21.82
N GLN D 367 36.62 -17.81 21.89
CA GLN D 367 37.60 -16.81 22.37
C GLN D 367 37.92 -15.77 21.29
N THR D 368 37.61 -16.05 20.02
CA THR D 368 37.96 -15.13 18.95
C THR D 368 37.14 -13.84 19.03
N MET D 369 37.73 -12.76 18.54
CA MET D 369 37.10 -11.44 18.54
C MET D 369 35.92 -11.42 17.53
N GLY D 370 36.08 -12.16 16.42
CA GLY D 370 35.01 -12.31 15.43
C GLY D 370 33.74 -12.93 15.97
N PHE D 371 33.89 -13.99 16.75
CA PHE D 371 32.73 -14.66 17.32
C PHE D 371 32.07 -13.79 18.39
N GLN D 372 32.89 -13.16 19.23
CA GLN D 372 32.35 -12.31 20.28
C GLN D 372 31.60 -11.11 19.69
N ALA D 373 32.05 -10.64 18.53
CA ALA D 373 31.33 -9.59 17.82
C ALA D 373 29.99 -10.12 17.29
N ALA D 374 30.00 -11.33 16.74
CA ALA D 374 28.75 -11.99 16.34
C ALA D 374 27.77 -12.05 17.52
N GLN D 375 28.26 -12.49 18.68
CA GLN D 375 27.44 -12.54 19.88
C GLN D 375 26.77 -11.21 20.16
N ALA D 376 27.55 -10.13 20.17
CA ALA D 376 27.00 -8.82 20.49
C ALA D 376 26.03 -8.35 19.42
N PHE D 377 26.33 -8.64 18.16
CA PHE D 377 25.39 -8.29 17.08
C PHE D 377 24.04 -8.99 17.28
N VAL D 378 24.08 -10.30 17.53
CA VAL D 378 22.87 -11.09 17.71
C VAL D 378 22.11 -10.62 18.94
N ALA D 379 22.83 -10.41 20.05
CA ALA D 379 22.24 -9.84 21.28
C ALA D 379 21.48 -8.55 20.99
N GLY D 380 22.05 -7.71 20.12
CA GLY D 380 21.45 -6.42 19.76
C GLY D 380 20.18 -6.55 18.97
N LEU D 381 20.11 -7.56 18.10
CA LEU D 381 18.88 -7.85 17.38
C LEU D 381 17.76 -8.24 18.35
N ALA D 382 18.10 -8.96 19.42
CA ALA D 382 17.11 -9.39 20.41
C ALA D 382 16.62 -8.28 21.35
N SER D 383 17.37 -7.17 21.45
CA SER D 383 16.94 -5.98 22.24
C SER D 383 17.10 -4.62 21.52
N PRO D 384 16.19 -4.29 20.59
CA PRO D 384 16.29 -3.01 19.88
C PRO D 384 15.70 -1.84 20.69
N VAL E 39 -42.24 -18.84 17.23
CA VAL E 39 -40.82 -18.75 17.69
C VAL E 39 -40.69 -19.19 19.15
N PRO E 40 -40.19 -20.41 19.39
CA PRO E 40 -40.17 -20.94 20.75
C PRO E 40 -39.39 -20.11 21.77
N HIS E 41 -39.93 -20.00 22.97
CA HIS E 41 -39.25 -19.31 24.06
C HIS E 41 -38.60 -20.34 24.97
N ILE E 42 -37.27 -20.41 24.92
CA ILE E 42 -36.47 -21.38 25.67
C ILE E 42 -35.32 -20.64 26.35
N PRO E 43 -35.08 -20.90 27.64
CA PRO E 43 -33.91 -20.27 28.22
C PRO E 43 -32.62 -20.67 27.48
N ARG E 44 -31.63 -19.79 27.49
CA ARG E 44 -30.33 -20.10 26.92
C ARG E 44 -29.70 -21.18 27.78
N GLY E 45 -29.32 -22.29 27.15
CA GLY E 45 -28.65 -23.37 27.85
C GLY E 45 -27.19 -23.09 28.12
N PRO E 46 -26.53 -24.01 28.86
CA PRO E 46 -25.14 -23.77 29.22
C PRO E 46 -24.09 -24.31 28.23
N VAL E 47 -24.47 -24.61 27.00
CA VAL E 47 -23.51 -25.08 26.02
C VAL E 47 -23.38 -24.07 24.89
N MET E 48 -22.14 -23.74 24.54
CA MET E 48 -21.89 -22.92 23.37
C MET E 48 -21.33 -23.85 22.31
N ALA E 49 -22.01 -23.91 21.19
CA ALA E 49 -21.66 -24.81 20.12
C ALA E 49 -21.20 -24.00 18.91
N ASP E 50 -21.14 -24.61 17.74
CA ASP E 50 -20.72 -23.92 16.53
C ASP E 50 -21.39 -24.53 15.33
N ILE E 51 -20.97 -24.08 14.14
CA ILE E 51 -21.62 -24.50 12.91
C ILE E 51 -20.59 -24.69 11.83
N ALA E 52 -20.97 -25.45 10.80
CA ALA E 52 -20.03 -25.97 9.82
C ALA E 52 -19.59 -24.97 8.77
N ALA E 53 -20.53 -24.20 8.22
CA ALA E 53 -20.22 -23.40 7.03
C ALA E 53 -20.97 -22.05 7.00
N PHE E 54 -21.41 -21.60 5.83
CA PHE E 54 -21.88 -20.23 5.63
C PHE E 54 -23.37 -20.01 5.96
N ARG E 55 -24.17 -21.07 5.89
CA ARG E 55 -25.60 -21.02 6.18
C ARG E 55 -25.98 -22.22 7.00
N LEU E 56 -27.00 -22.09 7.83
CA LEU E 56 -27.44 -23.21 8.67
C LEU E 56 -28.00 -24.32 7.81
N THR E 57 -27.66 -25.56 8.15
CA THR E 57 -28.33 -26.73 7.59
C THR E 57 -29.51 -27.03 8.48
N GLU E 58 -30.39 -27.89 7.99
CA GLU E 58 -31.59 -28.27 8.72
C GLU E 58 -31.20 -28.99 10.01
N GLU E 59 -30.22 -29.89 9.91
CA GLU E 59 -29.67 -30.60 11.07
C GLU E 59 -29.12 -29.63 12.13
N GLU E 60 -28.43 -28.58 11.68
CA GLU E 60 -27.93 -27.54 12.60
C GLU E 60 -29.08 -26.78 13.28
N LYS E 61 -30.11 -26.43 12.53
CA LYS E 61 -31.29 -25.76 13.09
C LYS E 61 -31.87 -26.58 14.24
N GLN E 62 -32.00 -27.89 14.03
CA GLN E 62 -32.55 -28.76 15.06
C GLN E 62 -31.62 -28.83 16.26
N ARG E 63 -30.32 -28.95 16.02
CA ARG E 63 -29.36 -28.95 17.11
C ARG E 63 -29.41 -27.65 17.91
N LEU E 64 -29.48 -26.51 17.23
CA LEU E 64 -29.51 -25.21 17.92
C LEU E 64 -30.81 -24.92 18.69
N LEU E 65 -31.85 -25.72 18.45
CA LEU E 65 -33.10 -25.59 19.22
C LEU E 65 -33.05 -26.38 20.51
N ASP E 66 -32.02 -27.18 20.71
CA ASP E 66 -31.94 -27.98 21.92
C ASP E 66 -31.78 -27.05 23.12
N PRO E 67 -32.54 -27.31 24.20
CA PRO E 67 -32.41 -26.45 25.38
C PRO E 67 -31.02 -26.42 26.04
N ALA E 68 -30.18 -27.40 25.75
CA ALA E 68 -28.82 -27.41 26.31
C ALA E 68 -27.97 -26.26 25.75
N ILE E 69 -28.33 -25.79 24.57
CA ILE E 69 -27.56 -24.78 23.88
C ILE E 69 -28.03 -23.37 24.20
N GLY E 70 -27.07 -22.48 24.47
CA GLY E 70 -27.34 -21.06 24.72
C GLY E 70 -26.60 -20.09 23.83
N GLY E 71 -25.61 -20.57 23.06
CA GLY E 71 -24.85 -19.69 22.20
C GLY E 71 -24.02 -20.41 21.15
N ILE E 72 -23.40 -19.60 20.28
CA ILE E 72 -22.65 -20.08 19.13
C ILE E 72 -21.36 -19.26 18.98
N ILE E 73 -20.26 -19.96 18.70
CA ILE E 73 -19.01 -19.31 18.36
C ILE E 73 -18.78 -19.51 16.86
N LEU E 74 -18.46 -18.43 16.16
CA LEU E 74 -18.15 -18.48 14.73
C LEU E 74 -16.65 -18.46 14.46
N PHE E 75 -16.28 -18.98 13.29
CA PHE E 75 -14.90 -19.12 12.86
C PHE E 75 -14.80 -18.65 11.42
N ARG E 76 -13.58 -18.64 10.88
CA ARG E 76 -13.37 -18.16 9.51
C ARG E 76 -14.15 -18.96 8.48
N ARG E 77 -14.32 -20.26 8.73
CA ARG E 77 -15.09 -21.14 7.83
C ARG E 77 -16.56 -20.76 7.74
N ASN E 78 -17.03 -19.92 8.65
CA ASN E 78 -18.40 -19.44 8.61
C ASN E 78 -18.53 -18.09 7.88
N PHE E 79 -17.46 -17.61 7.27
CA PHE E 79 -17.46 -16.26 6.72
C PHE E 79 -17.10 -16.23 5.25
N GLN E 80 -18.01 -15.68 4.47
CA GLN E 80 -17.86 -15.50 3.03
C GLN E 80 -17.74 -13.99 2.75
N ASN E 81 -18.72 -13.25 3.24
CA ASN E 81 -18.71 -11.79 3.17
C ASN E 81 -19.72 -11.24 4.16
N ILE E 82 -19.74 -9.93 4.31
CA ILE E 82 -20.57 -9.27 5.29
C ILE E 82 -22.05 -9.56 5.14
N GLU E 83 -22.56 -9.59 3.91
CA GLU E 83 -23.99 -9.83 3.69
C GLU E 83 -24.38 -11.26 4.05
N GLN E 84 -23.56 -12.22 3.62
CA GLN E 84 -23.78 -13.60 4.04
C GLN E 84 -23.74 -13.69 5.57
N LEU E 85 -22.78 -13.03 6.21
CA LEU E 85 -22.65 -13.12 7.66
C LEU E 85 -23.91 -12.59 8.36
N LYS E 86 -24.42 -11.46 7.88
CA LYS E 86 -25.68 -10.89 8.40
C LYS E 86 -26.84 -11.86 8.28
N THR E 87 -26.94 -12.52 7.13
CA THR E 87 -27.97 -13.52 6.90
C THR E 87 -27.82 -14.69 7.88
N LEU E 88 -26.57 -15.12 8.10
CA LEU E 88 -26.33 -16.22 9.02
C LEU E 88 -26.69 -15.88 10.44
N THR E 89 -26.25 -14.72 10.91
CA THR E 89 -26.54 -14.34 12.30
C THR E 89 -28.04 -14.13 12.49
N ALA E 90 -28.71 -13.55 11.50
CA ALA E 90 -30.16 -13.39 11.57
C ALA E 90 -30.88 -14.74 11.71
N GLU E 91 -30.54 -15.72 10.88
CA GLU E 91 -31.23 -17.01 10.97
C GLU E 91 -30.92 -17.75 12.28
N ILE E 92 -29.71 -17.58 12.81
CA ILE E 92 -29.39 -18.12 14.14
C ILE E 92 -30.28 -17.48 15.21
N LYS E 93 -30.39 -16.16 15.15
CA LYS E 93 -31.15 -15.41 16.15
C LYS E 93 -32.67 -15.69 16.04
N ALA E 94 -33.15 -15.94 14.82
CA ALA E 94 -34.56 -16.22 14.58
C ALA E 94 -35.07 -17.55 15.17
N LEU E 95 -34.17 -18.48 15.48
CA LEU E 95 -34.59 -19.82 15.93
C LEU E 95 -35.34 -19.81 17.24
N ARG E 96 -34.99 -18.90 18.13
CA ARG E 96 -35.52 -18.95 19.49
C ARG E 96 -35.29 -17.63 20.22
N THR E 97 -35.94 -17.52 21.36
CA THR E 97 -35.82 -16.37 22.25
C THR E 97 -35.66 -16.92 23.67
N PRO E 98 -34.82 -16.28 24.51
CA PRO E 98 -33.87 -15.21 24.18
C PRO E 98 -32.95 -15.69 23.08
N GLU E 99 -32.55 -14.77 22.22
CA GLU E 99 -31.78 -15.11 21.04
C GLU E 99 -30.43 -15.67 21.46
N LEU E 100 -29.98 -16.68 20.72
CA LEU E 100 -28.69 -17.30 20.98
C LEU E 100 -27.58 -16.26 20.89
N ILE E 101 -26.70 -16.25 21.89
CA ILE E 101 -25.57 -15.32 21.92
C ILE E 101 -24.53 -15.78 20.90
N ILE E 102 -24.02 -14.86 20.09
CA ILE E 102 -23.07 -15.18 19.03
C ILE E 102 -21.74 -14.50 19.28
N ALA E 103 -20.67 -15.30 19.30
CA ALA E 103 -19.33 -14.79 19.60
C ALA E 103 -18.33 -15.17 18.52
N VAL E 104 -17.18 -14.50 18.55
CA VAL E 104 -16.11 -14.71 17.60
C VAL E 104 -14.79 -14.28 18.25
N ASP E 105 -13.69 -14.88 17.80
CA ASP E 105 -12.36 -14.46 18.22
C ASP E 105 -11.84 -13.35 17.29
N HIS E 106 -12.12 -12.10 17.64
CA HIS E 106 -11.44 -10.96 17.00
C HIS E 106 -10.58 -10.30 18.03
N GLU E 107 -9.33 -10.70 18.06
CA GLU E 107 -8.32 -10.10 18.92
C GLU E 107 -7.57 -9.03 18.15
N GLY E 108 -7.12 -9.39 16.95
CA GLY E 108 -6.23 -8.55 16.16
C GLY E 108 -5.03 -9.34 15.68
N GLY E 109 -4.37 -8.84 14.64
CA GLY E 109 -3.18 -9.49 14.10
C GLY E 109 -3.52 -10.86 13.52
N ARG E 110 -2.85 -11.89 14.01
CA ARG E 110 -3.07 -13.24 13.50
C ARG E 110 -4.28 -13.97 14.10
N VAL E 111 -5.05 -13.28 14.94
CA VAL E 111 -6.33 -13.80 15.41
C VAL E 111 -7.44 -12.82 15.04
N GLN E 112 -7.92 -12.97 13.81
CA GLN E 112 -9.04 -12.22 13.31
C GLN E 112 -9.70 -13.10 12.27
N ARG E 113 -10.86 -13.64 12.62
CA ARG E 113 -11.54 -14.61 11.77
C ARG E 113 -12.03 -14.01 10.45
N PHE E 114 -12.62 -12.83 10.52
CA PHE E 114 -13.28 -12.22 9.37
C PHE E 114 -12.43 -11.07 8.82
N ILE E 115 -11.95 -11.24 7.60
CA ILE E 115 -10.98 -10.33 7.01
C ILE E 115 -11.64 -9.38 5.98
N GLU E 116 -12.17 -9.96 4.91
CA GLU E 116 -12.72 -9.17 3.81
C GLU E 116 -13.90 -8.30 4.23
N GLY E 117 -13.79 -7.00 3.97
CA GLY E 117 -14.85 -6.06 4.33
C GLY E 117 -14.74 -5.53 5.75
N PHE E 118 -13.74 -5.98 6.51
CA PHE E 118 -13.48 -5.48 7.85
C PHE E 118 -12.19 -4.67 7.84
N THR E 119 -12.06 -3.73 8.76
CA THR E 119 -10.77 -3.10 9.00
C THR E 119 -9.83 -4.20 9.52
N ARG E 120 -8.61 -4.24 8.99
CA ARG E 120 -7.62 -5.17 9.47
C ARG E 120 -7.13 -4.64 10.81
N LEU E 121 -7.16 -5.51 11.84
CA LEU E 121 -6.80 -5.10 13.18
C LEU E 121 -5.34 -5.41 13.51
N PRO E 122 -4.67 -4.52 14.22
CA PRO E 122 -3.30 -4.80 14.60
C PRO E 122 -3.23 -5.83 15.73
N ALA E 123 -2.09 -6.50 15.88
CA ALA E 123 -1.83 -7.36 17.01
C ALA E 123 -1.78 -6.50 18.26
N MET E 124 -2.23 -7.04 19.38
CA MET E 124 -2.28 -6.25 20.60
C MET E 124 -0.92 -5.75 21.05
N ASN E 125 0.15 -6.46 20.71
CA ASN E 125 1.46 -5.97 21.15
C ASN E 125 1.88 -4.67 20.47
N VAL E 126 1.24 -4.34 19.36
CA VAL E 126 1.44 -3.07 18.71
C VAL E 126 1.04 -1.93 19.65
N LEU E 127 -0.02 -2.14 20.43
CA LEU E 127 -0.45 -1.13 21.40
C LEU E 127 0.58 -0.98 22.51
N GLY E 128 1.19 -2.08 22.91
CA GLY E 128 2.23 -2.04 23.91
C GLY E 128 3.49 -1.38 23.41
N GLN E 129 3.74 -1.48 22.11
CA GLN E 129 4.88 -0.79 21.51
C GLN E 129 4.66 0.74 21.48
N ILE E 130 3.43 1.17 21.22
CA ILE E 130 3.08 2.57 21.34
C ILE E 130 3.28 3.06 22.79
N TRP E 131 2.86 2.25 23.76
CA TRP E 131 3.09 2.57 25.18
C TRP E 131 4.56 2.86 25.46
N ASP E 132 5.43 1.97 24.98
CA ASP E 132 6.87 2.12 25.20
C ASP E 132 7.47 3.33 24.49
N LYS E 133 6.97 3.63 23.30
CA LYS E 133 7.57 4.66 22.45
C LYS E 133 6.96 6.04 22.68
N ASP E 134 5.64 6.13 22.65
CA ASP E 134 4.93 7.41 22.76
C ASP E 134 4.30 7.66 24.11
N GLY E 135 4.32 6.67 25.01
CA GLY E 135 3.72 6.83 26.32
C GLY E 135 2.30 6.33 26.50
N ALA E 136 1.89 6.23 27.76
CA ALA E 136 0.64 5.58 28.14
C ALA E 136 -0.58 6.27 27.56
N SER E 137 -0.54 7.60 27.55
CA SER E 137 -1.70 8.34 27.09
C SER E 137 -2.03 8.08 25.62
N ALA E 138 -1.00 8.11 24.76
CA ALA E 138 -1.19 7.81 23.35
C ALA E 138 -1.62 6.36 23.12
N ALA E 139 -1.05 5.44 23.90
CA ALA E 139 -1.34 4.02 23.77
C ALA E 139 -2.77 3.70 24.18
N GLU E 140 -3.22 4.28 25.29
CA GLU E 140 -4.60 4.12 25.72
C GLU E 140 -5.58 4.67 24.70
N THR E 141 -5.27 5.83 24.15
CA THR E 141 -6.15 6.42 23.12
C THR E 141 -6.23 5.48 21.92
N ALA E 142 -5.09 4.92 21.53
CA ALA E 142 -5.07 4.01 20.39
C ALA E 142 -5.89 2.75 20.70
N ALA E 143 -5.73 2.20 21.91
CA ALA E 143 -6.46 1.00 22.31
C ALA E 143 -7.94 1.22 22.27
N GLY E 144 -8.37 2.40 22.72
CA GLY E 144 -9.80 2.74 22.68
C GLY E 144 -10.36 2.69 21.27
N GLN E 145 -9.59 3.20 20.33
CA GLN E 145 -10.03 3.23 18.94
C GLN E 145 -10.06 1.83 18.34
N VAL E 146 -9.04 1.04 18.63
CA VAL E 146 -9.02 -0.34 18.15
C VAL E 146 -10.27 -1.06 18.66
N GLY E 147 -10.54 -0.96 19.95
CA GLY E 147 -11.73 -1.58 20.52
C GLY E 147 -13.01 -1.14 19.85
N ARG E 148 -13.13 0.17 19.65
CA ARG E 148 -14.31 0.72 19.03
C ARG E 148 -14.54 0.19 17.63
N VAL E 149 -13.50 0.22 16.82
CA VAL E 149 -13.61 -0.27 15.44
C VAL E 149 -13.92 -1.77 15.42
N LEU E 150 -13.14 -2.52 16.20
CA LEU E 150 -13.30 -3.97 16.29
C LEU E 150 -14.74 -4.35 16.58
N ALA E 151 -15.29 -3.78 17.64
CA ALA E 151 -16.63 -4.14 18.10
C ALA E 151 -17.73 -3.63 17.16
N THR E 152 -17.58 -2.39 16.69
CA THR E 152 -18.65 -1.77 15.90
C THR E 152 -18.86 -2.54 14.61
N GLU E 153 -17.78 -2.88 13.92
CA GLU E 153 -17.90 -3.59 12.65
C GLU E 153 -18.55 -4.96 12.83
N LEU E 154 -18.26 -5.62 13.96
CA LEU E 154 -18.88 -6.90 14.25
C LEU E 154 -20.33 -6.71 14.64
N SER E 155 -20.61 -5.66 15.41
CA SER E 155 -21.98 -5.38 15.84
C SER E 155 -22.91 -5.17 14.65
N ALA E 156 -22.38 -4.54 13.60
CA ALA E 156 -23.14 -4.34 12.36
C ALA E 156 -23.59 -5.65 11.73
N CYS E 157 -22.89 -6.75 12.04
CA CYS E 157 -23.17 -8.03 11.42
C CYS E 157 -23.99 -8.97 12.29
N GLY E 158 -24.43 -8.50 13.45
CA GLY E 158 -25.25 -9.31 14.34
C GLY E 158 -24.47 -10.14 15.35
N ILE E 159 -23.19 -9.80 15.55
CA ILE E 159 -22.36 -10.51 16.50
C ILE E 159 -22.55 -9.84 17.86
N ASP E 160 -22.59 -10.63 18.92
CA ASP E 160 -22.76 -10.07 20.27
C ASP E 160 -21.44 -9.67 20.93
N LEU E 161 -20.40 -10.47 20.72
CA LEU E 161 -19.21 -10.38 21.56
C LEU E 161 -17.99 -10.92 20.84
N SER E 162 -16.86 -10.23 21.02
CA SER E 162 -15.56 -10.79 20.65
C SER E 162 -14.87 -11.31 21.89
N PHE E 163 -14.24 -12.48 21.77
CA PHE E 163 -13.45 -13.05 22.86
C PHE E 163 -12.09 -12.34 22.94
N THR E 164 -12.12 -11.16 23.56
CA THR E 164 -10.94 -10.32 23.69
C THR E 164 -11.23 -9.41 24.88
N PRO E 165 -10.20 -8.95 25.58
CA PRO E 165 -8.78 -9.04 25.28
C PRO E 165 -7.99 -10.14 25.99
N VAL E 166 -6.87 -10.49 25.37
CA VAL E 166 -5.85 -11.27 26.03
C VAL E 166 -5.21 -10.40 27.11
N LEU E 167 -5.16 -10.93 28.33
CA LEU E 167 -4.56 -10.27 29.49
C LEU E 167 -3.30 -10.98 29.94
N ASP E 168 -2.91 -12.03 29.22
CA ASP E 168 -1.64 -12.72 29.48
C ASP E 168 -0.50 -11.76 29.33
N LEU E 169 0.52 -11.92 30.17
CA LEU E 169 1.68 -11.06 30.15
C LEU E 169 2.74 -11.61 29.20
N ASP E 170 3.43 -10.74 28.49
CA ASP E 170 4.49 -11.18 27.61
C ASP E 170 5.79 -11.42 28.36
N TRP E 171 5.89 -12.59 28.99
CA TRP E 171 7.12 -12.98 29.66
C TRP E 171 8.22 -13.38 28.66
N GLY E 172 7.90 -13.44 27.37
CA GLY E 172 8.87 -13.87 26.37
C GLY E 172 9.04 -15.38 26.32
N ASN E 173 8.03 -16.12 26.79
CA ASN E 173 8.10 -17.58 26.90
C ASN E 173 7.15 -18.36 26.04
N CYS E 174 6.00 -17.77 25.70
CA CYS E 174 4.87 -18.54 25.18
C CYS E 174 4.53 -18.14 23.76
N ALA E 175 4.91 -18.98 22.79
CA ALA E 175 4.73 -18.64 21.37
C ALA E 175 3.27 -18.59 20.97
N VAL E 176 2.45 -19.46 21.54
CA VAL E 176 1.05 -19.49 21.14
C VAL E 176 0.29 -18.22 21.56
N ILE E 177 0.78 -17.54 22.60
CA ILE E 177 0.29 -16.21 22.94
C ILE E 177 1.02 -15.22 22.04
N GLY E 178 2.33 -15.19 22.16
CA GLY E 178 3.16 -14.38 21.29
C GLY E 178 2.79 -12.91 21.28
N ASN E 179 2.58 -12.37 20.09
CA ASN E 179 2.22 -10.98 19.94
C ASN E 179 0.75 -10.70 20.26
N ARG E 180 0.00 -11.70 20.72
CA ARG E 180 -1.36 -11.51 21.19
C ARG E 180 -1.45 -10.80 22.53
N SER E 181 -0.35 -10.80 23.28
CA SER E 181 -0.25 -10.09 24.56
C SER E 181 0.14 -8.61 24.34
N PHE E 182 -0.47 -7.72 25.10
CA PHE E 182 -0.20 -6.30 25.00
C PHE E 182 1.24 -5.97 25.33
N HIS E 183 1.79 -6.61 26.35
CA HIS E 183 3.01 -6.11 26.97
C HIS E 183 3.49 -7.09 28.03
N ARG E 184 4.75 -6.97 28.41
CA ARG E 184 5.34 -7.71 29.52
C ARG E 184 4.81 -7.27 30.89
N ASN E 185 4.50 -5.99 31.01
CA ASN E 185 4.32 -5.34 32.29
C ASN E 185 2.84 -5.32 32.67
N PRO E 186 2.50 -5.84 33.86
CA PRO E 186 1.09 -5.94 34.24
C PRO E 186 0.35 -4.62 34.24
N GLU E 187 1.04 -3.53 34.58
CA GLU E 187 0.40 -2.21 34.60
C GLU E 187 0.01 -1.81 33.20
N ALA E 188 0.91 -2.03 32.26
CA ALA E 188 0.61 -1.70 30.87
C ALA E 188 -0.50 -2.58 30.35
N VAL E 189 -0.46 -3.87 30.66
CA VAL E 189 -1.53 -4.76 30.16
C VAL E 189 -2.88 -4.32 30.71
N ALA E 190 -2.93 -4.07 32.02
CA ALA E 190 -4.21 -3.69 32.64
C ALA E 190 -4.76 -2.43 32.02
N ARG E 191 -3.90 -1.42 31.86
CA ARG E 191 -4.38 -0.13 31.40
C ARG E 191 -4.77 -0.17 29.95
N LEU E 192 -4.01 -0.91 29.15
CA LEU E 192 -4.37 -1.05 27.74
C LEU E 192 -5.65 -1.83 27.58
N ALA E 193 -5.80 -2.89 28.38
CA ALA E 193 -7.02 -3.70 28.36
C ALA E 193 -8.26 -2.89 28.74
N LEU E 194 -8.16 -2.09 29.81
CA LEU E 194 -9.27 -1.21 30.22
C LEU E 194 -9.64 -0.22 29.13
N ALA E 195 -8.63 0.32 28.46
CA ALA E 195 -8.89 1.27 27.39
C ALA E 195 -9.54 0.56 26.22
N LEU E 196 -9.09 -0.66 25.92
CA LEU E 196 -9.73 -1.43 24.85
C LEU E 196 -11.17 -1.72 25.21
N GLN E 197 -11.37 -2.09 26.46
CA GLN E 197 -12.72 -2.42 26.94
C GLN E 197 -13.72 -1.26 26.76
N LYS E 198 -13.28 -0.04 27.06
CA LYS E 198 -14.15 1.14 26.86
C LYS E 198 -14.49 1.30 25.38
N GLY E 199 -13.51 1.09 24.51
CA GLY E 199 -13.76 1.10 23.09
C GLY E 199 -14.77 0.06 22.65
N LEU E 200 -14.60 -1.18 23.15
CA LEU E 200 -15.54 -2.27 22.84
C LEU E 200 -16.96 -1.89 23.22
N ALA E 201 -17.12 -1.32 24.42
CA ALA E 201 -18.44 -0.91 24.90
C ALA E 201 -19.07 0.16 24.00
N LYS E 202 -18.27 1.09 23.50
CA LYS E 202 -18.76 2.06 22.54
C LYS E 202 -19.31 1.34 21.31
N GLY E 203 -18.68 0.24 20.93
CA GLY E 203 -19.14 -0.56 19.79
C GLY E 203 -20.24 -1.57 20.10
N GLY E 204 -20.75 -1.54 21.33
CA GLY E 204 -21.89 -2.35 21.72
C GLY E 204 -21.54 -3.61 22.50
N MET E 205 -20.25 -3.82 22.78
CA MET E 205 -19.81 -5.11 23.28
C MET E 205 -19.19 -5.07 24.65
N LYS E 206 -19.40 -6.17 25.38
CA LYS E 206 -18.64 -6.43 26.59
C LYS E 206 -17.28 -7.07 26.25
N SER E 207 -16.49 -7.38 27.28
CA SER E 207 -15.17 -7.97 27.11
C SER E 207 -15.07 -9.38 27.72
N CYS E 208 -14.09 -10.16 27.23
CA CYS E 208 -13.80 -11.48 27.75
C CYS E 208 -12.30 -11.63 27.91
N GLY E 209 -11.82 -11.63 29.14
CA GLY E 209 -10.41 -11.70 29.45
C GLY E 209 -9.88 -13.12 29.28
N LYS E 210 -8.67 -13.25 28.71
CA LYS E 210 -8.06 -14.57 28.45
C LYS E 210 -6.58 -14.51 28.82
N HIS E 211 -5.96 -15.57 29.36
CA HIS E 211 -6.58 -16.85 29.74
C HIS E 211 -6.30 -17.05 31.21
N PHE E 212 -7.36 -16.96 32.01
CA PHE E 212 -7.25 -16.90 33.47
C PHE E 212 -6.62 -18.17 34.02
N PRO E 213 -5.66 -18.05 34.95
CA PRO E 213 -5.13 -16.88 35.65
C PRO E 213 -3.86 -16.27 35.03
N GLY E 214 -3.51 -16.68 33.81
CA GLY E 214 -2.36 -16.14 33.11
C GLY E 214 -1.57 -17.20 32.37
N HIS E 215 -1.58 -17.09 31.04
CA HIS E 215 -0.97 -18.06 30.14
C HIS E 215 0.43 -17.62 29.71
N GLY E 216 0.86 -16.45 30.14
CA GLY E 216 2.08 -15.83 29.61
C GLY E 216 3.42 -16.47 29.94
N PHE E 217 3.50 -17.20 31.04
CA PHE E 217 4.79 -17.61 31.59
C PHE E 217 5.20 -18.98 31.09
N VAL E 218 4.24 -19.84 30.80
CA VAL E 218 4.57 -21.19 30.33
C VAL E 218 5.13 -21.10 28.93
N GLU E 219 5.81 -22.16 28.52
CA GLU E 219 6.20 -22.32 27.15
C GLU E 219 5.08 -23.06 26.44
N GLY E 220 4.79 -22.64 25.22
CA GLY E 220 3.64 -23.16 24.48
C GLY E 220 3.89 -23.03 23.01
N ASP E 221 4.43 -24.09 22.43
CA ASP E 221 4.79 -24.13 21.02
C ASP E 221 4.58 -25.52 20.44
N SER E 222 4.38 -26.54 21.26
CA SER E 222 3.72 -27.77 20.82
C SER E 222 2.20 -27.62 20.62
N HIS E 223 1.56 -26.74 21.40
CA HIS E 223 0.12 -26.47 21.34
C HIS E 223 -0.83 -27.48 22.03
N LEU E 224 -0.65 -28.80 21.76
CA LEU E 224 -1.51 -29.86 22.34
C LEU E 224 -0.79 -30.67 23.45
N VAL E 225 0.00 -29.97 24.27
CA VAL E 225 0.48 -30.49 25.56
C VAL E 225 -0.29 -29.73 26.63
N LEU E 226 -0.20 -30.18 27.88
CA LEU E 226 -0.71 -29.45 29.04
C LEU E 226 0.47 -28.80 29.78
N PRO E 227 0.73 -27.50 29.54
CA PRO E 227 1.91 -26.90 30.16
C PRO E 227 1.75 -26.73 31.65
N GLU E 228 2.88 -26.55 32.31
CA GLU E 228 2.96 -26.42 33.74
C GLU E 228 3.63 -25.09 34.11
N ASP E 229 2.97 -24.30 34.93
CA ASP E 229 3.52 -23.04 35.42
C ASP E 229 3.85 -23.28 36.86
N GLY E 230 5.14 -23.35 37.17
CA GLY E 230 5.60 -23.76 38.50
C GLY E 230 5.63 -22.66 39.56
N ARG E 231 5.11 -21.48 39.25
CA ARG E 231 5.20 -20.38 40.17
C ARG E 231 4.19 -20.44 41.34
N SER E 232 4.48 -19.66 42.38
CA SER E 232 3.62 -19.58 43.56
C SER E 232 2.47 -18.60 43.33
N LEU E 233 1.42 -18.73 44.13
CA LEU E 233 0.28 -17.82 44.03
C LEU E 233 0.71 -16.37 44.22
N ASP E 234 1.62 -16.13 45.15
CA ASP E 234 2.12 -14.76 45.41
C ASP E 234 2.76 -14.18 44.17
N GLU E 235 3.54 -14.99 43.46
CA GLU E 235 4.15 -14.55 42.22
C GLU E 235 3.09 -14.15 41.20
N LEU E 236 2.05 -14.97 41.07
CA LEU E 236 0.96 -14.63 40.16
C LEU E 236 0.16 -13.40 40.60
N GLU E 237 -0.05 -13.24 41.91
CA GLU E 237 -0.78 -12.07 42.43
C GLU E 237 0.00 -10.79 42.19
N ALA E 238 1.32 -10.86 42.25
CA ALA E 238 2.16 -9.70 42.01
C ALA E 238 2.19 -9.26 40.53
N ALA E 239 1.74 -10.12 39.61
CA ALA E 239 1.84 -9.83 38.18
C ALA E 239 0.65 -10.33 37.34
N ASP E 240 0.68 -11.60 36.95
CA ASP E 240 -0.26 -12.13 35.96
C ASP E 240 -1.72 -11.97 36.32
N LEU E 241 -2.04 -12.08 37.61
CA LEU E 241 -3.44 -11.94 38.06
C LEU E 241 -3.95 -10.51 38.09
N ALA E 242 -3.07 -9.54 38.21
CA ALA E 242 -3.54 -8.16 38.43
C ALA E 242 -4.44 -7.62 37.32
N PRO E 243 -4.12 -7.90 36.05
CA PRO E 243 -5.04 -7.40 35.00
C PRO E 243 -6.41 -8.02 35.08
N PHE E 244 -6.48 -9.29 35.49
CA PHE E 244 -7.77 -9.96 35.69
C PHE E 244 -8.57 -9.30 36.82
N ARG E 245 -7.92 -9.03 37.95
CA ARG E 245 -8.57 -8.32 39.07
C ARG E 245 -9.15 -6.99 38.63
N ILE E 246 -8.31 -6.20 37.98
CA ILE E 246 -8.68 -4.84 37.60
C ILE E 246 -9.80 -4.86 36.56
N MET E 247 -9.72 -5.75 35.58
CA MET E 247 -10.79 -5.85 34.58
C MET E 247 -12.11 -6.31 35.17
N SER E 248 -12.02 -7.26 36.11
CA SER E 248 -13.21 -7.75 36.79
C SER E 248 -13.90 -6.61 37.54
N ARG E 249 -13.13 -5.85 38.30
CA ARG E 249 -13.65 -4.70 39.02
C ARG E 249 -14.35 -3.72 38.07
N GLU E 250 -13.80 -3.55 36.87
CA GLU E 250 -14.34 -2.60 35.90
C GLU E 250 -15.37 -3.18 34.93
N GLY E 251 -15.95 -4.33 35.26
CA GLY E 251 -17.12 -4.83 34.50
C GLY E 251 -16.91 -5.83 33.37
N MET E 252 -15.73 -6.44 33.31
CA MET E 252 -15.47 -7.52 32.35
C MET E 252 -16.59 -8.58 32.41
N ALA E 253 -17.11 -8.99 31.27
CA ALA E 253 -18.28 -9.87 31.22
C ALA E 253 -17.98 -11.34 31.33
N ALA E 254 -16.77 -11.73 30.94
CA ALA E 254 -16.41 -13.13 30.90
C ALA E 254 -14.94 -13.37 30.97
N VAL E 255 -14.59 -14.61 31.22
CA VAL E 255 -13.23 -15.08 31.28
C VAL E 255 -13.14 -16.44 30.58
N MET E 256 -12.02 -16.66 29.88
CA MET E 256 -11.65 -17.93 29.30
C MET E 256 -10.46 -18.41 30.14
N PRO E 257 -10.49 -19.66 30.62
CA PRO E 257 -9.44 -20.15 31.49
C PRO E 257 -8.27 -20.68 30.70
N ALA E 258 -7.08 -20.63 31.27
CA ALA E 258 -5.91 -21.23 30.64
C ALA E 258 -5.93 -22.75 30.79
N HIS E 259 -5.57 -23.46 29.74
CA HIS E 259 -5.34 -24.91 29.82
C HIS E 259 -3.92 -25.10 30.31
N VAL E 260 -3.74 -24.85 31.60
CA VAL E 260 -2.43 -24.83 32.20
C VAL E 260 -2.61 -25.28 33.65
N VAL E 261 -1.64 -26.06 34.14
CA VAL E 261 -1.63 -26.49 35.52
C VAL E 261 -0.65 -25.62 36.27
N TYR E 262 -1.06 -25.17 37.45
CA TYR E 262 -0.23 -24.38 38.33
C TYR E 262 -0.08 -25.19 39.62
N PRO E 263 0.86 -26.15 39.66
CA PRO E 263 0.93 -27.14 40.75
C PRO E 263 1.02 -26.60 42.17
N GLN E 264 1.62 -25.44 42.37
CA GLN E 264 1.68 -24.86 43.72
C GLN E 264 0.31 -24.42 44.23
N VAL E 265 -0.68 -24.31 43.34
CA VAL E 265 -2.03 -23.90 43.73
C VAL E 265 -3.03 -25.04 43.61
N ASP E 266 -2.93 -25.83 42.54
CA ASP E 266 -3.81 -26.96 42.35
C ASP E 266 -3.20 -27.88 41.31
N THR E 267 -3.47 -29.18 41.45
CA THR E 267 -2.96 -30.18 40.51
C THR E 267 -3.79 -30.23 39.26
N LYS E 268 -4.96 -29.59 39.30
CA LYS E 268 -5.83 -29.55 38.15
C LYS E 268 -5.60 -28.31 37.30
N PRO E 269 -5.79 -28.43 35.97
CA PRO E 269 -5.78 -27.26 35.11
C PRO E 269 -6.84 -26.27 35.56
N ALA E 270 -6.59 -24.99 35.33
CA ALA E 270 -7.43 -23.93 35.86
C ALA E 270 -8.91 -24.08 35.50
N GLY E 271 -9.19 -24.48 34.27
CA GLY E 271 -10.57 -24.64 33.81
C GLY E 271 -11.34 -25.76 34.50
N PHE E 272 -10.63 -26.59 35.26
CA PHE E 272 -11.26 -27.72 35.97
C PHE E 272 -10.99 -27.63 37.46
N SER E 273 -10.61 -26.44 37.94
CA SER E 273 -10.16 -26.28 39.33
C SER E 273 -11.10 -25.40 40.14
N GLU E 274 -11.75 -25.99 41.15
CA GLU E 274 -12.57 -25.24 42.10
C GLU E 274 -11.76 -24.16 42.78
N ILE E 275 -10.50 -24.45 43.06
CA ILE E 275 -9.66 -23.50 43.76
C ILE E 275 -9.50 -22.26 42.88
N TRP E 276 -9.14 -22.44 41.62
CA TRP E 276 -8.97 -21.30 40.71
C TRP E 276 -10.28 -20.56 40.45
N LEU E 277 -11.33 -21.30 40.17
CA LEU E 277 -12.55 -20.68 39.71
C LEU E 277 -13.47 -20.21 40.83
N LYS E 278 -13.65 -21.00 41.87
CA LYS E 278 -14.56 -20.63 42.96
C LYS E 278 -13.84 -19.86 44.05
N GLN E 279 -12.75 -20.43 44.55
CA GLN E 279 -12.06 -19.83 45.66
C GLN E 279 -11.35 -18.53 45.23
N ILE E 280 -10.61 -18.58 44.12
CA ILE E 280 -9.80 -17.42 43.73
C ILE E 280 -10.58 -16.43 42.85
N LEU E 281 -11.14 -16.90 41.74
CA LEU E 281 -11.86 -15.99 40.85
C LEU E 281 -13.19 -15.45 41.41
N ARG E 282 -14.08 -16.31 41.88
CA ARG E 282 -15.37 -15.86 42.45
C ARG E 282 -15.20 -15.13 43.79
N ARG E 283 -14.65 -15.84 44.77
CA ARG E 283 -14.65 -15.38 46.15
C ARG E 283 -13.63 -14.27 46.37
N ASP E 284 -12.38 -14.53 46.03
CA ASP E 284 -11.29 -13.61 46.33
C ASP E 284 -11.33 -12.38 45.41
N ILE E 285 -11.51 -12.60 44.11
CA ILE E 285 -11.52 -11.49 43.15
C ILE E 285 -12.90 -10.84 43.04
N GLY E 286 -13.96 -11.58 43.30
CA GLY E 286 -15.32 -11.03 43.25
C GLY E 286 -15.92 -10.96 41.86
N PHE E 287 -15.43 -11.79 40.95
CA PHE E 287 -15.93 -11.80 39.58
C PHE E 287 -17.34 -12.41 39.48
N LYS E 288 -18.27 -11.71 38.83
CA LYS E 288 -19.67 -12.13 38.73
C LYS E 288 -20.11 -12.51 37.31
N GLY E 289 -19.19 -12.44 36.36
CA GLY E 289 -19.51 -12.72 34.98
C GLY E 289 -19.44 -14.21 34.63
N VAL E 290 -19.43 -14.47 33.33
CA VAL E 290 -19.34 -15.81 32.80
C VAL E 290 -17.94 -16.38 32.94
N ILE E 291 -17.86 -17.61 33.40
CA ILE E 291 -16.67 -18.39 33.27
C ILE E 291 -16.94 -19.44 32.19
N PHE E 292 -16.27 -19.29 31.05
CA PHE E 292 -16.31 -20.32 30.01
C PHE E 292 -15.40 -21.50 30.39
N SER E 293 -15.68 -22.67 29.85
CA SER E 293 -14.84 -23.83 30.05
C SER E 293 -13.65 -23.83 29.06
N ASP E 294 -12.72 -24.78 29.25
CA ASP E 294 -11.78 -25.17 28.19
C ASP E 294 -12.59 -25.61 26.95
N ASP E 295 -11.94 -25.84 25.81
CA ASP E 295 -12.63 -26.51 24.67
C ASP E 295 -12.57 -27.96 25.14
N LEU E 296 -13.74 -28.54 25.34
CA LEU E 296 -13.84 -29.85 25.98
C LEU E 296 -13.51 -30.98 25.02
N THR E 297 -13.41 -30.69 23.72
CA THR E 297 -13.10 -31.76 22.73
C THR E 297 -11.89 -32.67 23.05
N MET E 298 -10.93 -32.19 23.82
CA MET E 298 -9.83 -33.02 24.28
C MET E 298 -10.13 -33.72 25.60
N GLY E 305 -13.47 -39.93 31.12
CA GLY E 305 -13.72 -40.19 29.71
C GLY E 305 -15.14 -39.84 29.31
N GLY E 306 -15.33 -39.34 28.08
CA GLY E 306 -16.61 -38.96 27.51
C GLY E 306 -16.98 -37.51 27.72
N ILE E 307 -17.63 -36.93 26.72
CA ILE E 307 -17.98 -35.52 26.76
C ILE E 307 -18.90 -35.18 27.94
N LYS E 308 -19.87 -36.04 28.24
CA LYS E 308 -20.79 -35.80 29.35
C LYS E 308 -20.04 -35.65 30.66
N GLU E 309 -19.06 -36.51 30.86
CA GLU E 309 -18.25 -36.46 32.07
C GLU E 309 -17.33 -35.22 32.10
N ARG E 310 -16.73 -34.91 30.95
CA ARG E 310 -15.88 -33.74 30.81
C ARG E 310 -16.68 -32.45 31.15
N ALA E 311 -17.89 -32.35 30.61
CA ALA E 311 -18.76 -31.22 30.90
C ALA E 311 -19.12 -31.18 32.40
N ARG E 312 -19.51 -32.34 32.94
CA ARG E 312 -19.87 -32.42 34.35
C ARG E 312 -18.79 -31.85 35.26
N ILE E 313 -17.55 -32.22 35.03
CA ILE E 313 -16.49 -31.79 35.90
C ILE E 313 -16.24 -30.28 35.70
N SER E 314 -16.49 -29.80 34.48
CA SER E 314 -16.35 -28.37 34.18
C SER E 314 -17.33 -27.55 35.00
N PHE E 315 -18.61 -27.96 34.93
CA PHE E 315 -19.65 -27.28 35.69
C PHE E 315 -19.37 -27.34 37.20
N GLU E 316 -18.98 -28.52 37.67
CA GLU E 316 -18.66 -28.73 39.08
C GLU E 316 -17.49 -27.85 39.53
N ALA E 317 -16.53 -27.62 38.63
CA ALA E 317 -15.38 -26.76 38.97
C ALA E 317 -15.76 -25.27 39.09
N GLY E 318 -16.88 -24.86 38.49
CA GLY E 318 -17.30 -23.46 38.51
C GLY E 318 -17.59 -22.79 37.17
N CYS E 319 -17.42 -23.50 36.05
CA CYS E 319 -17.77 -22.95 34.75
C CYS E 319 -19.27 -22.79 34.60
N ASP E 320 -19.68 -21.70 33.96
CA ASP E 320 -21.08 -21.47 33.65
C ASP E 320 -21.47 -22.13 32.35
N ILE E 321 -20.59 -22.01 31.36
CA ILE E 321 -20.92 -22.36 29.99
C ILE E 321 -19.77 -23.18 29.42
N VAL E 322 -20.10 -24.31 28.80
CA VAL E 322 -19.06 -25.14 28.20
C VAL E 322 -19.01 -24.93 26.70
N LEU E 323 -17.79 -24.85 26.17
CA LEU E 323 -17.53 -24.72 24.74
C LEU E 323 -17.22 -26.07 24.15
N VAL E 324 -17.90 -26.38 23.06
CA VAL E 324 -17.66 -27.61 22.34
C VAL E 324 -17.58 -27.23 20.87
N CYS E 325 -16.37 -27.10 20.36
CA CYS E 325 -16.11 -26.61 19.01
C CYS E 325 -15.66 -27.70 18.06
N ASN E 326 -16.00 -27.55 16.77
CA ASN E 326 -15.54 -28.42 15.69
C ASN E 326 -16.00 -29.87 15.82
N ARG E 327 -16.99 -30.12 16.69
CA ARG E 327 -17.40 -31.49 16.97
C ARG E 327 -18.91 -31.55 17.23
N PRO E 328 -19.70 -31.32 16.18
CA PRO E 328 -21.14 -31.43 16.36
C PRO E 328 -21.58 -32.82 16.88
N ASP E 329 -20.81 -33.85 16.55
CA ASP E 329 -21.08 -35.20 17.07
C ASP E 329 -21.05 -35.24 18.60
N LEU E 330 -20.06 -34.57 19.18
CA LEU E 330 -19.94 -34.50 20.63
C LEU E 330 -21.00 -33.60 21.25
N VAL E 331 -21.43 -32.57 20.53
CA VAL E 331 -22.55 -31.74 20.99
C VAL E 331 -23.81 -32.60 21.02
N ASP E 332 -24.01 -33.39 19.98
CA ASP E 332 -25.17 -34.28 19.92
C ASP E 332 -25.15 -35.31 21.03
N GLU E 333 -23.98 -35.86 21.30
CA GLU E 333 -23.83 -36.82 22.37
C GLU E 333 -24.11 -36.16 23.72
N LEU E 334 -23.57 -34.96 23.91
CA LEU E 334 -23.74 -34.25 25.17
C LEU E 334 -25.19 -33.89 25.45
N ARG E 335 -25.88 -33.36 24.45
CA ARG E 335 -27.24 -32.86 24.65
C ARG E 335 -28.32 -33.93 24.84
N ASP E 336 -28.07 -35.14 24.34
CA ASP E 336 -29.04 -36.23 24.41
C ASP E 336 -29.19 -36.73 25.85
N GLY E 337 -30.34 -36.45 26.45
CA GLY E 337 -30.60 -36.79 27.85
C GLY E 337 -29.87 -35.87 28.80
N PHE E 338 -29.47 -34.69 28.33
CA PHE E 338 -28.69 -33.75 29.15
C PHE E 338 -29.55 -33.12 30.22
N THR E 339 -29.06 -33.10 31.45
CA THR E 339 -29.72 -32.37 32.53
C THR E 339 -28.99 -31.05 32.74
N ILE E 340 -29.73 -29.96 32.55
CA ILE E 340 -29.19 -28.60 32.73
C ILE E 340 -28.87 -28.38 34.21
N PRO E 341 -27.59 -28.18 34.55
CA PRO E 341 -27.25 -28.00 35.95
C PRO E 341 -27.91 -26.75 36.52
N ASP E 342 -28.19 -26.77 37.82
CA ASP E 342 -28.85 -25.64 38.44
C ASP E 342 -27.87 -24.47 38.54
N ASN E 343 -28.25 -23.37 37.91
CA ASN E 343 -27.44 -22.16 37.93
C ASN E 343 -28.38 -20.99 37.77
N GLN E 344 -28.78 -20.42 38.91
CA GLN E 344 -29.72 -19.29 38.89
C GLN E 344 -29.11 -18.02 38.27
N ASP E 345 -27.79 -17.95 38.19
CA ASP E 345 -27.12 -16.79 37.63
C ASP E 345 -26.91 -16.86 36.12
N LEU E 346 -27.16 -18.03 35.52
CA LEU E 346 -26.82 -18.26 34.11
C LEU E 346 -27.53 -17.28 33.20
N ALA E 347 -28.84 -17.13 33.37
CA ALA E 347 -29.64 -16.28 32.50
C ALA E 347 -29.12 -14.83 32.46
N GLY E 348 -28.80 -14.29 33.63
CA GLY E 348 -28.27 -12.92 33.72
C GLY E 348 -26.85 -12.79 33.18
N ARG E 349 -26.04 -13.83 33.39
CA ARG E 349 -24.69 -13.86 32.85
C ARG E 349 -24.66 -13.89 31.33
N TRP E 350 -25.55 -14.67 30.70
CA TRP E 350 -25.69 -14.62 29.24
C TRP E 350 -26.17 -13.23 28.81
N GLN E 351 -27.19 -12.72 29.49
CA GLN E 351 -27.87 -11.50 29.03
C GLN E 351 -26.96 -10.28 29.10
N TYR E 352 -26.11 -10.21 30.11
CA TYR E 352 -25.11 -9.16 30.23
C TYR E 352 -24.24 -9.07 28.96
N MET E 353 -24.05 -10.19 28.26
CA MET E 353 -23.22 -10.23 27.05
C MET E 353 -23.97 -9.87 25.77
N GLU E 354 -25.27 -9.68 25.84
CA GLU E 354 -26.03 -9.33 24.62
C GLU E 354 -25.50 -7.99 24.08
N ASN E 355 -25.43 -7.87 22.76
CA ASN E 355 -24.99 -6.61 22.16
C ASN E 355 -25.93 -5.49 22.58
N SER E 356 -25.36 -4.33 22.92
CA SER E 356 -26.14 -3.21 23.45
C SER E 356 -26.58 -2.19 22.38
N LEU E 357 -26.12 -2.36 21.14
CA LEU E 357 -26.50 -1.49 20.02
C LEU E 357 -27.49 -2.16 19.08
N GLY E 358 -28.54 -1.44 18.72
CA GLY E 358 -29.46 -1.88 17.68
C GLY E 358 -28.82 -1.71 16.30
N HIS E 359 -29.36 -2.44 15.32
CA HIS E 359 -28.81 -2.47 13.96
C HIS E 359 -28.76 -1.09 13.30
N GLU E 360 -29.86 -0.33 13.41
CA GLU E 360 -29.94 1.02 12.82
C GLU E 360 -28.91 1.97 13.45
N ALA E 361 -28.80 1.93 14.78
CA ALA E 361 -27.84 2.75 15.50
C ALA E 361 -26.39 2.51 15.02
N VAL E 362 -26.06 1.26 14.71
CA VAL E 362 -24.72 0.92 14.24
C VAL E 362 -24.48 1.47 12.84
N GLN E 363 -25.43 1.28 11.94
CA GLN E 363 -25.32 1.83 10.59
C GLN E 363 -25.10 3.35 10.62
N ALA E 364 -25.81 4.03 11.51
CA ALA E 364 -25.68 5.47 11.64
C ALA E 364 -24.27 5.83 12.08
N VAL E 365 -23.79 5.19 13.15
CA VAL E 365 -22.46 5.47 13.69
C VAL E 365 -21.37 5.31 12.63
N MET E 366 -21.53 4.30 11.79
CA MET E 366 -20.50 3.97 10.82
C MET E 366 -20.42 4.97 9.66
N GLN E 367 -21.51 5.71 9.45
CA GLN E 367 -21.51 6.81 8.47
C GLN E 367 -20.82 8.08 8.98
N THR E 368 -20.60 8.19 10.29
CA THR E 368 -20.00 9.40 10.84
C THR E 368 -18.54 9.52 10.45
N MET E 369 -18.08 10.77 10.37
CA MET E 369 -16.71 11.10 9.97
C MET E 369 -15.74 10.65 11.10
N GLY E 370 -16.18 10.75 12.36
CA GLY E 370 -15.39 10.31 13.52
C GLY E 370 -15.08 8.81 13.51
N PHE E 371 -16.07 7.99 13.17
CA PHE E 371 -15.87 6.55 13.10
C PHE E 371 -14.99 6.17 11.93
N GLN E 372 -15.22 6.79 10.78
CA GLN E 372 -14.42 6.50 9.61
C GLN E 372 -12.96 6.87 9.82
N ALA E 373 -12.72 7.93 10.60
CA ALA E 373 -11.36 8.30 10.98
C ALA E 373 -10.73 7.24 11.89
N ALA E 374 -11.51 6.76 12.86
CA ALA E 374 -11.08 5.64 13.69
C ALA E 374 -10.68 4.43 12.82
N GLN E 375 -11.53 4.08 11.86
CA GLN E 375 -11.21 3.00 10.93
C GLN E 375 -9.84 3.19 10.30
N ALA E 376 -9.59 4.37 9.75
CA ALA E 376 -8.34 4.62 9.02
C ALA E 376 -7.16 4.61 9.97
N PHE E 377 -7.32 5.15 11.17
CA PHE E 377 -6.27 5.07 12.18
C PHE E 377 -5.89 3.61 12.52
N VAL E 378 -6.90 2.80 12.79
CA VAL E 378 -6.68 1.40 13.15
C VAL E 378 -6.07 0.64 11.98
N ALA E 379 -6.60 0.85 10.77
CA ALA E 379 -6.02 0.27 9.54
C ALA E 379 -4.53 0.58 9.43
N GLY E 380 -4.15 1.80 9.79
CA GLY E 380 -2.76 2.23 9.71
C GLY E 380 -1.84 1.56 10.72
N LEU E 381 -2.38 1.26 11.89
CA LEU E 381 -1.62 0.49 12.88
C LEU E 381 -1.34 -0.94 12.39
N ALA E 382 -2.29 -1.53 11.65
CA ALA E 382 -2.11 -2.86 11.08
C ALA E 382 -1.15 -2.92 9.88
N SER E 383 -0.86 -1.77 9.25
CA SER E 383 0.14 -1.66 8.17
C SER E 383 1.14 -0.54 8.42
N VAL F 39 -20.61 -32.36 -47.40
CA VAL F 39 -19.24 -31.81 -47.08
C VAL F 39 -18.51 -31.40 -48.36
N PRO F 40 -18.43 -30.09 -48.64
CA PRO F 40 -17.89 -29.64 -49.93
C PRO F 40 -16.44 -30.08 -50.20
N HIS F 41 -16.16 -30.46 -51.45
CA HIS F 41 -14.80 -30.79 -51.87
C HIS F 41 -14.20 -29.61 -52.61
N ILE F 42 -13.24 -28.95 -51.95
CA ILE F 42 -12.60 -27.75 -52.47
C ILE F 42 -11.09 -27.90 -52.29
N PRO F 43 -10.30 -27.62 -53.34
CA PRO F 43 -8.86 -27.66 -53.10
C PRO F 43 -8.42 -26.70 -51.98
N ARG F 44 -7.34 -27.06 -51.28
CA ARG F 44 -6.78 -26.17 -50.27
C ARG F 44 -6.21 -24.95 -50.97
N GLY F 45 -6.67 -23.77 -50.56
CA GLY F 45 -6.20 -22.53 -51.13
C GLY F 45 -4.83 -22.12 -50.59
N PRO F 46 -4.28 -21.02 -51.13
CA PRO F 46 -2.95 -20.62 -50.73
C PRO F 46 -2.87 -19.65 -49.56
N VAL F 47 -3.93 -19.54 -48.77
CA VAL F 47 -3.91 -18.65 -47.63
C VAL F 47 -4.05 -19.45 -46.36
N MET F 48 -3.18 -19.17 -45.39
CA MET F 48 -3.31 -19.76 -44.05
C MET F 48 -3.80 -18.66 -43.14
N ALA F 49 -4.94 -18.88 -42.52
CA ALA F 49 -5.58 -17.88 -41.69
C ALA F 49 -5.59 -18.38 -40.26
N ASP F 50 -6.39 -17.76 -39.41
CA ASP F 50 -6.46 -18.15 -38.01
C ASP F 50 -7.83 -17.85 -37.44
N ILE F 51 -7.98 -18.07 -36.13
CA ILE F 51 -9.27 -18.08 -35.46
C ILE F 51 -9.15 -17.30 -34.17
N ALA F 52 -10.27 -16.75 -33.71
CA ALA F 52 -10.28 -15.83 -32.58
C ALA F 52 -10.14 -16.51 -31.21
N ALA F 53 -10.87 -17.59 -30.98
CA ALA F 53 -11.00 -18.13 -29.62
C ALA F 53 -11.11 -19.66 -29.58
N PHE F 54 -11.93 -20.21 -28.69
CA PHE F 54 -11.91 -21.64 -28.39
C PHE F 54 -12.78 -22.51 -29.29
N ARG F 55 -13.78 -21.91 -29.92
CA ARG F 55 -14.72 -22.61 -30.82
C ARG F 55 -15.00 -21.74 -32.01
N LEU F 56 -15.29 -22.34 -33.16
CA LEU F 56 -15.57 -21.56 -34.36
C LEU F 56 -16.88 -20.80 -34.21
N THR F 57 -16.89 -19.55 -34.65
CA THR F 57 -18.12 -18.79 -34.80
C THR F 57 -18.65 -19.10 -36.18
N GLU F 58 -19.89 -18.70 -36.41
CA GLU F 58 -20.53 -18.92 -37.72
C GLU F 58 -19.82 -18.12 -38.79
N GLU F 59 -19.45 -16.87 -38.48
CA GLU F 59 -18.65 -16.05 -39.40
C GLU F 59 -17.30 -16.68 -39.76
N GLU F 60 -16.64 -17.30 -38.78
CA GLU F 60 -15.37 -18.03 -39.03
C GLU F 60 -15.59 -19.25 -39.94
N LYS F 61 -16.66 -20.00 -39.69
CA LYS F 61 -17.01 -21.13 -40.57
C LYS F 61 -17.13 -20.70 -42.03
N GLN F 62 -17.82 -19.58 -42.26
CA GLN F 62 -18.01 -19.08 -43.60
C GLN F 62 -16.68 -18.65 -44.20
N ARG F 63 -15.87 -17.95 -43.42
CA ARG F 63 -14.53 -17.54 -43.88
C ARG F 63 -13.67 -18.75 -44.24
N LEU F 64 -13.67 -19.76 -43.40
CA LEU F 64 -12.87 -20.97 -43.67
C LEU F 64 -13.34 -21.83 -44.84
N LEU F 65 -14.55 -21.58 -45.35
CA LEU F 65 -15.04 -22.27 -46.55
C LEU F 65 -14.60 -21.60 -47.82
N ASP F 66 -13.99 -20.42 -47.71
CA ASP F 66 -13.56 -19.71 -48.89
C ASP F 66 -12.45 -20.50 -49.60
N PRO F 67 -12.53 -20.63 -50.93
CA PRO F 67 -11.50 -21.40 -51.63
C PRO F 67 -10.10 -20.82 -51.53
N ALA F 68 -9.96 -19.55 -51.16
CA ALA F 68 -8.63 -18.95 -50.97
C ALA F 68 -7.87 -19.58 -49.79
N ILE F 69 -8.61 -20.13 -48.85
CA ILE F 69 -8.03 -20.66 -47.63
C ILE F 69 -7.69 -22.16 -47.76
N GLY F 70 -6.51 -22.52 -47.28
CA GLY F 70 -6.05 -23.91 -47.26
C GLY F 70 -5.62 -24.42 -45.90
N GLY F 71 -5.47 -23.52 -44.92
CA GLY F 71 -5.04 -23.94 -43.59
C GLY F 71 -5.23 -22.89 -42.51
N ILE F 72 -4.93 -23.31 -41.28
CA ILE F 72 -5.14 -22.52 -40.08
C ILE F 72 -3.97 -22.67 -39.11
N ILE F 73 -3.56 -21.56 -38.51
CA ILE F 73 -2.58 -21.59 -37.42
C ILE F 73 -3.26 -21.29 -36.17
N LEU F 74 -2.97 -22.07 -35.13
CA LEU F 74 -3.53 -21.85 -33.80
C LEU F 74 -2.50 -21.20 -32.85
N PHE F 75 -3.04 -20.53 -31.83
CA PHE F 75 -2.27 -19.76 -30.87
C PHE F 75 -2.80 -20.08 -29.49
N ARG F 76 -2.17 -19.54 -28.46
CA ARG F 76 -2.59 -19.85 -27.08
C ARG F 76 -4.03 -19.44 -26.80
N ARG F 77 -4.48 -18.35 -27.42
CA ARG F 77 -5.86 -17.88 -27.26
C ARG F 77 -6.91 -18.89 -27.78
N ASN F 78 -6.46 -19.89 -28.54
CA ASN F 78 -7.36 -20.91 -29.03
C ASN F 78 -7.38 -22.15 -28.13
N PHE F 79 -6.70 -22.09 -26.99
CA PHE F 79 -6.51 -23.27 -26.16
C PHE F 79 -7.03 -23.07 -24.75
N GLN F 80 -7.95 -23.97 -24.36
CA GLN F 80 -8.55 -24.01 -23.03
C GLN F 80 -8.07 -25.30 -22.36
N ASN F 81 -8.28 -26.42 -23.04
CA ASN F 81 -7.79 -27.71 -22.58
C ASN F 81 -7.81 -28.67 -23.75
N ILE F 82 -7.28 -29.86 -23.53
CA ILE F 82 -7.13 -30.86 -24.59
C ILE F 82 -8.47 -31.25 -25.25
N GLU F 83 -9.51 -31.41 -24.45
CA GLU F 83 -10.81 -31.82 -25.00
C GLU F 83 -11.45 -30.73 -25.85
N GLN F 84 -11.40 -29.50 -25.36
CA GLN F 84 -11.83 -28.36 -26.17
C GLN F 84 -11.01 -28.31 -27.48
N LEU F 85 -9.68 -28.49 -27.39
CA LEU F 85 -8.83 -28.41 -28.59
C LEU F 85 -9.22 -29.45 -29.62
N LYS F 86 -9.45 -30.68 -29.16
CA LYS F 86 -9.92 -31.78 -30.04
C LYS F 86 -11.23 -31.41 -30.75
N THR F 87 -12.15 -30.81 -30.00
CA THR F 87 -13.43 -30.38 -30.56
C THR F 87 -13.22 -29.30 -31.63
N LEU F 88 -12.32 -28.37 -31.33
CA LEU F 88 -12.01 -27.29 -32.26
C LEU F 88 -11.39 -27.82 -33.55
N THR F 89 -10.38 -28.68 -33.42
CA THR F 89 -9.72 -29.18 -34.63
C THR F 89 -10.71 -30.03 -35.45
N ALA F 90 -11.54 -30.83 -34.78
CA ALA F 90 -12.55 -31.64 -35.48
C ALA F 90 -13.50 -30.76 -36.29
N GLU F 91 -14.03 -29.69 -35.69
CA GLU F 91 -14.97 -28.83 -36.43
C GLU F 91 -14.29 -28.08 -37.58
N ILE F 92 -13.02 -27.71 -37.42
CA ILE F 92 -12.26 -27.13 -38.53
C ILE F 92 -12.15 -28.15 -39.68
N LYS F 93 -11.79 -29.37 -39.34
CA LYS F 93 -11.55 -30.41 -40.35
C LYS F 93 -12.86 -30.82 -41.04
N ALA F 94 -13.97 -30.77 -40.31
CA ALA F 94 -15.29 -31.14 -40.84
C ALA F 94 -15.83 -30.21 -41.91
N LEU F 95 -15.31 -28.98 -42.02
CA LEU F 95 -15.86 -28.00 -42.94
C LEU F 95 -15.72 -28.38 -44.40
N ARG F 96 -14.63 -29.05 -44.74
CA ARG F 96 -14.32 -29.30 -46.14
C ARG F 96 -13.28 -30.38 -46.31
N THR F 97 -13.11 -30.83 -47.56
CA THR F 97 -12.13 -31.83 -47.94
C THR F 97 -11.44 -31.33 -49.20
N PRO F 98 -10.13 -31.56 -49.37
CA PRO F 98 -9.19 -32.05 -48.35
C PRO F 98 -9.24 -31.18 -47.10
N GLU F 99 -9.08 -31.80 -45.94
CA GLU F 99 -9.26 -31.11 -44.68
C GLU F 99 -8.21 -30.00 -44.55
N LEU F 100 -8.63 -28.87 -44.00
CA LEU F 100 -7.73 -27.74 -43.76
C LEU F 100 -6.56 -28.19 -42.89
N ILE F 101 -5.35 -27.85 -43.31
CA ILE F 101 -4.15 -28.16 -42.55
C ILE F 101 -4.09 -27.25 -41.32
N ILE F 102 -3.80 -27.83 -40.16
CA ILE F 102 -3.77 -27.08 -38.91
C ILE F 102 -2.35 -27.11 -38.33
N ALA F 103 -1.81 -25.93 -38.04
CA ALA F 103 -0.45 -25.80 -37.51
C ALA F 103 -0.43 -25.00 -36.23
N VAL F 104 0.68 -25.12 -35.52
CA VAL F 104 0.93 -24.38 -34.28
C VAL F 104 2.43 -24.20 -34.12
N ASP F 105 2.82 -23.16 -33.39
CA ASP F 105 4.21 -22.98 -32.97
C ASP F 105 4.48 -23.71 -31.65
N HIS F 106 4.90 -24.98 -31.73
CA HIS F 106 5.50 -25.67 -30.58
C HIS F 106 6.96 -25.90 -30.86
N GLU F 107 7.80 -24.98 -30.37
CA GLU F 107 9.25 -25.09 -30.50
C GLU F 107 9.80 -25.67 -29.23
N GLY F 108 9.40 -25.10 -28.10
CA GLY F 108 9.90 -25.48 -26.79
C GLY F 108 10.25 -24.24 -26.01
N GLY F 109 10.32 -24.38 -24.69
CA GLY F 109 10.68 -23.28 -23.80
C GLY F 109 9.65 -22.17 -23.82
N ARG F 110 10.07 -20.96 -24.15
CA ARG F 110 9.18 -19.84 -24.20
C ARG F 110 8.34 -19.73 -25.49
N VAL F 111 8.44 -20.71 -26.39
CA VAL F 111 7.54 -20.82 -27.54
C VAL F 111 6.85 -22.17 -27.50
N GLN F 112 5.77 -22.22 -26.75
CA GLN F 112 4.90 -23.38 -26.66
C GLN F 112 3.52 -22.84 -26.34
N ARG F 113 2.64 -22.84 -27.33
CA ARG F 113 1.31 -22.27 -27.19
C ARG F 113 0.44 -22.99 -26.13
N PHE F 114 0.45 -24.31 -26.14
CA PHE F 114 -0.46 -25.12 -25.34
C PHE F 114 0.31 -25.73 -24.19
N ILE F 115 -0.05 -25.36 -22.97
CA ILE F 115 0.70 -25.74 -21.78
C ILE F 115 0.00 -26.85 -20.98
N GLU F 116 -1.20 -26.53 -20.47
CA GLU F 116 -1.94 -27.44 -19.60
C GLU F 116 -2.30 -28.76 -20.29
N GLY F 117 -1.89 -29.87 -19.67
CA GLY F 117 -2.14 -31.20 -20.24
C GLY F 117 -1.10 -31.67 -21.24
N PHE F 118 -0.10 -30.83 -21.53
CA PHE F 118 0.99 -31.20 -22.42
C PHE F 118 2.26 -31.35 -21.59
N THR F 119 3.18 -32.17 -22.06
CA THR F 119 4.52 -32.18 -21.49
C THR F 119 5.14 -30.80 -21.76
N ARG F 120 5.74 -30.21 -20.74
CA ARG F 120 6.43 -28.95 -20.91
C ARG F 120 7.73 -29.22 -21.65
N LEU F 121 7.93 -28.53 -22.76
CA LEU F 121 9.06 -28.78 -23.63
C LEU F 121 10.23 -27.87 -23.28
N PRO F 122 11.45 -28.39 -23.36
CA PRO F 122 12.59 -27.52 -23.11
C PRO F 122 12.84 -26.61 -24.31
N ALA F 123 13.51 -25.50 -24.06
CA ALA F 123 14.02 -24.65 -25.14
C ALA F 123 15.04 -25.44 -25.96
N MET F 124 15.12 -25.18 -27.26
CA MET F 124 16.04 -25.91 -28.10
C MET F 124 17.49 -25.73 -27.69
N ASN F 125 17.86 -24.61 -27.08
CA ASN F 125 19.25 -24.45 -26.69
C ASN F 125 19.67 -25.41 -25.58
N VAL F 126 18.71 -25.97 -24.85
CA VAL F 126 18.99 -26.99 -23.87
C VAL F 126 19.62 -28.21 -24.56
N LEU F 127 19.16 -28.54 -25.77
CA LEU F 127 19.71 -29.65 -26.51
C LEU F 127 21.14 -29.36 -26.92
N GLY F 128 21.41 -28.11 -27.27
CA GLY F 128 22.78 -27.69 -27.60
C GLY F 128 23.70 -27.69 -26.39
N GLN F 129 23.14 -27.45 -25.20
CA GLN F 129 23.91 -27.56 -23.97
C GLN F 129 24.27 -29.01 -23.64
N ILE F 130 23.36 -29.94 -23.92
CA ILE F 130 23.68 -31.34 -23.80
C ILE F 130 24.79 -31.72 -24.77
N TRP F 131 24.71 -31.22 -26.00
CA TRP F 131 25.76 -31.45 -27.00
C TRP F 131 27.13 -31.05 -26.45
N ASP F 132 27.21 -29.86 -25.87
CA ASP F 132 28.47 -29.36 -25.32
C ASP F 132 28.97 -30.16 -24.11
N LYS F 133 28.05 -30.62 -23.26
CA LYS F 133 28.40 -31.23 -21.99
C LYS F 133 28.56 -32.74 -22.09
N ASP F 134 27.59 -33.42 -22.69
CA ASP F 134 27.59 -34.87 -22.80
C ASP F 134 27.93 -35.41 -24.18
N GLY F 135 28.09 -34.54 -25.17
CA GLY F 135 28.44 -34.98 -26.53
C GLY F 135 27.28 -35.15 -27.49
N ALA F 136 27.62 -35.26 -28.77
CA ALA F 136 26.64 -35.29 -29.86
C ALA F 136 25.68 -36.43 -29.75
N SER F 137 26.19 -37.59 -29.39
CA SER F 137 25.35 -38.77 -29.38
C SER F 137 24.19 -38.62 -28.38
N ALA F 138 24.52 -38.18 -27.16
CA ALA F 138 23.49 -38.00 -26.12
C ALA F 138 22.51 -36.89 -26.52
N ALA F 139 23.02 -35.84 -27.15
CA ALA F 139 22.21 -34.71 -27.55
C ALA F 139 21.23 -35.09 -28.68
N GLU F 140 21.71 -35.82 -29.67
CA GLU F 140 20.84 -36.34 -30.73
C GLU F 140 19.74 -37.26 -30.20
N THR F 141 20.10 -38.13 -29.28
CA THR F 141 19.12 -39.01 -28.67
C THR F 141 18.05 -38.19 -27.94
N ALA F 142 18.49 -37.17 -27.22
CA ALA F 142 17.57 -36.32 -26.51
C ALA F 142 16.65 -35.56 -27.47
N ALA F 143 17.23 -35.02 -28.55
CA ALA F 143 16.45 -34.30 -29.55
C ALA F 143 15.37 -35.18 -30.17
N GLY F 144 15.72 -36.44 -30.46
CA GLY F 144 14.73 -37.38 -31.00
C GLY F 144 13.53 -37.56 -30.09
N GLN F 145 13.79 -37.68 -28.80
CA GLN F 145 12.72 -37.85 -27.84
C GLN F 145 11.88 -36.59 -27.72
N VAL F 146 12.52 -35.43 -27.71
CA VAL F 146 11.78 -34.17 -27.64
C VAL F 146 10.83 -34.10 -28.84
N GLY F 147 11.36 -34.34 -30.04
CA GLY F 147 10.55 -34.33 -31.25
C GLY F 147 9.36 -35.28 -31.18
N ARG F 148 9.64 -36.49 -30.71
CA ARG F 148 8.61 -37.50 -30.59
C ARG F 148 7.49 -37.10 -29.65
N VAL F 149 7.85 -36.64 -28.46
CA VAL F 149 6.85 -36.20 -27.48
C VAL F 149 6.07 -34.97 -28.01
N LEU F 150 6.80 -33.98 -28.51
CA LEU F 150 6.21 -32.75 -29.05
C LEU F 150 5.13 -33.05 -30.06
N ALA F 151 5.50 -33.84 -31.07
CA ALA F 151 4.61 -34.13 -32.17
C ALA F 151 3.44 -35.05 -31.77
N THR F 152 3.74 -36.07 -30.98
CA THR F 152 2.72 -37.06 -30.66
C THR F 152 1.59 -36.44 -29.88
N GLU F 153 1.92 -35.62 -28.89
CA GLU F 153 0.88 -35.00 -28.05
C GLU F 153 0.00 -34.06 -28.85
N LEU F 154 0.60 -33.38 -29.82
CA LEU F 154 -0.18 -32.51 -30.71
C LEU F 154 -1.02 -33.34 -31.67
N SER F 155 -0.45 -34.45 -32.17
CA SER F 155 -1.16 -35.30 -33.13
C SER F 155 -2.42 -35.87 -32.52
N ALA F 156 -2.36 -36.17 -31.23
CA ALA F 156 -3.53 -36.64 -30.48
C ALA F 156 -4.69 -35.64 -30.50
N CYS F 157 -4.38 -34.35 -30.71
CA CYS F 157 -5.39 -33.30 -30.65
C CYS F 157 -5.88 -32.86 -32.02
N GLY F 158 -5.42 -33.53 -33.08
CA GLY F 158 -5.86 -33.18 -34.43
C GLY F 158 -5.01 -32.13 -35.15
N ILE F 159 -3.81 -31.88 -34.63
CA ILE F 159 -2.92 -30.89 -35.22
C ILE F 159 -2.13 -31.62 -36.29
N ASP F 160 -1.86 -30.97 -37.40
CA ASP F 160 -1.04 -31.57 -38.46
C ASP F 160 0.48 -31.37 -38.28
N LEU F 161 0.87 -30.18 -37.83
CA LEU F 161 2.27 -29.75 -37.96
C LEU F 161 2.61 -28.71 -36.89
N SER F 162 3.82 -28.82 -36.31
CA SER F 162 4.40 -27.75 -35.53
C SER F 162 5.42 -27.01 -36.39
N PHE F 163 5.40 -25.68 -36.31
CA PHE F 163 6.37 -24.86 -37.04
C PHE F 163 7.69 -24.90 -36.28
N THR F 164 8.43 -25.98 -36.49
CA THR F 164 9.69 -26.22 -35.81
C THR F 164 10.45 -27.19 -36.72
N PRO F 165 11.80 -27.17 -36.70
CA PRO F 165 12.69 -26.44 -35.83
C PRO F 165 13.26 -25.12 -36.35
N VAL F 166 13.64 -24.29 -35.40
CA VAL F 166 14.50 -23.16 -35.67
C VAL F 166 15.89 -23.70 -36.04
N LEU F 167 16.39 -23.22 -37.18
CA LEU F 167 17.69 -23.59 -37.73
C LEU F 167 18.64 -22.40 -37.71
N ASP F 168 18.19 -21.28 -37.19
CA ASP F 168 19.05 -20.12 -36.99
C ASP F 168 20.20 -20.48 -36.07
N LEU F 169 21.36 -19.91 -36.36
CA LEU F 169 22.55 -20.16 -35.54
C LEU F 169 22.62 -19.15 -34.40
N ASP F 170 23.04 -19.61 -33.22
CA ASP F 170 23.20 -18.72 -32.11
C ASP F 170 24.54 -17.96 -32.18
N TRP F 171 24.56 -16.90 -32.98
CA TRP F 171 25.71 -16.02 -33.05
C TRP F 171 25.84 -15.13 -31.79
N GLY F 172 24.89 -15.19 -30.87
CA GLY F 172 24.92 -14.35 -29.67
C GLY F 172 24.50 -12.94 -29.95
N ASN F 173 23.75 -12.73 -31.05
CA ASN F 173 23.36 -11.40 -31.50
C ASN F 173 21.86 -11.07 -31.43
N CYS F 174 20.99 -12.07 -31.53
CA CYS F 174 19.59 -11.83 -31.87
C CYS F 174 18.67 -12.26 -30.75
N ALA F 175 18.13 -11.29 -30.02
CA ALA F 175 17.31 -11.59 -28.84
C ALA F 175 15.99 -12.26 -29.20
N VAL F 176 15.40 -11.89 -30.32
CA VAL F 176 14.12 -12.47 -30.68
C VAL F 176 14.20 -13.97 -31.07
N ILE F 177 15.37 -14.41 -31.53
CA ILE F 177 15.67 -15.84 -31.61
C ILE F 177 16.06 -16.32 -30.22
N GLY F 178 17.10 -15.73 -29.66
CA GLY F 178 17.52 -16.10 -28.33
C GLY F 178 17.77 -17.59 -28.14
N ASN F 179 17.16 -18.15 -27.10
CA ASN F 179 17.30 -19.58 -26.77
C ASN F 179 16.49 -20.53 -27.60
N ARG F 180 15.85 -19.96 -28.62
CA ARG F 180 15.14 -20.77 -29.58
C ARG F 180 16.08 -21.49 -30.54
N SER F 181 17.31 -21.01 -30.65
CA SER F 181 18.34 -21.66 -31.48
C SER F 181 18.99 -22.80 -30.71
N PHE F 182 19.26 -23.89 -31.41
CA PHE F 182 19.95 -25.03 -30.80
C PHE F 182 21.34 -24.67 -30.29
N HIS F 183 22.09 -23.91 -31.09
CA HIS F 183 23.55 -23.85 -30.91
C HIS F 183 24.17 -22.83 -31.85
N ARG F 184 25.38 -22.41 -31.53
CA ARG F 184 26.16 -21.53 -32.39
C ARG F 184 26.65 -22.22 -33.68
N ASN F 185 26.93 -23.50 -33.59
CA ASN F 185 27.73 -24.21 -34.57
C ASN F 185 26.82 -24.88 -35.58
N PRO F 186 27.01 -24.58 -36.87
CA PRO F 186 26.11 -25.12 -37.89
C PRO F 186 26.00 -26.63 -37.89
N GLU F 187 27.10 -27.32 -37.59
CA GLU F 187 27.06 -28.76 -37.55
C GLU F 187 26.15 -29.23 -36.45
N ALA F 188 26.26 -28.63 -35.27
CA ALA F 188 25.42 -29.00 -34.15
C ALA F 188 23.94 -28.71 -34.48
N VAL F 189 23.68 -27.56 -35.09
CA VAL F 189 22.32 -27.19 -35.42
C VAL F 189 21.74 -28.18 -36.42
N ALA F 190 22.49 -28.48 -37.46
CA ALA F 190 22.02 -29.41 -38.49
C ALA F 190 21.73 -30.78 -37.88
N ARG F 191 22.65 -31.28 -37.07
CA ARG F 191 22.49 -32.64 -36.56
C ARG F 191 21.39 -32.72 -35.52
N LEU F 192 21.28 -31.70 -34.66
CA LEU F 192 20.20 -31.71 -33.67
C LEU F 192 18.86 -31.55 -34.37
N ALA F 193 18.80 -30.71 -35.39
CA ALA F 193 17.58 -30.54 -36.18
C ALA F 193 17.14 -31.84 -36.86
N LEU F 194 18.08 -32.54 -37.50
CA LEU F 194 17.77 -33.83 -38.13
C LEU F 194 17.27 -34.84 -37.13
N ALA F 195 17.88 -34.87 -35.95
CA ALA F 195 17.44 -35.79 -34.92
C ALA F 195 16.05 -35.41 -34.44
N LEU F 196 15.78 -34.11 -34.27
CA LEU F 196 14.45 -33.68 -33.88
C LEU F 196 13.44 -34.07 -34.95
N GLN F 197 13.81 -33.85 -36.19
CA GLN F 197 12.94 -34.18 -37.31
C GLN F 197 12.50 -35.66 -37.30
N LYS F 198 13.43 -36.56 -37.02
CA LYS F 198 13.08 -37.98 -36.98
C LYS F 198 12.08 -38.22 -35.89
N GLY F 199 12.28 -37.56 -34.75
CA GLY F 199 11.34 -37.68 -33.65
C GLY F 199 9.96 -37.18 -34.05
N LEU F 200 9.91 -36.03 -34.71
CA LEU F 200 8.65 -35.45 -35.18
C LEU F 200 7.90 -36.43 -36.08
N ALA F 201 8.63 -37.06 -37.01
CA ALA F 201 8.04 -38.02 -37.94
C ALA F 201 7.47 -39.23 -37.19
N LYS F 202 8.15 -39.68 -36.14
CA LYS F 202 7.59 -40.75 -35.31
C LYS F 202 6.25 -40.32 -34.70
N GLY F 203 6.14 -39.05 -34.34
CA GLY F 203 4.88 -38.51 -33.83
C GLY F 203 3.85 -38.09 -34.88
N GLY F 204 4.13 -38.37 -36.16
CA GLY F 204 3.19 -38.13 -37.25
C GLY F 204 3.44 -36.89 -38.06
N MET F 205 4.49 -36.14 -37.73
CA MET F 205 4.63 -34.79 -38.29
C MET F 205 5.86 -34.57 -39.14
N LYS F 206 5.70 -33.71 -40.14
CA LYS F 206 6.82 -33.16 -40.87
C LYS F 206 7.42 -31.98 -40.13
N SER F 207 8.44 -31.37 -40.70
CA SER F 207 9.15 -30.27 -40.09
C SER F 207 9.04 -28.99 -40.92
N CYS F 208 9.25 -27.85 -40.26
CA CYS F 208 9.29 -26.55 -40.91
C CYS F 208 10.49 -25.77 -40.38
N GLY F 209 11.50 -25.59 -41.21
CA GLY F 209 12.72 -24.90 -40.81
C GLY F 209 12.54 -23.38 -40.79
N LYS F 210 13.09 -22.73 -39.80
CA LYS F 210 12.96 -21.26 -39.64
C LYS F 210 14.31 -20.68 -39.25
N HIS F 211 14.69 -19.48 -39.70
CA HIS F 211 13.98 -18.62 -40.62
C HIS F 211 14.93 -18.39 -41.79
N PHE F 212 14.58 -18.95 -42.94
CA PHE F 212 15.45 -18.98 -44.11
C PHE F 212 15.77 -17.58 -44.62
N PRO F 213 17.05 -17.30 -44.94
CA PRO F 213 18.25 -18.13 -44.95
C PRO F 213 19.10 -18.10 -43.65
N GLY F 214 18.57 -17.54 -42.58
CA GLY F 214 19.26 -17.49 -41.31
C GLY F 214 19.12 -16.18 -40.59
N HIS F 215 18.44 -16.23 -39.45
CA HIS F 215 18.08 -15.04 -38.68
C HIS F 215 19.06 -14.79 -37.52
N GLY F 216 20.02 -15.70 -37.35
CA GLY F 216 20.87 -15.70 -36.15
C GLY F 216 21.87 -14.57 -35.98
N PHE F 217 22.28 -13.93 -37.08
CA PHE F 217 23.40 -12.98 -37.04
C PHE F 217 22.98 -11.55 -36.79
N VAL F 218 21.80 -11.18 -37.25
CA VAL F 218 21.31 -9.81 -37.04
C VAL F 218 21.02 -9.60 -35.57
N GLU F 219 20.96 -8.33 -35.18
CA GLU F 219 20.44 -7.95 -33.90
C GLU F 219 18.94 -7.73 -34.04
N GLY F 220 18.18 -8.17 -33.05
CA GLY F 220 16.72 -8.16 -33.15
C GLY F 220 16.11 -8.13 -31.79
N ASP F 221 15.82 -6.91 -31.35
CA ASP F 221 15.27 -6.65 -30.02
C ASP F 221 14.33 -5.45 -30.14
N SER F 222 13.20 -5.61 -30.86
CA SER F 222 12.57 -6.89 -31.25
C SER F 222 12.06 -6.94 -32.70
N HIS F 223 10.75 -6.81 -32.93
CA HIS F 223 10.13 -7.35 -34.18
C HIS F 223 9.90 -6.41 -35.34
N LEU F 224 9.58 -5.14 -35.10
CA LEU F 224 8.95 -4.31 -36.13
C LEU F 224 9.98 -3.27 -36.63
N VAL F 225 11.25 -3.64 -36.57
CA VAL F 225 12.26 -3.06 -37.46
C VAL F 225 12.55 -4.15 -38.48
N LEU F 226 13.18 -3.74 -39.59
CA LEU F 226 13.66 -4.66 -40.60
C LEU F 226 15.21 -4.75 -40.51
N PRO F 227 15.73 -5.79 -39.84
CA PRO F 227 17.19 -5.83 -39.65
C PRO F 227 17.93 -6.10 -40.93
N GLU F 228 19.21 -5.78 -40.92
CA GLU F 228 20.07 -5.91 -42.06
C GLU F 228 21.27 -6.81 -41.71
N ASP F 229 21.47 -7.86 -42.50
CA ASP F 229 22.58 -8.78 -42.32
C ASP F 229 23.53 -8.47 -43.46
N GLY F 230 24.67 -7.87 -43.13
CA GLY F 230 25.58 -7.32 -44.14
C GLY F 230 26.53 -8.34 -44.75
N ARG F 231 26.38 -9.62 -44.41
CA ARG F 231 27.35 -10.62 -44.84
C ARG F 231 27.16 -11.04 -46.32
N SER F 232 28.21 -11.66 -46.85
CA SER F 232 28.22 -12.13 -48.23
C SER F 232 27.55 -13.50 -48.30
N LEU F 233 27.13 -13.88 -49.50
CA LEU F 233 26.53 -15.19 -49.73
C LEU F 233 27.47 -16.33 -49.33
N ASP F 234 28.76 -16.18 -49.63
CA ASP F 234 29.76 -17.18 -49.23
C ASP F 234 29.79 -17.37 -47.71
N GLU F 235 29.72 -16.27 -46.96
CA GLU F 235 29.71 -16.35 -45.51
C GLU F 235 28.48 -17.13 -45.02
N LEU F 236 27.33 -16.86 -45.62
CA LEU F 236 26.13 -17.61 -45.28
C LEU F 236 26.20 -19.07 -45.68
N GLU F 237 26.79 -19.36 -46.83
CA GLU F 237 26.94 -20.75 -47.29
C GLU F 237 27.87 -21.54 -46.38
N ALA F 238 28.87 -20.88 -45.81
CA ALA F 238 29.81 -21.56 -44.92
C ALA F 238 29.19 -21.87 -43.56
N ALA F 239 28.05 -21.27 -43.22
CA ALA F 239 27.46 -21.45 -41.90
C ALA F 239 25.92 -21.50 -41.89
N ASP F 240 25.27 -20.33 -41.90
CA ASP F 240 23.83 -20.24 -41.63
C ASP F 240 22.97 -21.07 -42.60
N LEU F 241 23.37 -21.12 -43.88
CA LEU F 241 22.61 -21.87 -44.86
C LEU F 241 22.74 -23.38 -44.76
N ALA F 242 23.80 -23.87 -44.15
CA ALA F 242 24.09 -25.31 -44.21
C ALA F 242 22.99 -26.16 -43.57
N PRO F 243 22.47 -25.74 -42.41
CA PRO F 243 21.37 -26.55 -41.84
C PRO F 243 20.13 -26.61 -42.74
N PHE F 244 19.86 -25.50 -43.44
CA PHE F 244 18.73 -25.48 -44.38
C PHE F 244 18.95 -26.45 -45.55
N ARG F 245 20.15 -26.44 -46.14
CA ARG F 245 20.50 -27.40 -47.20
C ARG F 245 20.31 -28.83 -46.76
N ILE F 246 20.89 -29.14 -45.60
CA ILE F 246 20.87 -30.50 -45.09
C ILE F 246 19.44 -30.96 -44.76
N MET F 247 18.66 -30.09 -44.11
CA MET F 247 17.29 -30.44 -43.78
C MET F 247 16.43 -30.63 -45.03
N SER F 248 16.68 -29.78 -46.02
CA SER F 248 15.97 -29.87 -47.29
C SER F 248 16.23 -31.23 -47.95
N ARG F 249 17.51 -31.61 -48.02
CA ARG F 249 17.90 -32.89 -48.56
C ARG F 249 17.20 -34.04 -47.82
N GLU F 250 17.05 -33.90 -46.50
CA GLU F 250 16.44 -34.97 -45.70
C GLU F 250 14.93 -34.86 -45.50
N GLY F 251 14.25 -34.10 -46.37
CA GLY F 251 12.79 -34.16 -46.46
C GLY F 251 11.99 -33.12 -45.69
N MET F 252 12.63 -32.04 -45.23
CA MET F 252 11.94 -30.95 -44.55
C MET F 252 10.74 -30.51 -45.40
N ALA F 253 9.58 -30.34 -44.79
CA ALA F 253 8.33 -30.05 -45.52
C ALA F 253 8.13 -28.60 -45.86
N ALA F 254 8.70 -27.71 -45.07
CA ALA F 254 8.44 -26.30 -45.25
C ALA F 254 9.55 -25.43 -44.69
N VAL F 255 9.53 -24.16 -45.09
CA VAL F 255 10.36 -23.11 -44.51
C VAL F 255 9.53 -21.88 -44.25
N MET F 256 9.94 -21.17 -43.21
CA MET F 256 9.47 -19.85 -42.91
C MET F 256 10.67 -18.93 -43.21
N PRO F 257 10.46 -17.83 -43.95
CA PRO F 257 11.56 -16.94 -44.32
C PRO F 257 11.84 -15.91 -43.24
N ALA F 258 13.07 -15.44 -43.17
CA ALA F 258 13.45 -14.38 -42.23
C ALA F 258 12.99 -13.03 -42.76
N HIS F 259 12.45 -12.19 -41.88
CA HIS F 259 12.15 -10.81 -42.23
C HIS F 259 13.43 -10.03 -42.00
N VAL F 260 14.35 -10.20 -42.95
CA VAL F 260 15.68 -9.67 -42.86
C VAL F 260 16.14 -9.38 -44.27
N VAL F 261 16.86 -8.27 -44.43
CA VAL F 261 17.47 -7.92 -45.72
C VAL F 261 18.93 -8.31 -45.66
N TYR F 262 19.40 -8.92 -46.74
CA TYR F 262 20.80 -9.30 -46.89
C TYR F 262 21.30 -8.56 -48.13
N PRO F 263 21.70 -7.27 -47.97
CA PRO F 263 21.99 -6.40 -49.11
C PRO F 263 23.02 -6.89 -50.12
N GLN F 264 24.00 -7.69 -49.70
CA GLN F 264 24.98 -8.22 -50.66
C GLN F 264 24.36 -9.24 -51.63
N VAL F 265 23.16 -9.74 -51.31
CA VAL F 265 22.48 -10.71 -52.15
C VAL F 265 21.24 -10.11 -52.81
N ASP F 266 20.47 -9.32 -52.07
CA ASP F 266 19.29 -8.68 -52.62
C ASP F 266 18.87 -7.54 -51.69
N THR F 267 18.29 -6.49 -52.27
CA THR F 267 17.81 -5.35 -51.51
C THR F 267 16.46 -5.64 -50.84
N LYS F 268 15.83 -6.73 -51.25
CA LYS F 268 14.55 -7.12 -50.68
C LYS F 268 14.71 -8.10 -49.54
N PRO F 269 13.82 -8.02 -48.53
CA PRO F 269 13.80 -9.05 -47.50
C PRO F 269 13.57 -10.41 -48.13
N ALA F 270 14.09 -11.45 -47.48
CA ALA F 270 14.10 -12.80 -48.04
C ALA F 270 12.72 -13.29 -48.47
N GLY F 271 11.72 -13.02 -47.66
CA GLY F 271 10.35 -13.47 -47.96
C GLY F 271 9.71 -12.83 -49.18
N PHE F 272 10.36 -11.80 -49.72
CA PHE F 272 9.88 -11.09 -50.89
C PHE F 272 10.92 -11.09 -52.00
N SER F 273 11.89 -11.99 -51.93
CA SER F 273 13.01 -11.98 -52.85
C SER F 273 13.05 -13.23 -53.76
N GLU F 274 12.89 -13.00 -55.06
CA GLU F 274 13.03 -14.05 -56.07
C GLU F 274 14.40 -14.68 -56.01
N ILE F 275 15.41 -13.87 -55.72
CA ILE F 275 16.77 -14.37 -55.63
C ILE F 275 16.86 -15.41 -54.51
N TRP F 276 16.37 -15.06 -53.33
CA TRP F 276 16.45 -15.97 -52.18
C TRP F 276 15.59 -17.21 -52.39
N LEU F 277 14.37 -17.00 -52.84
CA LEU F 277 13.40 -18.08 -52.85
C LEU F 277 13.46 -18.94 -54.11
N LYS F 278 13.61 -18.33 -55.28
CA LYS F 278 13.64 -19.10 -56.52
C LYS F 278 15.05 -19.50 -56.92
N GLN F 279 15.95 -18.53 -56.96
CA GLN F 279 17.31 -18.82 -57.42
C GLN F 279 18.09 -19.62 -56.41
N ILE F 280 18.04 -19.22 -55.13
CA ILE F 280 18.83 -19.90 -54.12
C ILE F 280 18.10 -21.11 -53.51
N LEU F 281 16.91 -20.91 -52.95
CA LEU F 281 16.22 -22.02 -52.28
C LEU F 281 15.71 -23.11 -53.24
N ARG F 282 15.00 -22.73 -54.30
CA ARG F 282 14.46 -23.72 -55.26
C ARG F 282 15.56 -24.32 -56.14
N ARG F 283 16.24 -23.46 -56.89
CA ARG F 283 17.18 -23.90 -57.91
C ARG F 283 18.46 -24.47 -57.33
N ASP F 284 19.13 -23.68 -56.51
CA ASP F 284 20.45 -24.05 -56.01
C ASP F 284 20.37 -25.14 -54.93
N ILE F 285 19.46 -24.99 -53.97
CA ILE F 285 19.32 -25.95 -52.89
C ILE F 285 18.46 -27.15 -53.28
N GLY F 286 17.52 -26.94 -54.21
CA GLY F 286 16.65 -28.02 -54.67
C GLY F 286 15.43 -28.31 -53.79
N PHE F 287 15.01 -27.32 -52.99
CA PHE F 287 13.92 -27.52 -52.04
C PHE F 287 12.59 -27.59 -52.75
N LYS F 288 11.79 -28.60 -52.46
CA LYS F 288 10.50 -28.85 -53.13
C LYS F 288 9.27 -28.63 -52.25
N GLY F 289 9.49 -28.26 -51.00
CA GLY F 289 8.40 -28.14 -50.04
C GLY F 289 7.74 -26.77 -50.09
N VAL F 290 6.97 -26.50 -49.06
CA VAL F 290 6.26 -25.24 -48.92
C VAL F 290 7.22 -24.12 -48.53
N ILE F 291 7.08 -22.99 -49.23
CA ILE F 291 7.64 -21.75 -48.76
C ILE F 291 6.48 -20.89 -48.25
N PHE F 292 6.44 -20.69 -46.93
CA PHE F 292 5.47 -19.77 -46.34
C PHE F 292 5.92 -18.34 -46.53
N SER F 293 4.99 -17.40 -46.53
CA SER F 293 5.32 -15.98 -46.63
C SER F 293 5.70 -15.43 -45.24
N ASP F 294 6.19 -14.19 -45.21
CA ASP F 294 6.19 -13.39 -43.96
C ASP F 294 4.73 -13.28 -43.44
N ASP F 295 4.52 -12.74 -42.23
CA ASP F 295 3.15 -12.43 -41.78
C ASP F 295 2.93 -11.14 -42.54
N LEU F 296 1.92 -11.15 -43.40
CA LEU F 296 1.71 -10.05 -44.32
C LEU F 296 1.02 -8.85 -43.66
N THR F 297 0.51 -9.03 -42.43
CA THR F 297 -0.17 -7.92 -41.73
C THR F 297 0.60 -6.55 -41.65
N MET F 298 1.92 -6.54 -41.69
CA MET F 298 2.74 -5.29 -41.78
C MET F 298 2.09 -4.17 -42.60
N ALA F 304 2.16 1.34 -50.66
CA ALA F 304 1.19 1.38 -51.75
C ALA F 304 0.61 -0.02 -52.04
N GLY F 305 -0.71 -0.07 -52.20
CA GLY F 305 -1.41 -1.36 -52.32
C GLY F 305 -1.54 -1.98 -50.94
N GLY F 306 -2.68 -2.63 -50.67
CA GLY F 306 -2.96 -3.21 -49.35
C GLY F 306 -2.52 -4.68 -49.27
N ILE F 307 -3.35 -5.45 -48.58
CA ILE F 307 -3.09 -6.87 -48.41
C ILE F 307 -3.01 -7.61 -49.75
N LYS F 308 -3.91 -7.28 -50.69
CA LYS F 308 -3.92 -7.94 -52.01
C LYS F 308 -2.58 -7.78 -52.71
N GLU F 309 -2.03 -6.57 -52.64
CA GLU F 309 -0.77 -6.28 -53.29
C GLU F 309 0.38 -6.97 -52.55
N ARG F 310 0.34 -6.95 -51.23
CA ARG F 310 1.35 -7.61 -50.44
C ARG F 310 1.38 -9.14 -50.72
N ALA F 311 0.21 -9.75 -50.82
CA ALA F 311 0.11 -11.17 -51.16
C ALA F 311 0.63 -11.43 -52.55
N ARG F 312 0.22 -10.58 -53.50
CA ARG F 312 0.70 -10.69 -54.89
C ARG F 312 2.23 -10.73 -54.98
N ILE F 313 2.91 -9.83 -54.29
CA ILE F 313 4.36 -9.79 -54.42
C ILE F 313 4.99 -10.99 -53.71
N SER F 314 4.32 -11.51 -52.68
CA SER F 314 4.77 -12.72 -52.00
C SER F 314 4.76 -13.90 -52.96
N PHE F 315 3.61 -14.10 -53.61
CA PHE F 315 3.46 -15.21 -54.55
C PHE F 315 4.44 -15.09 -55.71
N GLU F 316 4.58 -13.87 -56.23
CA GLU F 316 5.51 -13.58 -57.31
C GLU F 316 6.97 -13.85 -56.89
N ALA F 317 7.31 -13.61 -55.63
CA ALA F 317 8.66 -13.88 -55.14
C ALA F 317 8.98 -15.38 -55.03
N GLY F 318 7.95 -16.22 -54.95
CA GLY F 318 8.14 -17.67 -54.82
C GLY F 318 7.43 -18.34 -53.65
N CYS F 319 6.69 -17.60 -52.82
CA CYS F 319 5.94 -18.21 -51.73
C CYS F 319 4.78 -19.05 -52.28
N ASP F 320 4.52 -20.17 -51.64
CA ASP F 320 3.37 -21.00 -51.95
C ASP F 320 2.12 -20.54 -51.21
N ILE F 321 2.30 -20.23 -49.93
CA ILE F 321 1.19 -20.02 -49.02
C ILE F 321 1.47 -18.75 -48.24
N VAL F 322 0.50 -17.85 -48.18
CA VAL F 322 0.65 -16.63 -47.41
C VAL F 322 -0.05 -16.74 -46.07
N LEU F 323 0.62 -16.24 -45.03
CA LEU F 323 0.10 -16.24 -43.66
C LEU F 323 -0.49 -14.88 -43.37
N VAL F 324 -1.70 -14.88 -42.85
CA VAL F 324 -2.35 -13.66 -42.46
C VAL F 324 -2.94 -13.95 -41.08
N CYS F 325 -2.24 -13.52 -40.04
CA CYS F 325 -2.62 -13.79 -38.66
C CYS F 325 -3.22 -12.57 -37.94
N ASN F 326 -4.10 -12.83 -36.98
CA ASN F 326 -4.66 -11.80 -36.10
C ASN F 326 -5.47 -10.73 -36.79
N ARG F 327 -5.85 -10.96 -38.04
CA ARG F 327 -6.48 -9.93 -38.85
C ARG F 327 -7.50 -10.56 -39.79
N PRO F 328 -8.61 -11.07 -39.23
CA PRO F 328 -9.65 -11.62 -40.07
C PRO F 328 -10.22 -10.60 -41.07
N ASP F 329 -10.17 -9.31 -40.72
CA ASP F 329 -10.57 -8.25 -41.65
C ASP F 329 -9.73 -8.27 -42.92
N LEU F 330 -8.41 -8.45 -42.76
CA LEU F 330 -7.52 -8.50 -43.91
C LEU F 330 -7.65 -9.78 -44.70
N VAL F 331 -7.99 -10.87 -44.01
CA VAL F 331 -8.29 -12.11 -44.71
C VAL F 331 -9.56 -11.91 -45.56
N ASP F 332 -10.56 -11.25 -44.99
CA ASP F 332 -11.81 -10.98 -45.72
C ASP F 332 -11.58 -10.08 -46.91
N GLU F 333 -10.74 -9.06 -46.74
CA GLU F 333 -10.39 -8.18 -47.83
C GLU F 333 -9.63 -8.93 -48.92
N LEU F 334 -8.67 -9.77 -48.51
CA LEU F 334 -7.87 -10.53 -49.46
C LEU F 334 -8.71 -11.49 -50.30
N ARG F 335 -9.59 -12.24 -49.63
CA ARG F 335 -10.31 -13.32 -50.29
C ARG F 335 -11.40 -12.86 -51.25
N ASP F 336 -11.92 -11.65 -51.03
CA ASP F 336 -13.01 -11.12 -51.85
C ASP F 336 -12.52 -10.79 -53.26
N GLY F 337 -12.99 -11.57 -54.24
CA GLY F 337 -12.54 -11.44 -55.62
C GLY F 337 -11.12 -11.95 -55.84
N PHE F 338 -10.65 -12.80 -54.94
CA PHE F 338 -9.29 -13.32 -55.00
C PHE F 338 -9.14 -14.31 -56.13
N THR F 339 -8.10 -14.14 -56.93
CA THR F 339 -7.74 -15.08 -57.96
C THR F 339 -6.62 -15.96 -57.45
N ILE F 340 -6.88 -17.26 -57.34
CA ILE F 340 -5.89 -18.23 -56.89
C ILE F 340 -4.77 -18.33 -57.92
N PRO F 341 -3.54 -17.94 -57.54
CA PRO F 341 -2.45 -18.00 -58.52
C PRO F 341 -2.19 -19.42 -58.97
N ASP F 342 -1.72 -19.57 -60.20
CA ASP F 342 -1.48 -20.87 -60.74
C ASP F 342 -0.25 -21.50 -60.05
N ASN F 343 -0.46 -22.64 -59.41
CA ASN F 343 0.59 -23.34 -58.73
C ASN F 343 0.23 -24.81 -58.74
N GLN F 344 0.75 -25.53 -59.72
CA GLN F 344 0.45 -26.95 -59.87
C GLN F 344 1.01 -27.80 -58.74
N ASP F 345 2.00 -27.27 -58.01
CA ASP F 345 2.61 -28.00 -56.90
C ASP F 345 1.92 -27.79 -55.56
N LEU F 346 1.00 -26.85 -55.48
CA LEU F 346 0.41 -26.45 -54.20
C LEU F 346 -0.27 -27.61 -53.50
N ALA F 347 -1.11 -28.34 -54.23
CA ALA F 347 -1.88 -29.45 -53.65
C ALA F 347 -0.99 -30.49 -52.98
N GLY F 348 0.08 -30.86 -53.67
CA GLY F 348 1.03 -31.84 -53.14
C GLY F 348 1.84 -31.29 -51.97
N ARG F 349 2.20 -30.02 -52.04
CA ARG F 349 2.94 -29.37 -50.95
C ARG F 349 2.13 -29.29 -49.67
N TRP F 350 0.83 -28.98 -49.77
CA TRP F 350 -0.05 -29.05 -48.59
C TRP F 350 -0.13 -30.48 -48.10
N GLN F 351 -0.35 -31.42 -49.01
CA GLN F 351 -0.69 -32.79 -48.61
C GLN F 351 0.48 -33.48 -47.93
N TYR F 352 1.68 -33.19 -48.38
CA TYR F 352 2.90 -33.68 -47.72
C TYR F 352 2.93 -33.34 -46.21
N MET F 353 2.28 -32.23 -45.83
CA MET F 353 2.23 -31.79 -44.43
C MET F 353 1.10 -32.42 -43.61
N GLU F 354 0.21 -33.19 -44.24
CA GLU F 354 -0.88 -33.80 -43.47
C GLU F 354 -0.29 -34.72 -42.42
N ASN F 355 -0.90 -34.78 -41.24
CA ASN F 355 -0.45 -35.70 -40.21
C ASN F 355 -0.54 -37.13 -40.73
N SER F 356 0.48 -37.93 -40.45
CA SER F 356 0.57 -39.30 -40.96
C SER F 356 0.02 -40.36 -40.00
N LEU F 357 -0.35 -39.97 -38.78
CA LEU F 357 -0.94 -40.88 -37.79
C LEU F 357 -2.44 -40.67 -37.63
N GLY F 358 -3.18 -41.76 -37.64
CA GLY F 358 -4.60 -41.74 -37.31
C GLY F 358 -4.80 -41.56 -35.81
N HIS F 359 -5.98 -41.11 -35.43
CA HIS F 359 -6.31 -40.80 -34.05
C HIS F 359 -6.13 -42.00 -33.11
N GLU F 360 -6.63 -43.16 -33.54
CA GLU F 360 -6.54 -44.39 -32.75
C GLU F 360 -5.08 -44.81 -32.54
N ALA F 361 -4.30 -44.77 -33.61
CA ALA F 361 -2.88 -45.11 -33.54
C ALA F 361 -2.12 -44.26 -32.53
N VAL F 362 -2.48 -42.97 -32.43
CA VAL F 362 -1.84 -42.07 -31.47
C VAL F 362 -2.23 -42.42 -30.05
N GLN F 363 -3.52 -42.65 -29.80
CA GLN F 363 -3.97 -43.08 -28.47
C GLN F 363 -3.23 -44.34 -28.01
N ALA F 364 -3.04 -45.29 -28.92
CA ALA F 364 -2.37 -46.54 -28.59
C ALA F 364 -0.93 -46.26 -28.19
N VAL F 365 -0.22 -45.49 -29.02
CA VAL F 365 1.19 -45.16 -28.75
C VAL F 365 1.38 -44.50 -27.39
N MET F 366 0.45 -43.63 -27.04
CA MET F 366 0.56 -42.86 -25.80
C MET F 366 0.33 -43.69 -24.54
N GLN F 367 -0.34 -44.83 -24.68
CA GLN F 367 -0.50 -45.79 -23.58
C GLN F 367 0.75 -46.63 -23.32
N THR F 368 1.67 -46.68 -24.28
CA THR F 368 2.87 -47.50 -24.13
C THR F 368 3.80 -46.95 -23.05
N MET F 369 4.53 -47.87 -22.41
CA MET F 369 5.49 -47.54 -21.36
C MET F 369 6.69 -46.75 -21.96
N GLY F 370 7.08 -47.10 -23.18
CA GLY F 370 8.15 -46.38 -23.90
C GLY F 370 7.86 -44.90 -24.13
N PHE F 371 6.63 -44.59 -24.56
CA PHE F 371 6.25 -43.21 -24.82
C PHE F 371 6.15 -42.45 -23.52
N GLN F 372 5.57 -43.08 -22.50
CA GLN F 372 5.44 -42.41 -21.19
C GLN F 372 6.80 -42.12 -20.59
N ALA F 373 7.77 -42.99 -20.84
CA ALA F 373 9.15 -42.73 -20.42
C ALA F 373 9.74 -41.54 -21.17
N ALA F 374 9.51 -41.48 -22.48
CA ALA F 374 9.92 -40.32 -23.27
C ALA F 374 9.32 -39.04 -22.66
N GLN F 375 8.03 -39.08 -22.34
CA GLN F 375 7.39 -37.93 -21.72
C GLN F 375 8.14 -37.47 -20.49
N ALA F 376 8.42 -38.41 -19.59
CA ALA F 376 9.10 -38.06 -18.32
C ALA F 376 10.54 -37.55 -18.56
N PHE F 377 11.24 -38.15 -19.51
CA PHE F 377 12.57 -37.65 -19.88
C PHE F 377 12.52 -36.18 -20.38
N VAL F 378 11.60 -35.91 -21.29
CA VAL F 378 11.45 -34.55 -21.85
C VAL F 378 11.01 -33.55 -20.77
N ALA F 379 10.03 -33.94 -19.95
CA ALA F 379 9.62 -33.14 -18.80
C ALA F 379 10.81 -32.76 -17.91
N GLY F 380 11.72 -33.70 -17.70
CA GLY F 380 12.90 -33.48 -16.88
C GLY F 380 13.89 -32.50 -17.47
N LEU F 381 14.02 -32.48 -18.79
CA LEU F 381 14.84 -31.47 -19.46
C LEU F 381 14.27 -30.07 -19.27
N ALA F 382 12.94 -29.95 -19.26
CA ALA F 382 12.29 -28.65 -19.04
C ALA F 382 12.35 -28.14 -17.58
N SER F 383 12.64 -29.02 -16.63
CA SER F 383 12.85 -28.72 -15.17
C SER F 383 12.13 -27.49 -14.60
#